data_6W9U
#
_entry.id   6W9U
#
_cell.length_a   218.317
_cell.length_b   70.788
_cell.length_c   142.983
_cell.angle_alpha   90.000
_cell.angle_beta   104.592
_cell.angle_gamma   90.000
#
_symmetry.space_group_name_H-M   'C 1 2 1'
#
loop_
_entity.id
_entity.type
_entity.pdbx_description
1 polymer 'Major histocompatibility complex class I-related gene protein'
2 polymer Beta-2-microglobulin
3 polymer 'TCR-alpha chain'
4 polymer 'TCR-beta chain'
5 non-polymer 1-[[6-(1-$l^{1}-oxidanylethyl)-4-$l^{3}-oxidanylidene-2,3,6,8~{a}-tetrahydropteridin-2-yl]-$l^{2}-azanyl]ethanone
6 non-polymer GLYCEROL
7 non-polymer 'CHLORIDE ION'
8 water water
#
loop_
_entity_poly.entity_id
_entity_poly.type
_entity_poly.pdbx_seq_one_letter_code
_entity_poly.pdbx_strand_id
1 'polypeptide(L)'
;MRTHSLRYFHLGVSDPIHGVPEFISVGYVDSHPITTYDSVTRQKEPRAPWMAENLAPDHWERYTQLLRGWQQMFKVELKR
LQRHYNHSGSHTYQRMIGCELLEDGSTTGFLQYAYDGQDFLIFNKDTLSWLAVDNVAHTIKQAWEANQHELLYQKNWLEE
ECIAWLKRFLEYGKDTLQRTEPPLVRVNRKETFPGVTALFCKAHGFYPPEIYMTWMKNGEEIVQEIDYGDILPSGDGTYQ
AWASIELDPQSSNLYSCHVEHSGVHMVLQVP
;
A,C
2 'polypeptide(L)'
;MIQRTPKIQVYSRHPAENGKSNFLNCYVSGFHPSDIEVDLLKNGERIEKVEHSDLSFSKDWSFYLLYYTEFTPTEKDEYA
CRVNHVTLSQPKIVKWDRDM
;
B,F
3 'polypeptide(L)'
;MGQNIDQPTEMTATEGAIVQINCTYQTSGFNGLFWYQQHAGEAPTFLSYNVLDGLEEKGRFSSFLSRSKGYSYLLLKELQ
MKDSASYLCAVKDSNYQLIWGAGTKLIIKPDIQNPDPAVYQLRDSKSSDKSVCLFTDFDSQTNVSQSKDSDVYITDKCVL
DMRSMDFKSNSAVAWSNKSDFACANAFNNSIIPEDTFFPSPESS
;
D,G
4 'polypeptide(L)'
;MNAGVTQTPKFQVLKTGQSMTLQCAQDMNHNSMYWYRQDPGMGLRLIYYSASEGTTDKGEVPNGYNVSRLNKREFSLRLE
SAAPSQTSVYFCASSVWTGEGSGELFFGEGSRLTVLEDLKNVFPPEVAVFEPSEAEISHTQKATLVCLATGFYPDHVELS
WWVNGKEVHSGVCTDPQPLKEQPALNDSRYALSSRLRVSATFWQNPRNHFRCQVQFYGLSENDEWTQDRAKPVTQIVSAE
AWGRAD
;
E,H
#
loop_
_chem_comp.id
_chem_comp.type
_chem_comp.name
_chem_comp.formula
CL non-polymer 'CHLORIDE ION' 'Cl -1'
GOL non-polymer GLYCEROL 'C3 H8 O3'
TKG non-polymer 1-[[6-(1-$l^{1}-oxidanylethyl)-4-$l^{3}-oxidanylidene-2,3,6,8~{a}-tetrahydropteridin-2-yl]-$l^{2}-azanyl]ethanone 'C10 H9 N5 O3'
#
# COMPACT_ATOMS: atom_id res chain seq x y z
N MET A 1 -25.47 -3.46 -61.34
CA MET A 1 -26.12 -2.94 -60.15
C MET A 1 -26.58 -1.51 -60.41
N ARG A 2 -27.83 -1.18 -60.04
CA ARG A 2 -28.22 0.22 -60.14
C ARG A 2 -27.66 0.97 -58.93
N THR A 3 -27.96 2.27 -58.86
CA THR A 3 -27.49 3.10 -57.75
C THR A 3 -28.11 2.68 -56.42
N HIS A 4 -27.30 2.73 -55.36
CA HIS A 4 -27.75 2.37 -54.02
C HIS A 4 -27.11 3.35 -53.04
N SER A 5 -27.75 3.52 -51.89
CA SER A 5 -27.20 4.44 -50.88
C SER A 5 -27.40 3.88 -49.48
N LEU A 6 -26.58 4.39 -48.58
CA LEU A 6 -26.66 4.12 -47.16
C LEU A 6 -26.72 5.48 -46.48
N ARG A 7 -27.68 5.70 -45.59
CA ARG A 7 -27.76 6.94 -44.82
CA ARG A 7 -27.57 6.89 -44.77
C ARG A 7 -28.13 6.65 -43.37
N TYR A 8 -27.56 7.42 -42.43
CA TYR A 8 -28.01 7.44 -41.04
C TYR A 8 -28.49 8.84 -40.70
N PHE A 9 -29.69 8.93 -40.13
CA PHE A 9 -30.27 10.19 -39.67
C PHE A 9 -30.35 10.23 -38.15
N HIS A 10 -30.05 11.39 -37.56
CA HIS A 10 -30.35 11.64 -36.16
C HIS A 10 -31.43 12.72 -36.09
N LEU A 11 -32.30 12.60 -35.11
CA LEU A 11 -33.22 13.68 -34.74
C LEU A 11 -33.13 13.90 -33.24
N GLY A 12 -32.89 15.15 -32.84
CA GLY A 12 -32.98 15.55 -31.45
C GLY A 12 -34.06 16.62 -31.31
N VAL A 13 -34.79 16.56 -30.20
CA VAL A 13 -35.89 17.49 -29.93
C VAL A 13 -35.67 18.08 -28.52
N SER A 14 -35.72 19.41 -28.40
CA SER A 14 -35.22 20.01 -27.16
C SER A 14 -36.24 19.97 -26.02
N ASP A 15 -37.52 19.96 -26.31
CA ASP A 15 -38.53 19.96 -25.25
C ASP A 15 -39.70 19.08 -25.68
N PRO A 16 -39.47 17.77 -25.80
CA PRO A 16 -40.51 16.91 -26.38
C PRO A 16 -41.71 16.72 -25.47
N ILE A 17 -42.88 16.54 -26.11
CA ILE A 17 -44.08 16.14 -25.40
C ILE A 17 -43.85 14.80 -24.69
N HIS A 18 -44.59 14.59 -23.60
CA HIS A 18 -44.47 13.39 -22.76
C HIS A 18 -44.50 12.11 -23.59
N GLY A 19 -43.53 11.22 -23.32
CA GLY A 19 -43.41 9.95 -23.99
C GLY A 19 -42.71 9.98 -25.32
N VAL A 20 -42.58 11.13 -25.94
CA VAL A 20 -41.96 11.25 -27.27
C VAL A 20 -40.44 11.32 -27.09
N PRO A 21 -39.66 10.55 -27.85
CA PRO A 21 -38.21 10.50 -27.58
C PRO A 21 -37.55 11.85 -27.83
N GLU A 22 -36.61 12.22 -26.95
CA GLU A 22 -35.80 13.38 -27.28
C GLU A 22 -34.76 13.08 -28.35
N PHE A 23 -34.51 11.81 -28.69
CA PHE A 23 -33.47 11.45 -29.64
C PHE A 23 -33.87 10.17 -30.36
N ILE A 24 -33.79 10.18 -31.69
CA ILE A 24 -34.06 9.02 -32.55
C ILE A 24 -32.93 8.94 -33.56
N SER A 25 -32.48 7.72 -33.89
CA SER A 25 -31.52 7.57 -34.99
C SER A 25 -31.92 6.38 -35.86
N VAL A 26 -32.00 6.59 -37.17
CA VAL A 26 -32.52 5.55 -38.10
C VAL A 26 -31.56 5.45 -39.29
N GLY A 27 -31.20 4.23 -39.65
CA GLY A 27 -30.44 3.98 -40.85
C GLY A 27 -31.32 3.47 -41.97
N TYR A 28 -30.92 3.79 -43.21
CA TYR A 28 -31.59 3.36 -44.43
C TYR A 28 -30.60 2.81 -45.45
N VAL A 29 -31.00 1.77 -46.17
CA VAL A 29 -30.37 1.42 -47.42
C VAL A 29 -31.42 1.62 -48.51
N ASP A 30 -31.15 2.57 -49.41
CA ASP A 30 -32.14 3.05 -50.39
C ASP A 30 -33.34 3.54 -49.59
N SER A 31 -34.54 3.09 -49.88
CA SER A 31 -35.75 3.47 -49.16
CA SER A 31 -35.71 3.52 -49.13
C SER A 31 -36.05 2.56 -47.97
N HIS A 32 -35.19 1.60 -47.66
CA HIS A 32 -35.53 0.58 -46.68
C HIS A 32 -34.92 0.93 -45.33
N PRO A 33 -35.70 1.14 -44.28
CA PRO A 33 -35.10 1.26 -42.94
C PRO A 33 -34.36 -0.03 -42.59
N ILE A 34 -33.18 0.11 -41.99
CA ILE A 34 -32.36 -1.04 -41.62
C ILE A 34 -32.13 -1.07 -40.11
N THR A 35 -32.13 0.09 -39.45
CA THR A 35 -31.75 0.16 -38.03
C THR A 35 -32.56 1.25 -37.34
N THR A 36 -32.74 1.09 -36.03
CA THR A 36 -33.40 2.14 -35.26
C THR A 36 -32.86 2.14 -33.83
N TYR A 37 -32.86 3.34 -33.25
CA TYR A 37 -32.41 3.58 -31.88
C TYR A 37 -33.23 4.77 -31.39
N ASP A 38 -33.62 4.77 -30.13
CA ASP A 38 -34.13 6.02 -29.57
C ASP A 38 -33.85 6.06 -28.07
N SER A 39 -34.08 7.25 -27.51
CA SER A 39 -33.76 7.50 -26.11
C SER A 39 -34.74 6.83 -25.14
N VAL A 40 -35.85 6.29 -25.63
CA VAL A 40 -36.77 5.55 -24.76
C VAL A 40 -36.30 4.12 -24.61
N THR A 41 -36.09 3.42 -25.73
CA THR A 41 -35.61 2.04 -25.69
C THR A 41 -34.15 1.96 -25.29
N ARG A 42 -33.35 2.96 -25.69
CA ARG A 42 -31.90 2.98 -25.48
CA ARG A 42 -31.90 2.97 -25.46
C ARG A 42 -31.22 1.73 -26.04
N GLN A 43 -31.84 1.12 -27.08
CA GLN A 43 -31.29 -0.05 -27.75
C GLN A 43 -31.27 0.18 -29.25
N LYS A 44 -30.18 -0.21 -29.90
CA LYS A 44 -30.18 -0.20 -31.35
C LYS A 44 -30.70 -1.54 -31.85
N GLU A 45 -31.65 -1.52 -32.78
CA GLU A 45 -32.27 -2.76 -33.21
C GLU A 45 -32.41 -2.78 -34.73
N PRO A 46 -32.41 -3.97 -35.34
CA PRO A 46 -32.66 -4.06 -36.79
C PRO A 46 -34.09 -3.68 -37.14
N ARG A 47 -34.25 -3.08 -38.33
CA ARG A 47 -35.57 -2.82 -38.90
C ARG A 47 -35.82 -3.60 -40.17
N ALA A 48 -34.86 -4.40 -40.62
CA ALA A 48 -35.08 -5.26 -41.78
C ALA A 48 -34.63 -6.66 -41.39
N PRO A 49 -35.36 -7.70 -41.80
CA PRO A 49 -34.99 -9.05 -41.36
C PRO A 49 -33.65 -9.51 -41.88
N TRP A 50 -33.25 -9.05 -43.07
CA TRP A 50 -31.94 -9.43 -43.57
C TRP A 50 -30.81 -8.73 -42.82
N MET A 51 -31.08 -7.68 -42.05
CA MET A 51 -30.06 -7.15 -41.14
C MET A 51 -29.98 -8.00 -39.89
N ALA A 52 -31.14 -8.37 -39.34
CA ALA A 52 -31.17 -9.18 -38.13
C ALA A 52 -30.46 -10.51 -38.35
N GLU A 53 -30.62 -11.07 -39.54
CA GLU A 53 -30.15 -12.40 -39.85
C GLU A 53 -28.66 -12.44 -40.11
N ASN A 54 -28.03 -11.30 -40.42
CA ASN A 54 -26.64 -11.33 -40.82
C ASN A 54 -25.70 -10.63 -39.85
N LEU A 55 -26.21 -9.95 -38.83
CA LEU A 55 -25.40 -9.23 -37.87
C LEU A 55 -25.63 -9.83 -36.49
N ALA A 56 -24.54 -10.27 -35.87
CA ALA A 56 -24.55 -10.98 -34.60
C ALA A 56 -24.87 -10.03 -33.45
N PRO A 57 -25.25 -10.58 -32.28
CA PRO A 57 -25.61 -9.70 -31.15
C PRO A 57 -24.52 -8.71 -30.76
N ASP A 58 -23.25 -9.03 -30.98
CA ASP A 58 -22.18 -8.11 -30.57
C ASP A 58 -22.20 -6.84 -31.43
N HIS A 59 -22.73 -6.93 -32.65
CA HIS A 59 -22.88 -5.74 -33.48
C HIS A 59 -23.89 -4.79 -32.86
N TRP A 60 -25.10 -5.29 -32.51
CA TRP A 60 -26.12 -4.45 -31.89
C TRP A 60 -25.68 -3.94 -30.52
N GLU A 61 -24.94 -4.74 -29.75
CA GLU A 61 -24.47 -4.29 -28.45
C GLU A 61 -23.47 -3.14 -28.57
N ARG A 62 -22.53 -3.27 -29.50
CA ARG A 62 -21.53 -2.21 -29.67
C ARG A 62 -22.16 -0.90 -30.13
N TYR A 63 -23.05 -0.97 -31.14
CA TYR A 63 -23.62 0.26 -31.64
C TYR A 63 -24.63 0.85 -30.66
N THR A 64 -25.25 0.01 -29.82
CA THR A 64 -26.08 0.53 -28.74
C THR A 64 -25.27 1.45 -27.82
N GLN A 65 -24.06 1.02 -27.48
CA GLN A 65 -23.20 1.83 -26.62
C GLN A 65 -22.83 3.14 -27.32
N LEU A 66 -22.50 3.05 -28.62
CA LEU A 66 -22.09 4.25 -29.36
C LEU A 66 -23.25 5.24 -29.46
N LEU A 67 -24.46 4.74 -29.74
CA LEU A 67 -25.63 5.62 -29.88
C LEU A 67 -26.04 6.25 -28.56
N ARG A 68 -25.85 5.54 -27.43
CA ARG A 68 -26.03 6.18 -26.13
C ARG A 68 -25.10 7.37 -25.98
N GLY A 69 -23.85 7.21 -26.43
CA GLY A 69 -22.93 8.33 -26.42
C GLY A 69 -23.33 9.42 -27.39
N TRP A 70 -23.76 9.04 -28.60
N TRP A 70 -23.72 9.03 -28.62
CA TRP A 70 -24.15 10.05 -29.55
CA TRP A 70 -24.22 10.00 -29.60
C TRP A 70 -25.41 10.79 -29.11
C TRP A 70 -25.37 10.80 -29.02
N GLN A 71 -26.31 10.12 -28.39
CA GLN A 71 -27.51 10.78 -27.84
C GLN A 71 -27.12 11.90 -26.89
N GLN A 72 -26.16 11.64 -25.99
CA GLN A 72 -25.75 12.67 -25.07
C GLN A 72 -25.07 13.82 -25.80
N MET A 73 -24.23 13.52 -26.79
CA MET A 73 -23.56 14.58 -27.53
C MET A 73 -24.55 15.46 -28.25
N PHE A 74 -25.59 14.85 -28.82
CA PHE A 74 -26.60 15.60 -29.55
C PHE A 74 -27.37 16.52 -28.63
N LYS A 75 -27.73 16.06 -27.44
CA LYS A 75 -28.40 16.92 -26.49
C LYS A 75 -27.55 18.13 -26.12
N VAL A 76 -26.26 17.93 -25.90
CA VAL A 76 -25.36 19.04 -25.60
C VAL A 76 -25.29 20.05 -26.76
N GLU A 77 -25.19 19.55 -28.00
CA GLU A 77 -25.11 20.46 -29.14
C GLU A 77 -26.39 21.27 -29.30
N LEU A 78 -27.54 20.62 -29.17
CA LEU A 78 -28.82 21.33 -29.29
C LEU A 78 -28.99 22.37 -28.19
N LYS A 79 -28.58 22.03 -26.97
CA LYS A 79 -28.63 23.00 -25.88
C LYS A 79 -27.78 24.23 -26.22
N ARG A 80 -26.57 24.01 -26.75
CA ARG A 80 -25.71 25.11 -27.19
C ARG A 80 -26.36 25.95 -28.28
N LEU A 81 -26.90 25.30 -29.31
CA LEU A 81 -27.50 26.03 -30.43
C LEU A 81 -28.69 26.87 -29.96
N GLN A 82 -29.57 26.28 -29.15
CA GLN A 82 -30.77 27.01 -28.78
C GLN A 82 -30.45 28.16 -27.85
N ARG A 83 -29.42 28.01 -27.01
CA ARG A 83 -28.97 29.14 -26.21
C ARG A 83 -28.40 30.25 -27.08
N HIS A 84 -27.64 29.90 -28.14
CA HIS A 84 -27.03 30.93 -28.97
C HIS A 84 -28.01 31.56 -29.96
N TYR A 85 -29.02 30.81 -30.41
CA TYR A 85 -30.13 31.43 -31.13
C TYR A 85 -31.01 32.26 -30.22
N ASN A 86 -30.90 32.09 -28.89
CA ASN A 86 -31.77 32.75 -27.92
C ASN A 86 -33.25 32.39 -28.18
N HIS A 87 -33.50 31.08 -28.36
CA HIS A 87 -34.81 30.54 -28.68
C HIS A 87 -35.42 29.86 -27.47
N SER A 88 -36.69 30.12 -27.24
CA SER A 88 -37.45 29.37 -26.25
CA SER A 88 -37.48 29.39 -26.25
C SER A 88 -38.28 28.31 -26.95
N GLY A 89 -38.80 27.37 -26.16
CA GLY A 89 -39.68 26.33 -26.65
C GLY A 89 -38.92 25.11 -27.14
N SER A 90 -39.62 24.26 -27.87
CA SER A 90 -39.04 23.04 -28.42
C SER A 90 -38.49 23.28 -29.82
N HIS A 91 -37.26 22.86 -30.04
CA HIS A 91 -36.58 23.03 -31.31
C HIS A 91 -35.91 21.71 -31.70
N THR A 92 -35.61 21.53 -32.98
CA THR A 92 -35.07 20.27 -33.45
C THR A 92 -33.67 20.45 -34.02
N TYR A 93 -32.91 19.35 -33.99
CA TYR A 93 -31.55 19.30 -34.49
C TYR A 93 -31.48 18.02 -35.27
N GLN A 94 -30.94 18.06 -36.49
CA GLN A 94 -30.91 16.82 -37.25
C GLN A 94 -29.55 16.67 -37.90
N ARG A 95 -29.18 15.43 -38.13
CA ARG A 95 -27.96 15.11 -38.86
C ARG A 95 -28.29 14.04 -39.90
N MET A 96 -27.60 14.09 -41.03
CA MET A 96 -27.67 13.05 -42.04
CA MET A 96 -27.66 13.03 -42.00
C MET A 96 -26.26 12.77 -42.52
N ILE A 97 -25.85 11.52 -42.51
CA ILE A 97 -24.55 11.13 -43.07
C ILE A 97 -24.79 9.96 -43.98
N GLY A 98 -24.06 9.87 -45.08
CA GLY A 98 -24.22 8.69 -45.91
C GLY A 98 -23.43 8.77 -47.19
N CYS A 99 -23.70 7.81 -48.06
CA CYS A 99 -22.92 7.67 -49.27
C CYS A 99 -23.79 7.00 -50.33
N GLU A 100 -23.42 7.19 -51.59
CA GLU A 100 -24.07 6.50 -52.70
C GLU A 100 -23.02 5.79 -53.54
N LEU A 101 -23.36 4.58 -53.97
CA LEU A 101 -22.58 3.83 -54.93
C LEU A 101 -23.41 3.85 -56.23
N LEU A 102 -22.92 4.59 -57.22
CA LEU A 102 -23.68 4.78 -58.46
C LEU A 102 -23.50 3.61 -59.40
N GLU A 103 -24.47 3.47 -60.33
CA GLU A 103 -24.42 2.36 -61.28
C GLU A 103 -23.10 2.32 -62.04
N ASP A 104 -22.57 3.48 -62.47
CA ASP A 104 -21.30 3.52 -63.18
C ASP A 104 -20.07 3.27 -62.29
N GLY A 105 -20.24 2.98 -61.00
CA GLY A 105 -19.13 2.69 -60.13
C GLY A 105 -18.61 3.87 -59.34
N SER A 106 -19.01 5.09 -59.71
CA SER A 106 -18.58 6.28 -58.99
C SER A 106 -19.30 6.36 -57.63
N THR A 107 -18.83 7.26 -56.77
CA THR A 107 -19.37 7.35 -55.43
C THR A 107 -19.60 8.81 -55.05
N THR A 108 -20.52 9.01 -54.13
CA THR A 108 -20.72 10.30 -53.48
C THR A 108 -20.77 10.07 -51.97
N GLY A 109 -20.54 11.14 -51.21
CA GLY A 109 -20.54 11.06 -49.76
C GLY A 109 -21.04 12.37 -49.22
N PHE A 110 -21.81 12.38 -48.14
CA PHE A 110 -22.41 13.62 -47.70
C PHE A 110 -22.61 13.61 -46.19
N LEU A 111 -22.60 14.80 -45.60
CA LEU A 111 -22.71 14.96 -44.15
C LEU A 111 -23.25 16.35 -43.90
N GLN A 112 -24.39 16.44 -43.23
CA GLN A 112 -24.96 17.77 -43.01
C GLN A 112 -25.85 17.73 -41.78
N TYR A 113 -26.15 18.93 -41.27
CA TYR A 113 -26.95 19.17 -40.08
C TYR A 113 -28.02 20.19 -40.40
N ALA A 114 -29.13 20.09 -39.68
CA ALA A 114 -30.21 21.05 -39.80
C ALA A 114 -30.70 21.45 -38.41
N TYR A 115 -31.09 22.71 -38.27
CA TYR A 115 -31.76 23.19 -37.08
C TYR A 115 -33.17 23.64 -37.47
N ASP A 116 -34.17 23.12 -36.75
CA ASP A 116 -35.58 23.35 -37.08
C ASP A 116 -35.84 23.00 -38.54
N GLY A 117 -35.25 21.90 -38.99
CA GLY A 117 -35.52 21.41 -40.32
C GLY A 117 -34.97 22.26 -41.45
N GLN A 118 -34.06 23.17 -41.17
CA GLN A 118 -33.41 23.94 -42.24
C GLN A 118 -31.91 23.69 -42.18
N ASP A 119 -31.27 23.58 -43.36
CA ASP A 119 -29.82 23.44 -43.44
C ASP A 119 -29.13 24.35 -42.44
N PHE A 120 -28.17 23.77 -41.74
CA PHE A 120 -27.40 24.51 -40.73
C PHE A 120 -25.91 24.45 -41.04
N LEU A 121 -25.37 23.25 -41.22
CA LEU A 121 -23.97 23.08 -41.57
C LEU A 121 -23.86 21.97 -42.61
N ILE A 122 -23.06 22.19 -43.64
CA ILE A 122 -22.93 21.20 -44.71
C ILE A 122 -21.45 20.92 -44.97
N PHE A 123 -21.07 19.65 -44.89
CA PHE A 123 -19.66 19.30 -45.08
C PHE A 123 -19.32 19.23 -46.57
N ASN A 124 -18.16 19.78 -46.91
CA ASN A 124 -17.55 19.61 -48.23
C ASN A 124 -16.29 18.78 -48.02
N LYS A 125 -16.34 17.50 -48.38
CA LYS A 125 -15.20 16.62 -48.12
C LYS A 125 -14.09 16.77 -49.17
N ASP A 126 -14.29 17.60 -50.18
CA ASP A 126 -13.21 17.86 -51.13
C ASP A 126 -12.40 19.07 -50.69
N THR A 127 -13.07 20.15 -50.29
CA THR A 127 -12.34 21.28 -49.76
C THR A 127 -12.08 21.12 -48.26
N LEU A 128 -12.62 20.08 -47.63
CA LEU A 128 -12.49 19.85 -46.19
C LEU A 128 -12.89 21.11 -45.41
N SER A 129 -14.15 21.49 -45.57
CA SER A 129 -14.61 22.68 -44.89
C SER A 129 -16.09 22.53 -44.61
N TRP A 130 -16.60 23.39 -43.76
CA TRP A 130 -18.01 23.40 -43.44
C TRP A 130 -18.65 24.68 -43.95
N LEU A 131 -19.80 24.55 -44.61
CA LEU A 131 -20.58 25.71 -45.05
CA LEU A 131 -20.58 25.71 -45.05
C LEU A 131 -21.58 26.06 -43.96
N ALA A 132 -21.49 27.28 -43.45
CA ALA A 132 -22.36 27.78 -42.39
C ALA A 132 -23.43 28.70 -42.98
N VAL A 133 -24.68 28.52 -42.53
CA VAL A 133 -25.77 29.32 -43.06
C VAL A 133 -26.02 30.62 -42.30
N ASP A 134 -25.48 30.76 -41.09
CA ASP A 134 -25.72 31.95 -40.29
C ASP A 134 -24.62 32.02 -39.23
N ASN A 135 -24.73 32.99 -38.32
CA ASN A 135 -23.62 33.25 -37.41
CA ASN A 135 -23.60 33.22 -37.43
C ASN A 135 -23.54 32.27 -36.25
N VAL A 136 -24.64 31.62 -35.90
CA VAL A 136 -24.55 30.52 -34.94
C VAL A 136 -23.80 29.36 -35.56
N ALA A 137 -24.16 28.98 -36.80
CA ALA A 137 -23.41 27.92 -37.49
C ALA A 137 -21.97 28.33 -37.72
N HIS A 138 -21.72 29.61 -37.93
CA HIS A 138 -20.38 30.06 -38.23
C HIS A 138 -19.45 29.82 -37.05
N THR A 139 -19.93 30.03 -35.82
CA THR A 139 -19.10 29.72 -34.65
C THR A 139 -18.74 28.24 -34.61
N ILE A 140 -19.70 27.35 -34.90
CA ILE A 140 -19.41 25.91 -34.88
C ILE A 140 -18.46 25.55 -36.01
N LYS A 141 -18.72 26.07 -37.22
CA LYS A 141 -17.79 25.92 -38.33
C LYS A 141 -16.33 26.18 -37.88
N GLN A 142 -16.09 27.31 -37.22
CA GLN A 142 -14.72 27.64 -36.84
CA GLN A 142 -14.72 27.66 -36.83
C GLN A 142 -14.12 26.61 -35.91
N ALA A 143 -14.91 26.13 -34.94
CA ALA A 143 -14.41 25.14 -33.99
C ALA A 143 -14.13 23.81 -34.67
N TRP A 144 -15.02 23.38 -35.57
CA TRP A 144 -14.81 22.09 -36.21
C TRP A 144 -13.65 22.16 -37.18
N GLU A 145 -13.50 23.30 -37.86
CA GLU A 145 -12.42 23.38 -38.84
C GLU A 145 -11.07 23.54 -38.16
N ALA A 146 -11.06 23.94 -36.91
CA ALA A 146 -9.78 23.96 -36.19
C ALA A 146 -9.30 22.56 -35.84
N ASN A 147 -10.12 21.53 -36.07
CA ASN A 147 -9.76 20.16 -35.76
C ASN A 147 -9.53 19.42 -37.07
N GLN A 148 -8.37 19.66 -37.69
CA GLN A 148 -8.13 19.14 -39.03
C GLN A 148 -8.22 17.61 -39.08
N HIS A 149 -7.77 16.93 -38.01
CA HIS A 149 -7.82 15.48 -38.05
C HIS A 149 -9.23 14.95 -38.15
N GLU A 150 -10.19 15.64 -37.53
CA GLU A 150 -11.54 15.13 -37.57
C GLU A 150 -12.15 15.32 -38.96
N LEU A 151 -11.77 16.39 -39.66
CA LEU A 151 -12.24 16.55 -41.04
C LEU A 151 -11.70 15.41 -41.92
N LEU A 152 -10.41 15.09 -41.76
CA LEU A 152 -9.81 14.00 -42.52
C LEU A 152 -10.49 12.68 -42.22
N TYR A 153 -10.68 12.39 -40.93
CA TYR A 153 -11.42 11.18 -40.53
C TYR A 153 -12.80 11.09 -41.21
N GLN A 154 -13.53 12.21 -41.28
CA GLN A 154 -14.86 12.19 -41.88
C GLN A 154 -14.77 11.98 -43.38
N LYS A 155 -13.77 12.57 -44.04
CA LYS A 155 -13.60 12.30 -45.46
C LYS A 155 -13.32 10.82 -45.71
N ASN A 156 -12.41 10.24 -44.93
CA ASN A 156 -12.13 8.81 -45.08
C ASN A 156 -13.37 7.96 -44.83
N TRP A 157 -14.16 8.31 -43.80
CA TRP A 157 -15.34 7.49 -43.51
C TRP A 157 -16.35 7.54 -44.66
N LEU A 158 -16.58 8.74 -45.20
CA LEU A 158 -17.56 8.91 -46.28
C LEU A 158 -17.10 8.21 -47.55
N GLU A 159 -15.81 8.28 -47.87
CA GLU A 159 -15.31 7.76 -49.13
C GLU A 159 -14.99 6.28 -49.08
N GLU A 160 -14.53 5.78 -47.95
CA GLU A 160 -14.08 4.40 -47.85
C GLU A 160 -14.98 3.56 -46.95
N GLU A 161 -15.11 3.90 -45.67
CA GLU A 161 -15.89 3.04 -44.77
C GLU A 161 -17.35 2.95 -45.18
N CYS A 162 -17.99 4.09 -45.43
CA CYS A 162 -19.42 4.09 -45.72
C CYS A 162 -19.72 3.19 -46.91
N ILE A 163 -18.89 3.28 -47.94
CA ILE A 163 -19.13 2.50 -49.16
C ILE A 163 -18.93 1.01 -48.88
N ALA A 164 -17.94 0.67 -48.02
CA ALA A 164 -17.73 -0.72 -47.65
C ALA A 164 -18.93 -1.27 -46.90
N TRP A 165 -19.50 -0.48 -45.98
CA TRP A 165 -20.70 -0.90 -45.26
C TRP A 165 -21.87 -1.10 -46.23
N LEU A 166 -22.03 -0.15 -47.13
CA LEU A 166 -23.12 -0.24 -48.11
C LEU A 166 -23.03 -1.54 -48.90
N LYS A 167 -21.84 -1.86 -49.39
CA LYS A 167 -21.71 -3.09 -50.18
C LYS A 167 -22.02 -4.32 -49.34
N ARG A 168 -21.57 -4.32 -48.08
CA ARG A 168 -21.88 -5.39 -47.15
C ARG A 168 -23.39 -5.54 -46.94
N PHE A 169 -24.10 -4.44 -46.69
CA PHE A 169 -25.54 -4.52 -46.47
C PHE A 169 -26.29 -4.88 -47.75
N LEU A 170 -25.79 -4.39 -48.88
CA LEU A 170 -26.40 -4.71 -50.18
CA LEU A 170 -26.41 -4.71 -50.16
C LEU A 170 -26.35 -6.21 -50.46
N GLU A 171 -25.31 -6.88 -50.00
CA GLU A 171 -25.24 -8.33 -50.19
C GLU A 171 -26.15 -9.05 -49.20
N TYR A 172 -26.16 -8.63 -47.92
CA TYR A 172 -27.17 -9.15 -46.99
C TYR A 172 -28.59 -9.04 -47.57
N GLY A 173 -28.92 -7.89 -48.12
CA GLY A 173 -30.29 -7.69 -48.55
C GLY A 173 -30.54 -7.89 -50.03
N LYS A 174 -29.67 -8.64 -50.72
CA LYS A 174 -29.74 -8.69 -52.18
C LYS A 174 -31.09 -9.20 -52.70
N ASP A 175 -31.71 -10.16 -52.01
CA ASP A 175 -33.01 -10.67 -52.47
C ASP A 175 -34.08 -9.60 -52.46
N THR A 176 -33.95 -8.61 -51.59
CA THR A 176 -34.92 -7.53 -51.56
C THR A 176 -34.48 -6.39 -52.47
N LEU A 177 -33.23 -5.95 -52.30
CA LEU A 177 -32.75 -4.70 -52.87
C LEU A 177 -32.39 -4.81 -54.33
N GLN A 178 -32.02 -5.99 -54.82
CA GLN A 178 -31.58 -6.11 -56.19
C GLN A 178 -32.64 -6.74 -57.09
N ARG A 179 -33.84 -7.02 -56.56
CA ARG A 179 -34.91 -7.59 -57.38
C ARG A 179 -35.56 -6.51 -58.26
N THR A 180 -36.38 -6.97 -59.22
CA THR A 180 -37.16 -6.09 -60.09
C THR A 180 -38.56 -6.64 -60.18
N GLU A 181 -39.56 -5.81 -59.89
CA GLU A 181 -40.97 -6.15 -60.12
C GLU A 181 -41.48 -5.12 -61.09
N PRO A 182 -41.81 -5.50 -62.33
CA PRO A 182 -42.16 -4.51 -63.34
C PRO A 182 -43.52 -3.91 -63.07
N PRO A 183 -43.78 -2.71 -63.56
CA PRO A 183 -45.06 -2.06 -63.31
C PRO A 183 -46.16 -2.62 -64.18
N LEU A 184 -47.36 -2.65 -63.61
CA LEU A 184 -48.62 -2.82 -64.33
C LEU A 184 -49.17 -1.44 -64.61
N VAL A 185 -49.40 -1.11 -65.88
CA VAL A 185 -49.70 0.26 -66.27
C VAL A 185 -51.01 0.29 -67.04
N ARG A 186 -51.83 1.30 -66.78
CA ARG A 186 -53.13 1.43 -67.43
C ARG A 186 -53.42 2.91 -67.63
N VAL A 187 -54.29 3.22 -68.59
CA VAL A 187 -54.75 4.59 -68.82
C VAL A 187 -56.26 4.63 -68.56
N ASN A 188 -56.74 5.72 -67.97
CA ASN A 188 -58.18 5.94 -67.92
C ASN A 188 -58.48 7.43 -68.00
N ARG A 189 -59.77 7.76 -68.12
CA ARG A 189 -60.25 9.14 -68.26
C ARG A 189 -60.98 9.58 -66.99
N LYS A 190 -60.60 10.74 -66.45
CA LYS A 190 -61.26 11.32 -65.28
C LYS A 190 -61.58 12.80 -65.51
N THR A 197 -61.51 17.20 -68.16
CA THR A 197 -61.31 15.85 -68.68
C THR A 197 -59.82 15.56 -68.98
N ALA A 198 -59.25 14.62 -68.25
CA ALA A 198 -57.81 14.37 -68.34
C ALA A 198 -57.54 12.87 -68.49
N LEU A 199 -56.42 12.56 -69.14
CA LEU A 199 -55.95 11.19 -69.24
C LEU A 199 -55.03 10.91 -68.05
N PHE A 200 -55.33 9.85 -67.32
CA PHE A 200 -54.53 9.42 -66.18
C PHE A 200 -53.78 8.16 -66.56
N CYS A 201 -52.47 8.22 -66.46
CA CYS A 201 -51.63 7.04 -66.63
C CYS A 201 -51.18 6.56 -65.26
N LYS A 202 -51.51 5.32 -64.93
CA LYS A 202 -51.39 4.80 -63.57
C LYS A 202 -50.56 3.52 -63.59
N ALA A 203 -49.55 3.46 -62.72
CA ALA A 203 -48.68 2.29 -62.63
C ALA A 203 -48.69 1.77 -61.19
N HIS A 204 -48.64 0.45 -61.01
CA HIS A 204 -48.52 -0.10 -59.66
C HIS A 204 -47.78 -1.42 -59.69
N GLY A 205 -47.47 -1.92 -58.49
CA GLY A 205 -46.83 -3.20 -58.35
C GLY A 205 -45.34 -3.22 -58.65
N PHE A 206 -44.68 -2.07 -58.75
CA PHE A 206 -43.29 -2.09 -59.22
C PHE A 206 -42.32 -1.92 -58.05
N TYR A 207 -41.10 -2.42 -58.28
CA TYR A 207 -39.90 -2.30 -57.41
C TYR A 207 -38.68 -2.40 -58.33
N PRO A 208 -37.66 -1.53 -58.16
CA PRO A 208 -37.49 -0.48 -57.15
C PRO A 208 -38.45 0.69 -57.38
N PRO A 209 -38.54 1.60 -56.41
CA PRO A 209 -39.49 2.73 -56.56
C PRO A 209 -39.12 3.71 -57.68
N GLU A 210 -37.86 3.79 -58.11
CA GLU A 210 -37.49 4.76 -59.15
C GLU A 210 -38.20 4.44 -60.48
N ILE A 211 -38.97 5.38 -60.98
CA ILE A 211 -39.76 5.20 -62.20
C ILE A 211 -39.98 6.57 -62.80
N TYR A 212 -40.13 6.63 -64.12
CA TYR A 212 -40.42 7.88 -64.79
C TYR A 212 -41.61 7.66 -65.69
N MET A 213 -42.66 8.43 -65.46
CA MET A 213 -43.88 8.40 -66.24
C MET A 213 -44.07 9.78 -66.85
N THR A 214 -44.49 9.84 -68.11
CA THR A 214 -44.80 11.11 -68.70
C THR A 214 -45.78 10.88 -69.84
N TRP A 215 -46.36 11.97 -70.30
CA TRP A 215 -47.26 11.98 -71.43
C TRP A 215 -46.60 12.69 -72.59
N MET A 216 -46.73 12.12 -73.78
CA MET A 216 -46.28 12.76 -75.00
C MET A 216 -47.52 13.05 -75.84
N LYS A 217 -47.48 14.17 -76.55
CA LYS A 217 -48.59 14.59 -77.40
C LYS A 217 -48.02 14.70 -78.80
N ASN A 218 -48.53 13.88 -79.73
CA ASN A 218 -48.07 13.86 -81.11
C ASN A 218 -46.56 13.60 -81.20
N GLY A 219 -46.01 12.95 -80.18
CA GLY A 219 -44.59 12.68 -80.13
C GLY A 219 -43.72 13.73 -79.48
N GLU A 220 -44.31 14.71 -78.79
CA GLU A 220 -43.56 15.77 -78.11
C GLU A 220 -43.94 15.79 -76.64
N GLU A 221 -42.96 16.03 -75.76
CA GLU A 221 -43.18 16.04 -74.32
C GLU A 221 -43.27 17.48 -73.83
N ILE A 222 -44.44 17.88 -73.33
CA ILE A 222 -44.62 19.21 -72.79
C ILE A 222 -44.73 19.05 -71.27
N VAL A 223 -43.58 19.16 -70.59
CA VAL A 223 -43.53 18.89 -69.15
C VAL A 223 -44.41 19.87 -68.38
N GLN A 224 -44.51 21.12 -68.87
CA GLN A 224 -45.31 22.15 -68.22
C GLN A 224 -46.81 21.82 -68.22
N GLU A 225 -47.28 20.97 -69.13
CA GLU A 225 -48.69 20.60 -69.20
C GLU A 225 -49.00 19.31 -68.44
N ILE A 226 -48.02 18.66 -67.81
CA ILE A 226 -48.19 17.36 -67.21
C ILE A 226 -48.27 17.52 -65.70
N ASP A 227 -49.21 16.79 -65.09
CA ASP A 227 -49.29 16.69 -63.64
C ASP A 227 -48.70 15.35 -63.21
N TYR A 228 -47.64 15.40 -62.43
CA TYR A 228 -46.90 14.23 -61.99
C TYR A 228 -47.31 13.87 -60.57
N GLY A 229 -47.87 12.68 -60.40
CA GLY A 229 -48.12 12.17 -59.07
C GLY A 229 -46.86 11.66 -58.41
N ASP A 230 -46.89 11.63 -57.07
CA ASP A 230 -45.74 11.14 -56.32
C ASP A 230 -45.62 9.62 -56.43
N ILE A 231 -44.41 9.11 -56.22
CA ILE A 231 -44.21 7.66 -56.14
C ILE A 231 -44.55 7.25 -54.71
N LEU A 232 -45.50 6.33 -54.56
CA LEU A 232 -46.03 6.09 -53.23
C LEU A 232 -45.94 4.62 -52.84
N PRO A 233 -45.62 4.33 -51.57
CA PRO A 233 -45.56 2.93 -51.13
C PRO A 233 -46.95 2.34 -51.07
N SER A 234 -47.10 1.15 -51.65
CA SER A 234 -48.40 0.48 -51.59
C SER A 234 -48.63 -0.31 -50.31
N GLY A 235 -47.58 -0.55 -49.53
CA GLY A 235 -47.69 -1.23 -48.26
C GLY A 235 -47.20 -2.67 -48.29
N ASP A 236 -47.02 -3.25 -49.47
CA ASP A 236 -46.61 -4.63 -49.61
C ASP A 236 -45.18 -4.76 -50.12
N GLY A 237 -44.40 -3.67 -50.06
CA GLY A 237 -43.07 -3.65 -50.61
C GLY A 237 -42.94 -3.14 -52.02
N THR A 238 -44.05 -2.89 -52.71
CA THR A 238 -44.05 -2.32 -54.06
C THR A 238 -44.63 -0.92 -54.02
N TYR A 239 -44.58 -0.25 -55.18
CA TYR A 239 -44.90 1.17 -55.26
C TYR A 239 -45.88 1.42 -56.39
N GLN A 240 -46.46 2.62 -56.38
CA GLN A 240 -47.40 3.04 -57.39
C GLN A 240 -47.20 4.52 -57.68
N ALA A 241 -47.63 4.94 -58.87
CA ALA A 241 -47.41 6.31 -59.31
C ALA A 241 -48.37 6.59 -60.46
N TRP A 242 -48.47 7.87 -60.83
CA TRP A 242 -49.37 8.24 -61.92
C TRP A 242 -48.90 9.55 -62.53
N ALA A 243 -49.51 9.90 -63.66
CA ALA A 243 -49.30 11.19 -64.30
C ALA A 243 -50.50 11.46 -65.20
N SER A 244 -50.92 12.73 -65.28
CA SER A 244 -52.12 13.11 -66.04
C SER A 244 -51.82 14.25 -67.01
N ILE A 245 -52.60 14.30 -68.09
CA ILE A 245 -52.49 15.40 -69.04
C ILE A 245 -53.91 15.76 -69.48
N GLU A 246 -54.12 17.04 -69.77
CA GLU A 246 -55.45 17.55 -70.10
C GLU A 246 -55.77 17.33 -71.57
N LEU A 247 -57.01 16.95 -71.84
CA LEU A 247 -57.46 16.76 -73.21
C LEU A 247 -57.90 18.09 -73.82
N ASP A 248 -57.48 18.31 -75.06
CA ASP A 248 -57.96 19.46 -75.82
C ASP A 248 -59.23 19.07 -76.57
N PRO A 249 -60.39 19.66 -76.25
CA PRO A 249 -61.62 19.27 -76.95
C PRO A 249 -61.74 19.86 -78.34
N GLN A 250 -60.85 20.76 -78.73
CA GLN A 250 -60.96 21.46 -80.01
C GLN A 250 -60.21 20.77 -81.14
N SER A 251 -59.17 19.99 -80.83
CA SER A 251 -58.36 19.28 -81.82
C SER A 251 -58.13 17.85 -81.39
N SER A 252 -58.04 16.94 -82.36
CA SER A 252 -57.60 15.58 -82.07
C SER A 252 -56.08 15.54 -81.99
N ASN A 253 -55.57 14.77 -81.02
CA ASN A 253 -54.15 14.59 -80.90
C ASN A 253 -53.86 13.16 -80.50
N LEU A 254 -52.68 12.68 -80.87
CA LEU A 254 -52.21 11.37 -80.46
C LEU A 254 -51.53 11.57 -79.09
N TYR A 255 -52.14 11.01 -78.06
CA TYR A 255 -51.57 11.02 -76.72
C TYR A 255 -51.04 9.64 -76.39
N SER A 256 -49.87 9.60 -75.74
CA SER A 256 -49.28 8.35 -75.31
C SER A 256 -48.62 8.54 -73.96
N CYS A 257 -48.82 7.56 -73.08
CA CYS A 257 -48.09 7.50 -71.82
C CYS A 257 -46.81 6.71 -72.02
N HIS A 258 -45.72 7.21 -71.41
CA HIS A 258 -44.40 6.61 -71.50
C HIS A 258 -43.92 6.33 -70.08
N VAL A 259 -43.48 5.10 -69.83
CA VAL A 259 -43.02 4.69 -68.50
C VAL A 259 -41.66 4.04 -68.66
N GLU A 260 -40.69 4.48 -67.86
CA GLU A 260 -39.39 3.84 -67.89
C GLU A 260 -39.15 3.31 -66.50
N HIS A 261 -38.72 2.05 -66.41
CA HIS A 261 -38.50 1.39 -65.12
C HIS A 261 -37.45 0.31 -65.29
N SER A 262 -36.32 0.45 -64.59
CA SER A 262 -35.31 -0.60 -64.50
C SER A 262 -34.84 -1.08 -65.87
N GLY A 263 -34.55 -0.14 -66.76
CA GLY A 263 -34.01 -0.46 -68.06
C GLY A 263 -35.00 -0.90 -69.11
N VAL A 264 -36.30 -0.81 -68.85
CA VAL A 264 -37.34 -1.19 -69.81
C VAL A 264 -38.22 0.02 -70.04
N HIS A 265 -38.55 0.31 -71.30
CA HIS A 265 -39.43 1.41 -71.65
CA HIS A 265 -39.43 1.41 -71.65
C HIS A 265 -40.76 0.85 -72.13
N MET A 266 -41.85 1.51 -71.75
CA MET A 266 -43.19 1.10 -72.14
CA MET A 266 -43.19 1.10 -72.17
C MET A 266 -43.94 2.30 -72.69
N VAL A 267 -44.73 2.08 -73.75
CA VAL A 267 -45.58 3.10 -74.35
C VAL A 267 -47.00 2.55 -74.45
N LEU A 268 -47.97 3.31 -73.94
CA LEU A 268 -49.39 3.01 -74.11
C LEU A 268 -50.01 4.16 -74.90
N GLN A 269 -50.38 3.89 -76.15
CA GLN A 269 -51.02 4.89 -77.00
C GLN A 269 -52.52 4.93 -76.73
N VAL A 270 -53.07 6.14 -76.60
CA VAL A 270 -54.48 6.32 -76.29
C VAL A 270 -55.23 6.42 -77.62
N PRO A 271 -56.09 5.46 -77.96
CA PRO A 271 -56.76 5.42 -79.27
C PRO A 271 -57.83 6.49 -79.39
CA MET B 1 -39.01 29.05 -37.65
C MET B 1 -40.03 28.61 -38.71
N ILE B 2 -39.56 27.85 -39.69
CA ILE B 2 -40.40 27.40 -40.80
C ILE B 2 -40.95 26.02 -40.44
N GLN B 3 -42.26 25.93 -40.28
CA GLN B 3 -42.94 24.67 -40.11
C GLN B 3 -43.62 24.31 -41.42
N ARG B 4 -43.56 23.04 -41.80
CA ARG B 4 -44.07 22.58 -43.08
C ARG B 4 -45.28 21.69 -42.87
N THR B 5 -46.34 21.98 -43.60
CA THR B 5 -47.58 21.28 -43.35
C THR B 5 -47.57 19.94 -44.08
N PRO B 6 -48.27 18.93 -43.55
CA PRO B 6 -48.20 17.61 -44.18
C PRO B 6 -48.98 17.56 -45.50
N LYS B 7 -48.37 16.93 -46.51
CA LYS B 7 -49.09 16.46 -47.68
C LYS B 7 -49.75 15.14 -47.34
N ILE B 8 -51.00 14.95 -47.76
CA ILE B 8 -51.84 13.86 -47.29
C ILE B 8 -52.45 13.15 -48.51
N GLN B 9 -52.13 11.88 -48.69
CA GLN B 9 -52.58 11.15 -49.86
C GLN B 9 -53.23 9.84 -49.44
N VAL B 10 -54.47 9.63 -49.90
CA VAL B 10 -55.30 8.48 -49.56
C VAL B 10 -55.52 7.67 -50.83
N TYR B 11 -55.28 6.37 -50.75
CA TYR B 11 -55.28 5.52 -51.94
C TYR B 11 -55.30 4.08 -51.46
N SER B 12 -55.70 3.18 -52.36
CA SER B 12 -55.71 1.76 -52.05
C SER B 12 -54.42 1.09 -52.50
N ARG B 13 -54.10 -0.03 -51.86
CA ARG B 13 -52.92 -0.78 -52.25
C ARG B 13 -52.98 -1.24 -53.70
N HIS B 14 -54.12 -1.81 -54.09
CA HIS B 14 -54.42 -2.27 -55.43
C HIS B 14 -55.59 -1.47 -55.98
N PRO B 15 -55.74 -1.40 -57.29
CA PRO B 15 -56.98 -0.85 -57.86
C PRO B 15 -58.19 -1.47 -57.17
N ALA B 16 -59.10 -0.61 -56.71
CA ALA B 16 -60.18 -1.06 -55.85
C ALA B 16 -61.28 -1.73 -56.65
N GLU B 17 -61.98 -2.64 -55.98
CA GLU B 17 -63.14 -3.33 -56.55
CA GLU B 17 -63.07 -3.44 -56.54
C GLU B 17 -64.06 -3.73 -55.42
N ASN B 18 -65.34 -3.43 -55.62
CA ASN B 18 -66.33 -3.76 -54.60
C ASN B 18 -66.29 -5.25 -54.31
N GLY B 19 -66.35 -5.60 -53.03
CA GLY B 19 -66.38 -6.98 -52.63
C GLY B 19 -65.04 -7.67 -52.56
N LYS B 20 -63.94 -6.99 -52.91
CA LYS B 20 -62.63 -7.62 -52.93
C LYS B 20 -61.72 -6.95 -51.91
N SER B 21 -61.09 -7.78 -51.08
CA SER B 21 -60.30 -7.29 -49.96
C SER B 21 -59.14 -6.43 -50.46
N ASN B 22 -58.80 -5.41 -49.69
CA ASN B 22 -57.80 -4.44 -50.13
C ASN B 22 -57.17 -3.85 -48.88
N PHE B 23 -56.36 -2.81 -49.08
CA PHE B 23 -55.77 -2.03 -48.00
C PHE B 23 -55.97 -0.55 -48.32
N LEU B 24 -56.47 0.20 -47.34
CA LEU B 24 -56.59 1.64 -47.44
C LEU B 24 -55.34 2.29 -46.84
N ASN B 25 -54.63 3.10 -47.65
CA ASN B 25 -53.38 3.74 -47.26
C ASN B 25 -53.59 5.25 -47.09
N CYS B 26 -53.01 5.82 -46.03
CA CYS B 26 -52.90 7.27 -45.91
C CYS B 26 -51.42 7.60 -45.78
N TYR B 27 -50.85 8.25 -46.79
CA TYR B 27 -49.44 8.59 -46.82
C TYR B 27 -49.29 10.08 -46.51
N VAL B 28 -48.63 10.36 -45.41
CA VAL B 28 -48.47 11.71 -44.88
C VAL B 28 -47.00 12.06 -44.95
N SER B 29 -46.66 13.14 -45.65
CA SER B 29 -45.26 13.43 -45.94
C SER B 29 -45.01 14.93 -45.95
N GLY B 30 -43.72 15.26 -46.02
CA GLY B 30 -43.22 16.60 -46.15
C GLY B 30 -43.43 17.49 -44.96
N PHE B 31 -43.77 16.94 -43.79
CA PHE B 31 -44.10 17.80 -42.66
C PHE B 31 -42.90 17.98 -41.71
N HIS B 32 -42.93 19.09 -40.96
CA HIS B 32 -41.94 19.43 -39.95
C HIS B 32 -42.58 20.42 -38.97
N PRO B 33 -42.42 20.24 -37.64
CA PRO B 33 -41.69 19.18 -36.94
C PRO B 33 -42.45 17.84 -36.88
N SER B 34 -42.01 16.89 -36.04
CA SER B 34 -42.39 15.50 -36.30
C SER B 34 -43.70 15.06 -35.61
N ASP B 35 -44.20 15.76 -34.60
CA ASP B 35 -45.43 15.31 -33.94
C ASP B 35 -46.61 15.43 -34.90
N ILE B 36 -47.39 14.37 -35.04
CA ILE B 36 -48.49 14.37 -35.98
C ILE B 36 -49.51 13.33 -35.51
N GLU B 37 -50.78 13.57 -35.85
CA GLU B 37 -51.89 12.71 -35.47
C GLU B 37 -52.62 12.29 -36.74
N VAL B 38 -52.80 10.96 -36.91
CA VAL B 38 -53.39 10.41 -38.13
C VAL B 38 -54.45 9.38 -37.75
N ASP B 39 -55.66 9.53 -38.32
CA ASP B 39 -56.74 8.57 -38.15
C ASP B 39 -57.34 8.26 -39.52
N LEU B 40 -57.67 7.00 -39.76
CA LEU B 40 -58.49 6.65 -40.91
C LEU B 40 -59.95 6.66 -40.49
N LEU B 41 -60.82 7.09 -41.41
CA LEU B 41 -62.25 7.17 -41.15
C LEU B 41 -63.02 6.27 -42.11
N LYS B 42 -64.01 5.55 -41.58
CA LYS B 42 -65.02 4.85 -42.38
C LYS B 42 -66.36 5.52 -42.11
N ASN B 43 -66.93 6.14 -43.15
CA ASN B 43 -68.20 6.86 -43.05
C ASN B 43 -68.14 7.99 -42.03
N GLY B 44 -66.96 8.56 -41.82
CA GLY B 44 -66.76 9.63 -40.85
C GLY B 44 -66.47 9.19 -39.44
N GLU B 45 -66.30 7.89 -39.19
CA GLU B 45 -66.04 7.32 -37.88
C GLU B 45 -64.65 6.70 -37.87
N ARG B 46 -63.94 6.86 -36.75
CA ARG B 46 -62.56 6.42 -36.67
C ARG B 46 -62.46 4.90 -36.71
N ILE B 47 -61.63 4.39 -37.61
CA ILE B 47 -61.34 2.96 -37.68
C ILE B 47 -60.38 2.61 -36.56
N GLU B 48 -60.60 1.47 -35.91
CA GLU B 48 -59.80 1.13 -34.72
C GLU B 48 -58.54 0.34 -35.07
N LYS B 49 -58.67 -0.75 -35.84
CA LYS B 49 -57.51 -1.59 -36.17
C LYS B 49 -56.76 -0.94 -37.32
N VAL B 50 -55.89 0.00 -36.97
CA VAL B 50 -55.11 0.76 -37.95
C VAL B 50 -53.64 0.67 -37.56
N GLU B 51 -52.80 0.40 -38.55
CA GLU B 51 -51.37 0.26 -38.35
C GLU B 51 -50.63 1.39 -39.04
N HIS B 52 -49.36 1.56 -38.67
CA HIS B 52 -48.55 2.59 -39.30
C HIS B 52 -47.09 2.21 -39.22
N SER B 53 -46.34 2.64 -40.23
CA SER B 53 -44.90 2.50 -40.24
C SER B 53 -44.29 3.41 -39.16
N ASP B 54 -43.02 3.16 -38.87
CA ASP B 54 -42.26 4.06 -38.01
C ASP B 54 -42.06 5.40 -38.73
N LEU B 55 -42.00 6.48 -37.94
CA LEU B 55 -41.58 7.78 -38.47
C LEU B 55 -40.36 7.64 -39.37
N SER B 56 -40.41 8.28 -40.53
CA SER B 56 -39.35 8.17 -41.52
C SER B 56 -38.79 9.55 -41.86
N PHE B 57 -37.55 9.56 -42.35
CA PHE B 57 -36.76 10.77 -42.55
C PHE B 57 -36.46 11.01 -44.02
N SER B 58 -36.79 12.21 -44.51
CA SER B 58 -36.40 12.56 -45.88
C SER B 58 -35.13 13.41 -45.89
N LYS B 59 -34.42 13.33 -47.03
CA LYS B 59 -33.19 14.11 -47.23
C LYS B 59 -33.39 15.60 -47.02
N ASP B 60 -34.59 16.14 -47.27
CA ASP B 60 -34.83 17.57 -47.11
C ASP B 60 -35.24 17.93 -45.69
N TRP B 61 -35.14 17.00 -44.76
CA TRP B 61 -35.26 17.13 -43.31
C TRP B 61 -36.71 16.97 -42.85
N SER B 62 -37.68 16.88 -43.77
CA SER B 62 -39.06 16.62 -43.36
C SER B 62 -39.24 15.12 -43.09
N PHE B 63 -40.44 14.76 -42.64
CA PHE B 63 -40.79 13.44 -42.17
C PHE B 63 -41.97 12.89 -42.97
N TYR B 64 -42.10 11.56 -42.95
CA TYR B 64 -43.24 10.92 -43.56
C TYR B 64 -43.59 9.65 -42.80
N LEU B 65 -44.82 9.19 -43.02
CA LEU B 65 -45.44 8.05 -42.36
C LEU B 65 -46.49 7.45 -43.30
N LEU B 66 -46.67 6.13 -43.22
CA LEU B 66 -47.76 5.45 -43.91
C LEU B 66 -48.68 4.83 -42.87
N TYR B 67 -49.95 5.22 -42.91
CA TYR B 67 -51.01 4.63 -42.10
C TYR B 67 -51.89 3.79 -43.00
N TYR B 68 -52.23 2.59 -42.56
CA TYR B 68 -52.96 1.65 -43.41
C TYR B 68 -53.87 0.76 -42.59
N THR B 69 -54.93 0.27 -43.24
CA THR B 69 -55.87 -0.66 -42.65
C THR B 69 -56.45 -1.53 -43.75
N GLU B 70 -56.71 -2.80 -43.43
CA GLU B 70 -57.34 -3.72 -44.36
C GLU B 70 -58.82 -3.39 -44.48
N PHE B 71 -59.35 -3.46 -45.70
CA PHE B 71 -60.76 -3.17 -45.87
C PHE B 71 -61.28 -3.78 -47.16
N THR B 72 -62.61 -3.92 -47.23
CA THR B 72 -63.27 -4.31 -48.47
C THR B 72 -64.12 -3.14 -48.95
N PRO B 73 -63.76 -2.50 -50.06
CA PRO B 73 -64.55 -1.36 -50.55
C PRO B 73 -65.94 -1.81 -50.97
N THR B 74 -66.93 -0.94 -50.71
CA THR B 74 -68.29 -1.07 -51.25
C THR B 74 -68.71 0.25 -51.86
N GLU B 75 -69.85 0.22 -52.56
CA GLU B 75 -70.34 1.44 -53.20
C GLU B 75 -70.75 2.48 -52.18
N LYS B 76 -71.35 2.03 -51.07
CA LYS B 76 -71.90 2.94 -50.06
C LYS B 76 -70.83 3.54 -49.15
N ASP B 77 -69.87 2.74 -48.68
CA ASP B 77 -68.97 3.16 -47.61
C ASP B 77 -67.97 4.19 -48.11
N GLU B 78 -67.87 5.31 -47.39
CA GLU B 78 -66.91 6.38 -47.67
C GLU B 78 -65.78 6.35 -46.66
N TYR B 79 -64.56 6.55 -47.15
CA TYR B 79 -63.37 6.48 -46.33
C TYR B 79 -62.58 7.78 -46.44
N ALA B 80 -61.81 8.08 -45.39
CA ALA B 80 -61.08 9.34 -45.34
C ALA B 80 -59.90 9.19 -44.40
N CYS B 81 -59.00 10.17 -44.47
CA CYS B 81 -57.85 10.29 -43.60
C CYS B 81 -57.93 11.64 -42.90
N ARG B 82 -57.78 11.63 -41.58
CA ARG B 82 -57.84 12.85 -40.77
C ARG B 82 -56.49 13.05 -40.10
N VAL B 83 -55.94 14.24 -40.24
CA VAL B 83 -54.57 14.53 -39.86
C VAL B 83 -54.55 15.80 -39.03
N ASN B 84 -53.85 15.78 -37.91
CA ASN B 84 -53.58 17.00 -37.18
C ASN B 84 -52.08 17.20 -37.02
N HIS B 85 -51.69 18.47 -37.03
CA HIS B 85 -50.29 18.86 -37.00
C HIS B 85 -50.25 20.28 -36.48
N VAL B 86 -49.08 20.71 -35.99
CA VAL B 86 -48.97 22.05 -35.43
C VAL B 86 -49.25 23.10 -36.50
N THR B 87 -48.97 22.79 -37.76
CA THR B 87 -49.28 23.70 -38.87
C THR B 87 -50.78 23.85 -39.16
N LEU B 88 -51.65 22.97 -38.65
CA LEU B 88 -53.07 22.99 -38.98
C LEU B 88 -53.90 23.52 -37.81
N SER B 89 -54.82 24.45 -38.12
CA SER B 89 -55.69 25.03 -37.11
C SER B 89 -56.71 24.03 -36.60
N GLN B 90 -57.32 23.27 -37.50
CA GLN B 90 -58.24 22.19 -37.20
C GLN B 90 -57.77 20.96 -37.94
N PRO B 91 -58.18 19.77 -37.51
CA PRO B 91 -57.81 18.54 -38.24
C PRO B 91 -58.21 18.65 -39.71
N LYS B 92 -57.34 18.17 -40.59
CA LYS B 92 -57.59 18.16 -42.03
C LYS B 92 -58.05 16.78 -42.47
N ILE B 93 -59.10 16.74 -43.28
CA ILE B 93 -59.71 15.49 -43.70
C ILE B 93 -59.59 15.40 -45.21
N VAL B 94 -58.97 14.32 -45.70
CA VAL B 94 -58.91 14.01 -47.11
C VAL B 94 -59.73 12.75 -47.35
N LYS B 95 -60.70 12.83 -48.25
CA LYS B 95 -61.53 11.68 -48.58
C LYS B 95 -60.79 10.77 -49.57
N TRP B 96 -61.09 9.47 -49.48
CA TRP B 96 -60.58 8.52 -50.47
C TRP B 96 -61.37 8.67 -51.77
N ASP B 97 -60.70 9.13 -52.82
CA ASP B 97 -61.35 9.38 -54.11
C ASP B 97 -61.02 8.23 -55.06
N ARG B 98 -62.02 7.44 -55.40
CA ARG B 98 -61.84 6.31 -56.31
C ARG B 98 -62.50 6.55 -57.68
N MET C 1 10.41 20.41 10.99
CA MET C 1 11.59 20.43 11.84
C MET C 1 12.82 20.09 11.03
N ARG C 2 13.99 20.53 11.48
CA ARG C 2 15.24 20.08 10.88
C ARG C 2 15.47 18.62 11.30
N THR C 3 16.59 18.03 10.92
CA THR C 3 16.87 16.65 11.30
CA THR C 3 16.85 16.64 11.31
C THR C 3 17.32 16.58 12.76
N HIS C 4 16.84 15.58 13.49
CA HIS C 4 17.22 15.44 14.90
C HIS C 4 17.51 13.99 15.23
N SER C 5 18.24 13.76 16.31
CA SER C 5 18.59 12.38 16.62
C SER C 5 18.72 12.18 18.14
N LEU C 6 18.49 10.92 18.55
CA LEU C 6 18.65 10.48 19.93
C LEU C 6 19.59 9.29 19.90
N ARG C 7 20.59 9.29 20.77
CA ARG C 7 21.59 8.24 20.75
C ARG C 7 22.01 7.96 22.19
N TYR C 8 22.19 6.69 22.53
CA TYR C 8 22.80 6.31 23.81
C TYR C 8 24.07 5.53 23.53
N PHE C 9 25.16 5.86 24.23
CA PHE C 9 26.44 5.20 24.09
C PHE C 9 26.79 4.49 25.40
N HIS C 10 27.29 3.26 25.32
CA HIS C 10 27.94 2.57 26.45
C HIS C 10 29.44 2.44 26.17
N LEU C 11 30.26 2.59 27.23
CA LEU C 11 31.68 2.34 27.16
C LEU C 11 32.08 1.50 28.36
N GLY C 12 32.60 0.30 28.13
CA GLY C 12 33.17 -0.55 29.18
C GLY C 12 34.68 -0.65 28.99
N VAL C 13 35.42 -0.65 30.11
CA VAL C 13 36.86 -0.66 30.10
C VAL C 13 37.29 -1.74 31.07
N SER C 14 38.05 -2.72 30.61
CA SER C 14 38.57 -3.76 31.49
C SER C 14 39.87 -3.29 32.10
N ASP C 15 40.10 -3.65 33.36
CA ASP C 15 41.30 -3.28 34.10
C ASP C 15 41.62 -1.79 33.96
N PRO C 16 40.68 -0.89 34.27
CA PRO C 16 40.95 0.53 34.05
C PRO C 16 42.01 1.03 35.02
N ILE C 17 42.93 1.87 34.52
CA ILE C 17 43.86 2.51 35.44
C ILE C 17 43.10 3.53 36.28
N HIS C 18 43.72 3.92 37.39
CA HIS C 18 43.14 4.92 38.28
C HIS C 18 42.57 6.09 37.48
N GLY C 19 41.31 6.41 37.76
CA GLY C 19 40.63 7.53 37.12
C GLY C 19 39.52 7.11 36.17
N VAL C 20 39.78 6.10 35.34
CA VAL C 20 38.87 5.72 34.27
C VAL C 20 37.83 4.77 34.84
N PRO C 21 36.53 5.11 34.80
CA PRO C 21 35.50 4.16 35.24
C PRO C 21 35.51 2.88 34.43
N GLU C 22 35.07 1.79 35.07
CA GLU C 22 34.83 0.54 34.36
C GLU C 22 33.70 0.68 33.33
N PHE C 23 32.73 1.55 33.58
CA PHE C 23 31.57 1.63 32.69
C PHE C 23 31.02 3.05 32.70
N ILE C 24 30.67 3.56 31.50
CA ILE C 24 30.06 4.86 31.34
C ILE C 24 28.95 4.72 30.32
N SER C 25 27.84 5.43 30.53
CA SER C 25 26.78 5.48 29.52
C SER C 25 26.23 6.90 29.49
N VAL C 26 26.07 7.43 28.27
CA VAL C 26 25.71 8.83 28.06
C VAL C 26 24.71 8.87 26.92
N GLY C 27 23.63 9.64 27.10
CA GLY C 27 22.67 9.88 26.05
C GLY C 27 22.85 11.27 25.47
N TYR C 28 22.46 11.43 24.19
CA TYR C 28 22.52 12.72 23.50
C TYR C 28 21.22 12.92 22.74
N VAL C 29 20.77 14.17 22.67
CA VAL C 29 19.85 14.61 21.63
C VAL C 29 20.63 15.61 20.79
N ASP C 30 20.78 15.33 19.49
CA ASP C 30 21.64 16.09 18.58
C ASP C 30 23.04 16.12 19.22
N SER C 31 23.68 17.29 19.34
CA SER C 31 25.01 17.39 19.95
C SER C 31 24.96 17.54 21.47
N HIS C 32 23.79 17.49 22.08
CA HIS C 32 23.66 17.87 23.48
C HIS C 32 23.63 16.65 24.37
N PRO C 33 24.51 16.57 25.37
CA PRO C 33 24.35 15.51 26.39
C PRO C 33 23.05 15.71 27.15
N ILE C 34 22.29 14.63 27.30
CA ILE C 34 21.05 14.67 28.06
C ILE C 34 21.13 13.88 29.36
N THR C 35 21.89 12.77 29.39
CA THR C 35 21.92 11.86 30.53
C THR C 35 23.32 11.29 30.71
N THR C 36 23.63 10.91 31.96
CA THR C 36 24.92 10.29 32.26
C THR C 36 24.79 9.27 33.41
N TYR C 37 25.58 8.20 33.31
CA TYR C 37 25.66 7.13 34.30
C TYR C 37 27.08 6.61 34.27
N ASP C 38 27.63 6.28 35.44
CA ASP C 38 28.88 5.54 35.39
C ASP C 38 28.99 4.68 36.64
N SER C 39 29.98 3.79 36.61
CA SER C 39 30.24 2.78 37.61
C SER C 39 30.79 3.37 38.91
N VAL C 40 31.11 4.66 38.94
CA VAL C 40 31.52 5.30 40.19
C VAL C 40 30.32 5.88 40.91
N THR C 41 29.49 6.68 40.23
CA THR C 41 28.28 7.21 40.87
C THR C 41 27.21 6.13 41.02
N ARG C 42 27.18 5.16 40.11
CA ARG C 42 26.11 4.15 40.03
C ARG C 42 24.72 4.76 39.98
N GLN C 43 24.60 5.99 39.46
CA GLN C 43 23.34 6.73 39.36
C GLN C 43 23.19 7.36 37.98
N LYS C 44 21.99 7.28 37.41
CA LYS C 44 21.67 7.98 36.17
C LYS C 44 21.14 9.37 36.50
N GLU C 45 21.78 10.39 35.93
CA GLU C 45 21.49 11.79 36.21
C GLU C 45 21.24 12.56 34.92
N PRO C 46 20.46 13.63 34.98
CA PRO C 46 20.31 14.49 33.81
C PRO C 46 21.56 15.31 33.55
N ARG C 47 21.81 15.59 32.27
CA ARG C 47 22.91 16.44 31.85
CA ARG C 47 22.91 16.44 31.86
C ARG C 47 22.43 17.74 31.21
N ALA C 48 21.13 17.98 31.21
CA ALA C 48 20.53 19.16 30.62
C ALA C 48 19.46 19.65 31.56
N PRO C 49 19.33 20.95 31.73
CA PRO C 49 18.29 21.48 32.63
C PRO C 49 16.88 21.09 32.20
N TRP C 50 16.62 21.03 30.90
CA TRP C 50 15.27 20.69 30.44
C TRP C 50 14.93 19.22 30.54
N MET C 51 15.93 18.35 30.75
CA MET C 51 15.68 16.96 31.13
C MET C 51 15.29 16.88 32.61
N ALA C 52 16.06 17.55 33.47
CA ALA C 52 15.78 17.53 34.91
C ALA C 52 14.43 18.16 35.22
N GLU C 53 14.13 19.31 34.59
CA GLU C 53 12.86 20.01 34.81
C GLU C 53 11.65 19.19 34.40
N ASN C 54 11.78 18.29 33.44
CA ASN C 54 10.60 17.64 32.85
C ASN C 54 10.45 16.17 33.18
N LEU C 55 11.47 15.50 33.72
CA LEU C 55 11.37 14.09 34.05
C LEU C 55 11.44 13.92 35.56
N ALA C 56 10.45 13.24 36.13
CA ALA C 56 10.32 13.05 37.56
C ALA C 56 11.45 12.18 38.11
N PRO C 57 11.66 12.18 39.44
CA PRO C 57 12.65 11.26 40.03
C PRO C 57 12.35 9.80 39.78
N ASP C 58 11.09 9.45 39.55
CA ASP C 58 10.73 8.08 39.17
C ASP C 58 11.51 7.62 37.94
N HIS C 59 11.71 8.51 36.97
CA HIS C 59 12.41 8.18 35.73
C HIS C 59 13.88 7.82 36.00
N TRP C 60 14.59 8.66 36.77
CA TRP C 60 16.01 8.43 36.98
C TRP C 60 16.25 7.21 37.86
N GLU C 61 15.37 6.96 38.84
CA GLU C 61 15.52 5.77 39.69
C GLU C 61 15.39 4.50 38.86
N ARG C 62 14.43 4.46 37.96
CA ARG C 62 14.19 3.27 37.17
C ARG C 62 15.35 2.99 36.21
N TYR C 63 15.79 3.99 35.46
CA TYR C 63 16.91 3.73 34.55
C TYR C 63 18.23 3.56 35.29
N THR C 64 18.34 4.02 36.53
CA THR C 64 19.53 3.68 37.32
C THR C 64 19.65 2.17 37.48
N GLN C 65 18.53 1.50 37.73
CA GLN C 65 18.55 0.04 37.93
C GLN C 65 18.90 -0.68 36.64
N LEU C 66 18.33 -0.24 35.52
CA LEU C 66 18.65 -0.85 34.22
C LEU C 66 20.12 -0.68 33.87
N LEU C 67 20.67 0.51 34.08
CA LEU C 67 22.08 0.74 33.76
C LEU C 67 23.02 -0.05 34.68
N ARG C 68 22.66 -0.25 35.95
CA ARG C 68 23.45 -1.15 36.79
C ARG C 68 23.48 -2.55 36.18
N GLY C 69 22.36 -3.00 35.63
CA GLY C 69 22.35 -4.27 34.93
C GLY C 69 23.17 -4.25 33.64
N TRP C 70 23.08 -3.18 32.86
CA TRP C 70 23.92 -3.07 31.66
C TRP C 70 25.39 -3.09 32.01
N GLN C 71 25.75 -2.37 33.06
CA GLN C 71 27.13 -2.39 33.55
C GLN C 71 27.59 -3.82 33.80
N GLN C 72 26.77 -4.61 34.49
CA GLN C 72 27.18 -5.97 34.79
C GLN C 72 27.28 -6.79 33.51
N MET C 73 26.32 -6.65 32.59
CA MET C 73 26.42 -7.42 31.36
CA MET C 73 26.39 -7.38 31.33
C MET C 73 27.63 -6.99 30.53
N PHE C 74 27.97 -5.70 30.53
CA PHE C 74 29.17 -5.28 29.80
C PHE C 74 30.43 -5.85 30.41
N LYS C 75 30.50 -5.89 31.75
CA LYS C 75 31.67 -6.47 32.40
C LYS C 75 31.91 -7.90 31.92
N VAL C 76 30.83 -8.69 31.86
CA VAL C 76 30.93 -10.09 31.50
C VAL C 76 31.21 -10.28 30.01
N GLU C 77 30.50 -9.53 29.14
CA GLU C 77 30.76 -9.65 27.70
C GLU C 77 32.22 -9.35 27.38
N LEU C 78 32.78 -8.34 28.04
CA LEU C 78 34.15 -7.98 27.74
C LEU C 78 35.11 -9.06 28.19
N LYS C 79 34.79 -9.75 29.29
CA LYS C 79 35.59 -10.91 29.68
C LYS C 79 35.49 -12.01 28.64
N ARG C 80 34.28 -12.26 28.13
CA ARG C 80 34.11 -13.28 27.10
CA ARG C 80 34.12 -13.29 27.10
C ARG C 80 34.85 -12.90 25.82
N LEU C 81 34.81 -11.63 25.44
CA LEU C 81 35.49 -11.19 24.21
C LEU C 81 36.98 -11.37 24.32
N GLN C 82 37.57 -10.96 25.45
CA GLN C 82 39.00 -11.13 25.62
C GLN C 82 39.39 -12.60 25.60
N ARG C 83 38.53 -13.49 26.11
CA ARG C 83 38.82 -14.92 26.03
C ARG C 83 38.77 -15.40 24.57
N HIS C 84 37.80 -14.92 23.80
CA HIS C 84 37.73 -15.27 22.38
C HIS C 84 39.01 -14.90 21.64
N TYR C 85 39.51 -13.69 21.86
CA TYR C 85 40.71 -13.19 21.21
C TYR C 85 42.00 -13.56 21.90
N ASN C 86 41.95 -14.21 23.05
CA ASN C 86 43.12 -14.43 23.90
C ASN C 86 43.86 -13.11 24.15
N HIS C 87 43.11 -12.15 24.68
CA HIS C 87 43.64 -10.82 24.98
C HIS C 87 43.81 -10.65 26.48
N SER C 88 44.91 -10.05 26.87
CA SER C 88 45.12 -9.64 28.25
C SER C 88 45.16 -8.12 28.31
N GLY C 89 45.24 -7.61 29.52
CA GLY C 89 45.35 -6.18 29.69
C GLY C 89 44.01 -5.50 29.44
N SER C 90 44.07 -4.18 29.25
CA SER C 90 42.86 -3.37 29.23
C SER C 90 42.34 -3.23 27.81
N HIS C 91 41.05 -3.55 27.63
CA HIS C 91 40.39 -3.47 26.33
C HIS C 91 39.08 -2.72 26.50
N THR C 92 38.45 -2.31 25.38
CA THR C 92 37.24 -1.51 25.48
C THR C 92 36.12 -2.17 24.70
N TYR C 93 34.90 -1.94 25.16
CA TYR C 93 33.69 -2.41 24.51
C TYR C 93 32.72 -1.25 24.48
N GLN C 94 32.06 -1.03 23.34
CA GLN C 94 31.22 0.13 23.17
C GLN C 94 29.96 -0.30 22.46
N ARG C 95 28.86 0.38 22.76
CA ARG C 95 27.61 0.22 22.03
C ARG C 95 27.07 1.59 21.70
N MET C 96 26.38 1.69 20.57
CA MET C 96 25.68 2.92 20.23
C MET C 96 24.32 2.49 19.73
N ILE C 97 23.27 3.04 20.29
CA ILE C 97 21.93 2.80 19.77
C ILE C 97 21.24 4.15 19.62
N GLY C 98 20.38 4.27 18.60
CA GLY C 98 19.65 5.50 18.46
C GLY C 98 18.88 5.57 17.15
N CYS C 99 18.32 6.75 16.93
CA CYS C 99 17.42 6.97 15.81
C CYS C 99 17.51 8.43 15.40
N GLU C 100 17.02 8.70 14.19
CA GLU C 100 16.99 10.04 13.66
C GLU C 100 15.60 10.27 13.07
N LEU C 101 15.08 11.44 13.29
CA LEU C 101 13.86 11.92 12.65
C LEU C 101 14.34 12.95 11.63
N LEU C 102 14.18 12.63 10.35
CA LEU C 102 14.62 13.52 9.28
C LEU C 102 13.57 14.60 9.01
N GLU C 103 14.04 15.70 8.42
CA GLU C 103 13.16 16.75 7.89
C GLU C 103 11.97 16.20 7.10
N ASP C 104 12.24 15.35 6.09
CA ASP C 104 11.10 14.89 5.28
C ASP C 104 10.16 13.96 6.04
N GLY C 105 10.46 13.66 7.30
CA GLY C 105 9.59 12.85 8.13
C GLY C 105 9.93 11.38 8.13
N SER C 106 10.88 10.96 7.32
CA SER C 106 11.35 9.58 7.40
CA SER C 106 11.35 9.58 7.41
C SER C 106 12.26 9.42 8.63
N THR C 107 12.56 8.17 8.94
CA THR C 107 13.32 7.83 10.13
C THR C 107 14.44 6.88 9.79
N THR C 108 15.49 6.89 10.63
CA THR C 108 16.53 5.88 10.61
C THR C 108 16.76 5.41 12.04
N GLY C 109 17.33 4.22 12.16
CA GLY C 109 17.67 3.66 13.45
C GLY C 109 18.96 2.87 13.31
N PHE C 110 19.72 2.80 14.40
CA PHE C 110 21.01 2.15 14.31
C PHE C 110 21.34 1.56 15.68
N LEU C 111 22.12 0.48 15.64
CA LEU C 111 22.52 -0.26 16.84
C LEU C 111 23.78 -1.01 16.45
N GLN C 112 24.88 -0.74 17.15
CA GLN C 112 26.22 -1.13 16.76
C GLN C 112 27.06 -1.34 18.01
N TYR C 113 28.02 -2.25 17.90
CA TYR C 113 29.00 -2.51 18.95
C TYR C 113 30.38 -2.40 18.35
N ALA C 114 31.34 -1.98 19.19
CA ALA C 114 32.73 -1.91 18.78
C ALA C 114 33.60 -2.51 19.87
N TYR C 115 34.69 -3.13 19.46
CA TYR C 115 35.65 -3.71 20.39
C TYR C 115 36.98 -3.03 20.11
N ASP C 116 37.62 -2.50 21.15
CA ASP C 116 38.84 -1.71 21.00
C ASP C 116 38.70 -0.58 19.96
N GLY C 117 37.53 0.05 19.94
CA GLY C 117 37.34 1.23 19.10
C GLY C 117 37.04 0.95 17.64
N GLN C 118 36.86 -0.31 17.26
CA GLN C 118 36.68 -0.70 15.87
C GLN C 118 35.35 -1.44 15.71
N ASP C 119 34.70 -1.26 14.56
CA ASP C 119 33.43 -1.94 14.29
C ASP C 119 33.55 -3.42 14.60
N PHE C 120 32.52 -3.94 15.26
CA PHE C 120 32.47 -5.34 15.66
C PHE C 120 31.18 -6.00 15.16
N LEU C 121 30.03 -5.47 15.60
CA LEU C 121 28.71 -6.00 15.21
C LEU C 121 27.77 -4.84 14.86
N ILE C 122 27.14 -4.93 13.68
CA ILE C 122 26.24 -3.88 13.18
C ILE C 122 24.88 -4.51 12.90
N PHE C 123 23.84 -3.97 13.53
CA PHE C 123 22.49 -4.53 13.41
C PHE C 123 21.82 -3.98 12.16
N ASN C 124 21.19 -4.84 11.39
CA ASN C 124 20.35 -4.36 10.29
C ASN C 124 18.89 -4.66 10.59
N LYS C 125 18.16 -3.62 10.95
CA LYS C 125 16.79 -3.85 11.37
C LYS C 125 15.86 -4.16 10.17
N ASP C 126 16.35 -3.99 8.93
CA ASP C 126 15.55 -4.34 7.76
C ASP C 126 15.57 -5.82 7.43
N THR C 127 16.69 -6.51 7.65
CA THR C 127 16.68 -7.96 7.53
C THR C 127 16.74 -8.69 8.85
N LEU C 128 16.74 -7.97 9.98
CA LEU C 128 16.85 -8.59 11.30
C LEU C 128 18.09 -9.47 11.37
N SER C 129 19.23 -8.87 11.03
CA SER C 129 20.44 -9.65 11.13
C SER C 129 21.56 -8.76 11.63
N TRP C 130 22.60 -9.43 12.08
CA TRP C 130 23.80 -8.75 12.54
C TRP C 130 24.92 -8.97 11.54
N LEU C 131 25.61 -7.90 11.17
CA LEU C 131 26.83 -7.99 10.39
C LEU C 131 28.03 -8.11 11.33
N ALA C 132 28.85 -9.15 11.14
CA ALA C 132 30.01 -9.44 11.97
C ALA C 132 31.29 -9.13 11.20
N VAL C 133 32.27 -8.51 11.87
CA VAL C 133 33.50 -8.18 11.15
C VAL C 133 34.49 -9.34 11.07
N ASP C 134 34.40 -10.32 11.95
CA ASP C 134 35.37 -11.42 11.96
C ASP C 134 34.71 -12.64 12.58
N ASN C 135 35.48 -13.73 12.72
CA ASN C 135 34.92 -14.97 13.22
C ASN C 135 34.48 -14.87 14.69
N VAL C 136 35.13 -14.01 15.48
CA VAL C 136 34.69 -13.87 16.87
C VAL C 136 33.31 -13.22 16.92
N ALA C 137 33.16 -12.09 16.25
CA ALA C 137 31.85 -11.45 16.12
C ALA C 137 30.84 -12.39 15.47
N HIS C 138 31.27 -13.23 14.52
CA HIS C 138 30.36 -14.19 13.90
C HIS C 138 29.75 -15.14 14.93
N THR C 139 30.55 -15.58 15.92
CA THR C 139 30.03 -16.45 16.98
C THR C 139 28.91 -15.75 17.75
N ILE C 140 29.08 -14.46 18.07
CA ILE C 140 28.05 -13.73 18.80
C ILE C 140 26.83 -13.49 17.92
N LYS C 141 27.04 -13.09 16.67
CA LYS C 141 25.96 -12.97 15.69
C LYS C 141 25.04 -14.20 15.72
N GLN C 142 25.62 -15.41 15.73
CA GLN C 142 24.79 -16.63 15.63
C GLN C 142 23.87 -16.77 16.84
N ALA C 143 24.41 -16.58 18.04
CA ALA C 143 23.58 -16.66 19.24
C ALA C 143 22.44 -15.65 19.20
N TRP C 144 22.76 -14.38 18.89
CA TRP C 144 21.73 -13.34 18.87
C TRP C 144 20.70 -13.59 17.78
N GLU C 145 21.15 -14.03 16.60
CA GLU C 145 20.23 -14.26 15.49
C GLU C 145 19.29 -15.45 15.75
N ALA C 146 19.67 -16.37 16.62
CA ALA C 146 18.78 -17.45 17.03
C ALA C 146 17.66 -17.00 17.97
N ASN C 147 17.67 -15.77 18.48
CA ASN C 147 16.56 -15.27 19.31
C ASN C 147 15.72 -14.30 18.49
N GLN C 148 14.79 -14.85 17.71
CA GLN C 148 13.97 -14.07 16.80
C GLN C 148 13.20 -12.96 17.53
N HIS C 149 12.58 -13.27 18.67
CA HIS C 149 11.80 -12.27 19.39
C HIS C 149 12.63 -11.07 19.79
N GLU C 150 13.88 -11.31 20.24
CA GLU C 150 14.70 -10.18 20.63
C GLU C 150 15.03 -9.28 19.44
N LEU C 151 15.26 -9.88 18.26
CA LEU C 151 15.49 -9.05 17.07
C LEU C 151 14.27 -8.18 16.79
N LEU C 152 13.07 -8.76 16.89
CA LEU C 152 11.84 -7.99 16.65
C LEU C 152 11.69 -6.87 17.66
N TYR C 153 11.97 -7.18 18.94
CA TYR C 153 11.96 -6.17 19.98
C TYR C 153 12.92 -5.02 19.64
N GLN C 154 14.12 -5.33 19.16
CA GLN C 154 15.05 -4.24 18.82
C GLN C 154 14.55 -3.39 17.65
N LYS C 155 14.00 -4.03 16.62
CA LYS C 155 13.44 -3.28 15.50
C LYS C 155 12.35 -2.33 15.97
N ASN C 156 11.44 -2.83 16.81
CA ASN C 156 10.37 -1.99 17.32
C ASN C 156 10.89 -0.82 18.14
N TRP C 157 11.90 -1.07 18.98
CA TRP C 157 12.43 0.02 19.78
C TRP C 157 13.03 1.10 18.88
N LEU C 158 13.83 0.70 17.89
CA LEU C 158 14.47 1.67 17.01
C LEU C 158 13.44 2.46 16.21
N GLU C 159 12.38 1.76 15.74
CA GLU C 159 11.47 2.41 14.81
C GLU C 159 10.34 3.17 15.50
N GLU C 160 9.88 2.73 16.67
CA GLU C 160 8.74 3.36 17.33
C GLU C 160 9.14 4.06 18.63
N GLU C 161 9.72 3.29 19.58
CA GLU C 161 9.99 3.82 20.92
C GLU C 161 11.04 4.92 20.88
N CYS C 162 12.17 4.67 20.22
CA CYS C 162 13.23 5.68 20.15
C CYS C 162 12.71 6.97 19.54
N ILE C 163 11.93 6.87 18.47
CA ILE C 163 11.40 8.08 17.84
C ILE C 163 10.43 8.80 18.77
N ALA C 164 9.59 8.05 19.51
CA ALA C 164 8.69 8.71 20.43
C ALA C 164 9.45 9.38 21.57
N TRP C 165 10.49 8.74 22.10
CA TRP C 165 11.35 9.41 23.09
C TRP C 165 11.95 10.68 22.51
N LEU C 166 12.42 10.63 21.27
CA LEU C 166 13.09 11.77 20.67
C LEU C 166 12.12 12.94 20.55
N LYS C 167 10.90 12.67 20.10
CA LYS C 167 9.92 13.75 19.96
C LYS C 167 9.59 14.35 21.32
N ARG C 168 9.52 13.52 22.35
CA ARG C 168 9.25 13.99 23.71
C ARG C 168 10.39 14.85 24.21
N PHE C 169 11.63 14.40 24.01
CA PHE C 169 12.77 15.21 24.45
C PHE C 169 12.91 16.47 23.61
N LEU C 170 12.51 16.41 22.32
CA LEU C 170 12.61 17.60 21.49
CA LEU C 170 12.59 17.59 21.46
C LEU C 170 11.69 18.70 21.97
N GLU C 171 10.53 18.35 22.51
CA GLU C 171 9.62 19.35 23.04
C GLU C 171 10.15 19.91 24.36
N TYR C 172 10.60 19.03 25.26
CA TYR C 172 11.23 19.48 26.51
C TYR C 172 12.29 20.55 26.26
N GLY C 173 13.19 20.31 25.31
CA GLY C 173 14.31 21.20 25.11
C GLY C 173 14.16 22.12 23.92
N LYS C 174 12.92 22.38 23.52
CA LYS C 174 12.65 23.08 22.27
C LYS C 174 13.31 24.45 22.23
N ASP C 175 13.35 25.16 23.37
CA ASP C 175 13.95 26.50 23.44
C ASP C 175 15.43 26.49 23.13
N THR C 176 16.10 25.35 23.35
CA THR C 176 17.50 25.13 22.99
C THR C 176 17.63 24.48 21.62
N LEU C 177 16.96 23.34 21.42
CA LEU C 177 17.21 22.46 20.28
C LEU C 177 16.58 22.96 19.01
N GLN C 178 15.51 23.74 19.09
CA GLN C 178 14.84 24.22 17.88
C GLN C 178 15.13 25.68 17.57
N ARG C 179 16.00 26.32 18.33
CA ARG C 179 16.31 27.73 18.06
C ARG C 179 17.24 27.87 16.85
N THR C 180 17.44 29.11 16.41
CA THR C 180 18.37 29.39 15.33
C THR C 180 19.19 30.61 15.69
N GLU C 181 20.50 30.49 15.64
CA GLU C 181 21.37 31.65 15.81
C GLU C 181 22.14 31.79 14.51
N PRO C 182 21.89 32.83 13.71
CA PRO C 182 22.50 32.88 12.38
C PRO C 182 23.99 33.15 12.48
N PRO C 183 24.76 32.70 11.50
CA PRO C 183 26.21 32.93 11.57
C PRO C 183 26.60 34.38 11.29
N LEU C 184 27.65 34.81 11.97
CA LEU C 184 28.42 36.00 11.63
C LEU C 184 29.54 35.55 10.70
N VAL C 185 29.63 36.13 9.49
CA VAL C 185 30.54 35.62 8.48
C VAL C 185 31.38 36.75 7.92
N ARG C 186 32.67 36.49 7.72
CA ARG C 186 33.57 37.49 7.19
C ARG C 186 34.55 36.81 6.23
N VAL C 187 35.14 37.60 5.34
N VAL C 187 35.13 37.59 5.33
CA VAL C 187 36.17 37.12 4.44
CA VAL C 187 36.18 37.10 4.46
C VAL C 187 37.44 37.91 4.69
C VAL C 187 37.44 37.91 4.74
N ASN C 188 38.55 37.22 4.90
CA ASN C 188 39.84 37.83 5.14
C ASN C 188 40.77 37.49 3.99
N ARG C 189 41.56 38.46 3.56
CA ARG C 189 42.48 38.30 2.46
C ARG C 189 43.88 38.68 2.90
N LYS C 190 44.88 37.92 2.45
CA LYS C 190 46.25 38.17 2.90
C LYS C 190 47.23 37.57 1.90
N GLU C 191 48.26 38.32 1.54
CA GLU C 191 49.33 37.70 0.76
C GLU C 191 50.24 36.94 1.72
N THR C 192 50.48 35.66 1.43
CA THR C 192 51.17 34.81 2.40
C THR C 192 52.57 34.57 1.89
N PHE C 193 52.92 33.37 1.47
CA PHE C 193 54.12 33.18 0.67
C PHE C 193 54.09 34.15 -0.51
N PRO C 194 55.25 34.70 -0.93
CA PRO C 194 55.28 35.66 -2.05
C PRO C 194 54.51 35.21 -3.28
N GLY C 195 53.54 36.04 -3.70
CA GLY C 195 52.70 35.72 -4.83
C GLY C 195 51.55 34.79 -4.53
N VAL C 196 51.33 34.40 -3.27
CA VAL C 196 50.26 33.47 -2.93
C VAL C 196 49.31 34.16 -1.95
N THR C 197 48.11 34.45 -2.42
CA THR C 197 47.09 35.12 -1.62
C THR C 197 46.08 34.10 -1.12
N ALA C 198 45.89 34.08 0.21
CA ALA C 198 44.93 33.20 0.87
C ALA C 198 43.66 33.97 1.17
N LEU C 199 42.51 33.37 0.84
CA LEU C 199 41.20 33.87 1.23
C LEU C 199 40.58 32.93 2.24
N PHE C 200 40.20 33.45 3.41
CA PHE C 200 39.53 32.70 4.47
C PHE C 200 38.11 33.21 4.60
N CYS C 201 37.13 32.30 4.50
CA CYS C 201 35.74 32.61 4.81
C CYS C 201 35.48 32.01 6.18
N LYS C 202 35.21 32.86 7.19
CA LYS C 202 35.14 32.39 8.56
C LYS C 202 33.76 32.70 9.13
N ALA C 203 33.15 31.69 9.76
CA ALA C 203 31.83 31.81 10.35
C ALA C 203 31.89 31.52 11.84
N HIS C 204 31.11 32.26 12.63
CA HIS C 204 31.04 31.95 14.05
C HIS C 204 29.72 32.43 14.61
N GLY C 205 29.41 31.96 15.82
CA GLY C 205 28.19 32.40 16.50
C GLY C 205 26.92 31.71 16.07
N PHE C 206 26.99 30.58 15.38
CA PHE C 206 25.79 30.00 14.81
C PHE C 206 25.36 28.76 15.58
N TYR C 207 24.05 28.48 15.48
CA TYR C 207 23.40 27.30 16.05
C TYR C 207 22.16 27.09 15.17
N PRO C 208 21.89 25.86 14.71
CA PRO C 208 22.61 24.59 14.97
C PRO C 208 23.97 24.51 14.25
N PRO C 209 24.80 23.52 14.65
CA PRO C 209 26.16 23.43 14.09
C PRO C 209 26.20 23.10 12.59
N GLU C 210 25.16 22.51 12.04
CA GLU C 210 25.15 22.19 10.62
C GLU C 210 25.19 23.48 9.79
N ILE C 211 26.25 23.64 9.01
CA ILE C 211 26.45 24.80 8.15
C ILE C 211 27.16 24.32 6.90
N TYR C 212 26.83 24.93 5.77
CA TYR C 212 27.50 24.67 4.49
CA TYR C 212 27.51 24.66 4.50
C TYR C 212 28.27 25.91 4.08
N MET C 213 29.54 25.74 3.75
CA MET C 213 30.39 26.85 3.32
C MET C 213 31.17 26.37 2.12
N THR C 214 31.25 27.21 1.10
CA THR C 214 32.08 26.85 -0.04
C THR C 214 32.52 28.12 -0.74
N TRP C 215 33.45 27.96 -1.66
CA TRP C 215 34.00 29.06 -2.43
C TRP C 215 33.64 28.85 -3.89
N MET C 216 33.15 29.90 -4.53
CA MET C 216 32.83 29.84 -5.95
CA MET C 216 32.79 29.87 -5.95
C MET C 216 33.67 30.85 -6.72
N LYS C 217 33.91 30.53 -8.00
CA LYS C 217 34.72 31.36 -8.89
C LYS C 217 33.84 31.75 -10.07
N ASN C 218 33.70 33.05 -10.30
CA ASN C 218 32.82 33.56 -11.37
C ASN C 218 31.42 32.97 -11.29
N GLY C 219 30.97 32.66 -10.07
CA GLY C 219 29.63 32.16 -9.88
C GLY C 219 29.44 30.68 -10.09
N GLU C 220 30.50 29.93 -10.35
CA GLU C 220 30.42 28.48 -10.50
C GLU C 220 31.41 27.77 -9.58
N GLU C 221 31.21 26.46 -9.46
CA GLU C 221 32.02 25.62 -8.58
C GLU C 221 33.52 25.78 -8.86
N ILE C 222 34.30 25.87 -7.78
CA ILE C 222 35.75 25.82 -7.85
C ILE C 222 36.18 24.44 -8.34
N VAL C 223 37.42 24.35 -8.84
CA VAL C 223 38.09 23.07 -9.03
C VAL C 223 39.42 22.99 -8.29
N GLN C 224 39.85 24.04 -7.60
CA GLN C 224 41.12 24.03 -6.89
C GLN C 224 40.94 23.50 -5.46
N GLU C 225 42.07 23.33 -4.77
CA GLU C 225 42.08 22.91 -3.36
C GLU C 225 41.28 23.89 -2.49
N ILE C 226 40.24 23.38 -1.82
CA ILE C 226 39.56 24.12 -0.75
C ILE C 226 39.90 23.43 0.56
N ASP C 227 40.34 24.21 1.54
CA ASP C 227 40.60 23.71 2.89
CA ASP C 227 40.62 23.72 2.89
C ASP C 227 39.42 24.04 3.77
N TYR C 228 38.98 23.07 4.57
CA TYR C 228 37.83 23.24 5.45
C TYR C 228 38.22 23.19 6.91
N GLY C 229 37.74 24.15 7.69
CA GLY C 229 37.90 24.06 9.13
C GLY C 229 36.81 23.19 9.74
N ASP C 230 37.17 22.49 10.81
CA ASP C 230 36.16 21.74 11.53
C ASP C 230 35.09 22.68 12.09
N ILE C 231 33.89 22.15 12.28
CA ILE C 231 32.85 22.88 13.01
C ILE C 231 33.16 22.68 14.50
N LEU C 232 33.53 23.73 15.18
CA LEU C 232 34.05 23.66 16.55
C LEU C 232 33.12 24.38 17.51
N PRO C 233 32.92 23.82 18.72
CA PRO C 233 32.10 24.51 19.72
C PRO C 233 32.87 25.67 20.31
N SER C 234 32.21 26.82 20.41
CA SER C 234 32.83 28.03 20.91
C SER C 234 32.76 28.15 22.43
N GLY C 235 31.98 27.30 23.10
CA GLY C 235 31.91 27.28 24.53
C GLY C 235 30.67 27.91 25.10
N ASP C 236 29.90 28.65 24.29
CA ASP C 236 28.71 29.35 24.72
C ASP C 236 27.43 28.77 24.11
N GLY C 237 27.48 27.54 23.58
CA GLY C 237 26.35 26.95 22.88
C GLY C 237 26.31 27.19 21.38
N THR C 238 27.20 28.02 20.83
CA THR C 238 27.29 28.25 19.39
C THR C 238 28.57 27.66 18.84
N TYR C 239 28.71 27.73 17.51
CA TYR C 239 29.77 27.02 16.80
C TYR C 239 30.48 27.97 15.84
N GLN C 240 31.65 27.55 15.37
CA GLN C 240 32.44 28.34 14.43
C GLN C 240 33.07 27.39 13.41
N ALA C 241 33.34 27.92 12.22
CA ALA C 241 33.90 27.09 11.16
C ALA C 241 34.48 28.02 10.09
N TRP C 242 35.25 27.46 9.15
CA TRP C 242 35.82 28.28 8.08
C TRP C 242 36.13 27.43 6.87
N ALA C 243 36.35 28.11 5.74
CA ALA C 243 36.84 27.49 4.53
C ALA C 243 37.78 28.45 3.81
N SER C 244 38.80 27.92 3.17
CA SER C 244 39.79 28.82 2.60
C SER C 244 40.25 28.28 1.25
N ILE C 245 40.75 29.20 0.41
CA ILE C 245 41.30 28.90 -0.91
C ILE C 245 42.46 29.82 -1.17
N GLU C 246 43.20 29.54 -2.25
CA GLU C 246 44.21 30.44 -2.79
C GLU C 246 43.60 31.19 -3.98
N LEU C 247 43.73 32.50 -3.98
CA LEU C 247 43.24 33.29 -5.10
C LEU C 247 44.21 33.13 -6.26
N ASP C 248 43.67 32.92 -7.46
CA ASP C 248 44.49 32.77 -8.66
C ASP C 248 45.22 34.07 -8.99
N PRO C 249 46.57 34.09 -8.95
CA PRO C 249 47.37 35.31 -9.18
C PRO C 249 47.04 36.03 -10.48
N ASN C 253 38.93 34.57 -11.26
CA ASN C 253 38.99 36.02 -11.27
C ASN C 253 38.12 36.65 -10.16
N LEU C 254 36.82 36.32 -10.12
CA LEU C 254 35.88 36.86 -9.14
C LEU C 254 35.46 35.74 -8.18
N TYR C 255 35.90 35.84 -6.93
CA TYR C 255 35.59 34.80 -5.94
C TYR C 255 34.49 35.25 -4.99
N SER C 256 33.71 34.29 -4.51
CA SER C 256 32.71 34.59 -3.51
C SER C 256 32.59 33.41 -2.57
N CYS C 257 32.36 33.71 -1.28
CA CYS C 257 32.09 32.70 -0.28
C CYS C 257 30.59 32.52 -0.15
N HIS C 258 30.13 31.29 -0.19
CA HIS C 258 28.71 30.97 -0.05
C HIS C 258 28.46 30.20 1.24
N VAL C 259 27.51 30.68 2.03
CA VAL C 259 27.18 30.06 3.32
C VAL C 259 25.69 29.80 3.36
N GLU C 260 25.31 28.56 3.69
CA GLU C 260 23.92 28.22 3.90
C GLU C 260 23.72 27.75 5.34
N HIS C 261 22.74 28.33 6.02
CA HIS C 261 22.51 27.96 7.41
C HIS C 261 21.03 28.07 7.69
N SER C 262 20.44 26.96 8.13
CA SER C 262 19.04 26.93 8.56
CA SER C 262 19.05 26.95 8.58
C SER C 262 18.10 27.63 7.58
N GLY C 263 18.23 27.27 6.30
CA GLY C 263 17.34 27.83 5.28
C GLY C 263 17.62 29.25 4.83
N VAL C 264 18.75 29.83 5.20
CA VAL C 264 19.16 31.15 4.75
C VAL C 264 20.46 31.00 3.99
N HIS C 265 20.54 31.58 2.79
CA HIS C 265 21.78 31.57 2.01
CA HIS C 265 21.76 31.58 1.99
C HIS C 265 22.44 32.95 2.09
N MET C 266 23.75 32.95 2.12
CA MET C 266 24.50 34.19 2.22
CA MET C 266 24.52 34.19 2.24
C MET C 266 25.64 34.13 1.23
N VAL C 267 25.91 35.26 0.57
CA VAL C 267 27.02 35.37 -0.38
C VAL C 267 27.89 36.53 0.05
N LEU C 268 29.20 36.32 0.05
CA LEU C 268 30.17 37.37 0.38
C LEU C 268 31.14 37.45 -0.80
N GLN C 269 31.03 38.54 -1.57
CA GLN C 269 31.82 38.68 -2.78
CA GLN C 269 31.82 38.71 -2.79
C GLN C 269 33.16 39.33 -2.43
N VAL C 270 34.24 38.78 -2.96
CA VAL C 270 35.57 39.33 -2.74
C VAL C 270 35.81 40.41 -3.79
N PRO C 271 36.07 41.67 -3.39
CA PRO C 271 36.37 42.75 -4.34
C PRO C 271 37.76 42.63 -4.98
N GLN D 3 -2.09 3.84 33.21
CA GLN D 3 -1.90 2.74 32.26
C GLN D 3 -2.81 1.59 32.66
N ASN D 4 -3.43 0.93 31.67
CA ASN D 4 -4.48 -0.04 31.95
C ASN D 4 -4.39 -1.21 30.97
N ILE D 5 -4.66 -2.40 31.48
CA ILE D 5 -4.72 -3.63 30.69
C ILE D 5 -6.04 -4.30 31.01
N ASP D 6 -6.80 -4.68 30.00
CA ASP D 6 -8.13 -5.24 30.23
C ASP D 6 -8.28 -6.55 29.50
N GLN D 7 -8.70 -7.58 30.22
CA GLN D 7 -9.06 -8.83 29.56
C GLN D 7 -10.29 -9.33 30.29
N PRO D 8 -11.14 -10.14 29.66
CA PRO D 8 -12.36 -10.59 30.35
C PRO D 8 -12.02 -11.37 31.62
N THR D 9 -12.93 -11.30 32.61
CA THR D 9 -12.71 -12.05 33.85
C THR D 9 -12.78 -13.55 33.61
N GLU D 10 -13.75 -13.98 32.80
CA GLU D 10 -14.02 -15.39 32.62
C GLU D 10 -14.55 -15.62 31.21
N MET D 11 -14.22 -16.78 30.65
CA MET D 11 -14.81 -17.23 29.40
C MET D 11 -15.10 -18.72 29.52
N THR D 12 -16.18 -19.15 28.85
CA THR D 12 -16.58 -20.54 28.80
C THR D 12 -16.75 -20.94 27.34
N ALA D 13 -16.18 -22.07 26.96
CA ALA D 13 -16.33 -22.60 25.61
C ALA D 13 -16.38 -24.12 25.72
N THR D 14 -16.67 -24.76 24.60
CA THR D 14 -16.93 -26.19 24.57
C THR D 14 -15.73 -26.97 24.05
N GLU D 15 -15.52 -28.14 24.65
CA GLU D 15 -14.46 -29.06 24.27
C GLU D 15 -14.51 -29.30 22.77
N GLY D 16 -13.33 -29.25 22.15
CA GLY D 16 -13.20 -29.42 20.71
C GLY D 16 -13.42 -28.17 19.89
N ALA D 17 -13.97 -27.10 20.47
CA ALA D 17 -14.20 -25.88 19.71
C ALA D 17 -13.02 -24.93 19.83
N ILE D 18 -13.28 -23.64 19.68
CA ILE D 18 -12.27 -22.59 19.60
CA ILE D 18 -12.23 -22.63 19.68
C ILE D 18 -12.61 -21.50 20.61
N VAL D 19 -11.58 -20.83 21.13
CA VAL D 19 -11.83 -19.67 21.96
C VAL D 19 -10.74 -18.61 21.70
N GLN D 20 -11.17 -17.34 21.75
CA GLN D 20 -10.34 -16.18 21.49
C GLN D 20 -10.40 -15.29 22.73
N ILE D 21 -9.27 -15.14 23.43
CA ILE D 21 -9.20 -14.31 24.63
C ILE D 21 -8.57 -12.97 24.28
N ASN D 22 -9.34 -11.89 24.41
CA ASN D 22 -8.87 -10.57 24.02
C ASN D 22 -8.13 -9.89 25.19
N CYS D 23 -7.18 -9.02 24.83
CA CYS D 23 -6.47 -8.20 25.80
C CYS D 23 -6.26 -6.84 25.16
N THR D 24 -6.78 -5.78 25.76
CA THR D 24 -6.47 -4.45 25.25
C THR D 24 -5.65 -3.69 26.28
N TYR D 25 -4.77 -2.83 25.80
CA TYR D 25 -3.86 -2.13 26.70
C TYR D 25 -3.82 -0.65 26.32
N GLN D 26 -3.69 0.20 27.31
CA GLN D 26 -3.44 1.63 27.11
C GLN D 26 -2.20 1.96 27.94
N THR D 27 -1.07 2.17 27.27
CA THR D 27 0.17 2.35 27.99
C THR D 27 0.95 3.53 27.47
N SER D 28 1.77 4.09 28.34
CA SER D 28 2.78 5.03 27.90
C SER D 28 3.95 4.19 27.40
N GLY D 29 3.98 4.00 26.07
CA GLY D 29 5.00 3.23 25.39
C GLY D 29 4.68 1.75 25.34
N PHE D 30 5.46 1.04 24.51
CA PHE D 30 5.17 -0.37 24.25
C PHE D 30 6.44 -1.12 23.85
N ASN D 31 6.76 -2.17 24.58
CA ASN D 31 7.94 -2.97 24.29
C ASN D 31 7.61 -4.45 24.23
N GLY D 32 6.33 -4.80 24.11
CA GLY D 32 5.97 -6.18 23.91
C GLY D 32 4.77 -6.58 24.75
N LEU D 33 4.09 -7.64 24.30
CA LEU D 33 2.93 -8.18 24.99
C LEU D 33 3.17 -9.66 25.20
N PHE D 34 3.01 -10.12 26.44
CA PHE D 34 3.21 -11.50 26.86
C PHE D 34 1.88 -12.16 27.20
N TRP D 35 1.79 -13.46 26.96
CA TRP D 35 0.75 -14.29 27.53
C TRP D 35 1.35 -15.40 28.38
N TYR D 36 0.75 -15.61 29.55
CA TYR D 36 1.12 -16.69 30.46
C TYR D 36 -0.10 -17.54 30.70
N GLN D 37 0.12 -18.85 30.88
CA GLN D 37 -0.91 -19.78 31.36
C GLN D 37 -0.68 -20.05 32.84
N GLN D 38 -1.75 -20.04 33.63
CA GLN D 38 -1.65 -20.35 35.05
C GLN D 38 -2.77 -21.32 35.42
N HIS D 39 -2.42 -22.60 35.53
CA HIS D 39 -3.35 -23.57 36.08
C HIS D 39 -3.59 -23.30 37.56
N ALA D 40 -4.78 -23.74 38.02
CA ALA D 40 -5.21 -23.47 39.38
C ALA D 40 -4.20 -24.02 40.38
N GLY D 41 -3.83 -23.20 41.34
CA GLY D 41 -2.86 -23.59 42.34
C GLY D 41 -1.43 -23.72 41.86
N GLU D 42 -1.14 -23.42 40.59
CA GLU D 42 0.22 -23.56 40.06
C GLU D 42 0.80 -22.19 39.68
N ALA D 43 2.07 -22.21 39.24
CA ALA D 43 2.80 -21.04 38.80
C ALA D 43 2.40 -20.67 37.37
N PRO D 44 2.39 -19.39 37.01
CA PRO D 44 2.23 -19.03 35.60
C PRO D 44 3.42 -19.52 34.79
N THR D 45 3.18 -19.86 33.52
CA THR D 45 4.23 -20.28 32.62
C THR D 45 4.08 -19.55 31.29
N PHE D 46 5.21 -19.21 30.69
CA PHE D 46 5.19 -18.33 29.52
C PHE D 46 4.57 -19.07 28.33
N LEU D 47 3.69 -18.38 27.61
CA LEU D 47 3.07 -18.88 26.38
C LEU D 47 3.58 -18.20 25.14
N SER D 48 3.56 -16.87 25.10
CA SER D 48 3.87 -16.21 23.85
C SER D 48 4.35 -14.80 24.11
N TYR D 49 5.01 -14.25 23.10
CA TYR D 49 5.42 -12.85 23.06
C TYR D 49 5.16 -12.29 21.68
N ASN D 50 4.53 -11.12 21.61
CA ASN D 50 4.40 -10.42 20.34
C ASN D 50 4.87 -9.00 20.53
N VAL D 51 5.54 -8.44 19.54
CA VAL D 51 5.89 -7.02 19.66
C VAL D 51 5.67 -6.26 18.35
N LEU D 52 5.71 -6.96 17.21
CA LEU D 52 5.29 -6.38 15.93
C LEU D 52 3.96 -6.98 15.51
N ASP D 53 3.36 -6.40 14.46
CA ASP D 53 2.04 -6.85 14.03
C ASP D 53 2.10 -8.24 13.42
N GLY D 54 1.13 -9.07 13.78
CA GLY D 54 0.96 -10.35 13.14
C GLY D 54 0.47 -11.41 14.10
N LEU D 55 0.52 -12.64 13.62
CA LEU D 55 -0.01 -13.81 14.30
C LEU D 55 1.08 -14.86 14.34
N GLU D 56 1.39 -15.36 15.54
CA GLU D 56 2.36 -16.44 15.70
C GLU D 56 1.65 -17.66 16.26
N GLU D 57 1.83 -18.79 15.61
CA GLU D 57 1.22 -20.05 16.00
C GLU D 57 2.24 -20.94 16.72
N LYS D 58 1.82 -21.54 17.83
CA LYS D 58 2.64 -22.49 18.60
C LYS D 58 1.73 -23.64 19.02
N GLY D 59 1.73 -24.71 18.22
CA GLY D 59 0.82 -25.81 18.53
C GLY D 59 -0.61 -25.36 18.31
N ARG D 60 -1.46 -25.60 19.31
CA ARG D 60 -2.87 -25.25 19.24
C ARG D 60 -3.11 -23.80 19.63
N PHE D 61 -2.07 -23.11 20.07
CA PHE D 61 -2.16 -21.75 20.57
C PHE D 61 -1.57 -20.80 19.54
N SER D 62 -2.28 -19.71 19.26
CA SER D 62 -1.80 -18.65 18.39
C SER D 62 -1.95 -17.35 19.15
N SER D 63 -1.01 -16.42 18.97
CA SER D 63 -1.11 -15.11 19.58
CA SER D 63 -1.12 -15.12 19.58
C SER D 63 -1.00 -14.04 18.52
N PHE D 64 -1.92 -13.08 18.58
CA PHE D 64 -2.07 -12.02 17.60
C PHE D 64 -1.82 -10.68 18.26
N LEU D 65 -1.24 -9.74 17.52
CA LEU D 65 -1.05 -8.38 18.00
C LEU D 65 -1.39 -7.38 16.89
N SER D 66 -2.15 -6.36 17.25
CA SER D 66 -2.30 -5.14 16.44
C SER D 66 -1.79 -3.97 17.27
N ARG D 67 -0.64 -3.43 16.88
CA ARG D 67 -0.08 -2.30 17.61
C ARG D 67 -0.94 -1.05 17.45
N SER D 68 -1.55 -0.87 16.28
CA SER D 68 -2.34 0.32 16.01
C SER D 68 -3.64 0.36 16.82
N LYS D 69 -4.21 -0.79 17.13
CA LYS D 69 -5.38 -0.83 17.98
C LYS D 69 -5.07 -1.11 19.45
N GLY D 70 -3.84 -1.46 19.79
CA GLY D 70 -3.51 -1.72 21.18
C GLY D 70 -4.29 -2.91 21.67
N TYR D 71 -4.17 -4.00 20.92
CA TYR D 71 -5.07 -5.13 21.04
C TYR D 71 -4.28 -6.41 20.76
N SER D 72 -4.47 -7.44 21.58
CA SER D 72 -3.90 -8.75 21.29
C SER D 72 -4.97 -9.78 21.57
N TYR D 73 -4.90 -10.94 20.92
CA TYR D 73 -5.70 -12.04 21.43
C TYR D 73 -4.85 -13.30 21.48
N LEU D 74 -5.28 -14.20 22.36
CA LEU D 74 -4.80 -15.56 22.46
C LEU D 74 -5.89 -16.49 21.96
N LEU D 75 -5.58 -17.27 20.93
CA LEU D 75 -6.54 -18.12 20.24
C LEU D 75 -6.19 -19.57 20.53
N LEU D 76 -7.12 -20.31 21.12
CA LEU D 76 -6.92 -21.73 21.38
C LEU D 76 -7.87 -22.54 20.51
N LYS D 77 -7.34 -23.49 19.75
CA LYS D 77 -8.11 -24.35 18.86
C LYS D 77 -8.18 -25.76 19.42
N GLU D 78 -9.18 -26.51 18.96
CA GLU D 78 -9.43 -27.89 19.38
C GLU D 78 -9.29 -28.00 20.91
N LEU D 79 -10.09 -27.18 21.58
CA LEU D 79 -10.04 -27.04 23.03
C LEU D 79 -10.12 -28.39 23.72
N GLN D 80 -9.28 -28.55 24.75
CA GLN D 80 -9.23 -29.75 25.58
C GLN D 80 -9.51 -29.37 27.02
N MET D 81 -9.98 -30.34 27.80
CA MET D 81 -10.26 -30.05 29.21
C MET D 81 -9.03 -29.49 29.91
N LYS D 82 -7.83 -29.95 29.54
CA LYS D 82 -6.62 -29.48 30.19
C LYS D 82 -6.30 -28.02 29.88
N ASP D 83 -7.08 -27.38 29.01
CA ASP D 83 -6.93 -25.96 28.72
C ASP D 83 -7.59 -25.07 29.77
N SER D 84 -8.41 -25.66 30.64
CA SER D 84 -8.94 -24.95 31.80
C SER D 84 -7.81 -24.42 32.65
N ALA D 85 -7.78 -23.10 32.82
CA ALA D 85 -6.67 -22.39 33.43
C ALA D 85 -7.01 -20.92 33.36
N SER D 86 -6.25 -20.11 34.07
CA SER D 86 -6.27 -18.67 33.84
C SER D 86 -5.19 -18.31 32.84
N TYR D 87 -5.48 -17.28 32.05
CA TYR D 87 -4.58 -16.79 31.01
C TYR D 87 -4.30 -15.33 31.35
N LEU D 88 -3.01 -15.01 31.55
CA LEU D 88 -2.62 -13.68 31.97
C LEU D 88 -1.96 -12.98 30.79
N CYS D 89 -2.39 -11.76 30.52
CA CYS D 89 -1.78 -10.87 29.53
CA CYS D 89 -1.71 -10.92 29.55
C CYS D 89 -0.94 -9.82 30.27
N ALA D 90 0.25 -9.52 29.76
CA ALA D 90 1.11 -8.52 30.39
C ALA D 90 1.82 -7.71 29.32
N VAL D 91 1.90 -6.41 29.53
CA VAL D 91 2.53 -5.48 28.58
C VAL D 91 3.75 -4.83 29.22
N LYS D 92 4.83 -4.77 28.47
CA LYS D 92 6.04 -4.05 28.89
C LYS D 92 5.92 -2.61 28.40
N ASP D 93 5.96 -1.64 29.33
CA ASP D 93 5.76 -0.24 28.97
C ASP D 93 7.07 0.44 28.56
N SER D 94 7.06 1.78 28.40
CA SER D 94 8.23 2.48 27.87
CA SER D 94 8.23 2.49 27.87
C SER D 94 9.45 2.35 28.77
N ASN D 95 9.24 2.08 30.05
CA ASN D 95 10.33 1.96 31.00
C ASN D 95 10.64 0.50 31.31
N TYR D 96 10.18 -0.40 30.44
CA TYR D 96 10.46 -1.84 30.49
C TYR D 96 9.90 -2.48 31.75
N GLN D 97 8.83 -1.90 32.29
CA GLN D 97 8.11 -2.46 33.42
C GLN D 97 6.87 -3.21 32.89
N LEU D 98 6.57 -4.35 33.49
CA LEU D 98 5.42 -5.17 33.09
C LEU D 98 4.18 -4.67 33.81
N ILE D 99 3.11 -4.49 33.06
CA ILE D 99 1.80 -4.19 33.62
C ILE D 99 0.95 -5.42 33.38
N TRP D 100 0.38 -5.96 34.44
CA TRP D 100 -0.31 -7.23 34.38
C TRP D 100 -1.82 -7.04 34.30
N GLY D 101 -2.45 -7.78 33.38
CA GLY D 101 -3.88 -7.88 33.39
C GLY D 101 -4.36 -8.77 34.53
N ALA D 102 -5.62 -8.60 34.89
CA ALA D 102 -6.17 -9.36 36.03
C ALA D 102 -6.40 -10.83 35.72
N GLY D 103 -6.27 -11.27 34.48
CA GLY D 103 -6.40 -12.68 34.18
C GLY D 103 -7.79 -13.03 33.67
N THR D 104 -7.84 -13.98 32.74
CA THR D 104 -9.08 -14.56 32.22
C THR D 104 -9.15 -16.02 32.62
N LYS D 105 -10.14 -16.38 33.45
CA LYS D 105 -10.34 -17.78 33.78
C LYS D 105 -11.12 -18.44 32.65
N LEU D 106 -10.56 -19.51 32.07
CA LEU D 106 -11.15 -20.22 30.93
C LEU D 106 -11.75 -21.52 31.43
N ILE D 107 -13.05 -21.69 31.21
CA ILE D 107 -13.80 -22.87 31.60
C ILE D 107 -14.18 -23.63 30.33
N ILE D 108 -13.92 -24.94 30.32
CA ILE D 108 -14.19 -25.79 29.18
C ILE D 108 -15.32 -26.73 29.54
N LYS D 109 -16.38 -26.70 28.74
CA LYS D 109 -17.51 -27.60 28.93
C LYS D 109 -17.26 -28.91 28.20
N PRO D 110 -17.28 -30.05 28.88
CA PRO D 110 -17.09 -31.33 28.20
C PRO D 110 -18.26 -31.62 27.28
N ASP D 111 -17.97 -32.40 26.24
CA ASP D 111 -19.03 -32.88 25.35
C ASP D 111 -19.61 -34.13 25.98
N ILE D 112 -20.83 -34.03 26.52
CA ILE D 112 -21.49 -35.18 27.13
C ILE D 112 -22.19 -35.95 26.02
N GLN D 113 -21.70 -37.16 25.74
CA GLN D 113 -22.22 -37.92 24.61
C GLN D 113 -23.61 -38.49 24.94
N ASN D 114 -23.78 -39.02 26.14
CA ASN D 114 -25.04 -39.66 26.53
C ASN D 114 -25.41 -39.16 27.91
N PRO D 115 -26.03 -37.98 27.99
CA PRO D 115 -26.45 -37.46 29.31
C PRO D 115 -27.36 -38.44 30.02
N ASP D 116 -27.21 -38.52 31.34
CA ASP D 116 -28.02 -39.40 32.18
C ASP D 116 -28.23 -38.70 33.52
N PRO D 117 -28.96 -37.59 33.55
CA PRO D 117 -29.07 -36.81 34.78
C PRO D 117 -29.68 -37.61 35.92
N ALA D 118 -29.01 -37.58 37.08
CA ALA D 118 -29.43 -38.37 38.24
C ALA D 118 -28.90 -37.73 39.51
N VAL D 119 -29.66 -37.90 40.60
CA VAL D 119 -29.24 -37.49 41.93
C VAL D 119 -29.18 -38.73 42.79
N TYR D 120 -28.01 -39.00 43.36
CA TYR D 120 -27.83 -40.19 44.19
C TYR D 120 -27.55 -39.77 45.64
N GLN D 121 -27.86 -40.68 46.56
CA GLN D 121 -27.52 -40.51 47.95
C GLN D 121 -26.37 -41.44 48.31
N LEU D 122 -25.39 -40.92 49.03
CA LEU D 122 -24.24 -41.70 49.46
C LEU D 122 -24.19 -41.73 50.98
N ARG D 123 -23.76 -42.87 51.54
CA ARG D 123 -23.74 -43.08 52.98
C ARG D 123 -22.31 -43.25 53.47
N ASP D 124 -22.03 -42.75 54.68
CA ASP D 124 -20.68 -42.86 55.22
C ASP D 124 -20.35 -44.33 55.49
N VAL D 132 -24.47 -37.58 51.88
CA VAL D 132 -24.31 -36.60 50.81
C VAL D 132 -25.08 -36.94 49.52
N CYS D 133 -25.52 -35.89 48.82
CA CYS D 133 -26.26 -36.01 47.58
C CYS D 133 -25.37 -35.66 46.40
N LEU D 134 -25.34 -36.54 45.40
CA LEU D 134 -24.49 -36.40 44.23
C LEU D 134 -25.36 -36.22 42.99
N PHE D 135 -25.42 -34.99 42.48
CA PHE D 135 -26.02 -34.71 41.18
C PHE D 135 -24.95 -34.97 40.13
N THR D 136 -25.21 -35.91 39.21
CA THR D 136 -24.17 -36.33 38.28
C THR D 136 -24.78 -36.64 36.91
N ASP D 137 -23.88 -36.72 35.92
CA ASP D 137 -24.12 -37.21 34.57
C ASP D 137 -25.03 -36.31 33.75
N PHE D 138 -25.38 -35.13 34.25
CA PHE D 138 -26.09 -34.18 33.43
C PHE D 138 -25.17 -33.60 32.35
N ASP D 139 -25.77 -33.00 31.34
CA ASP D 139 -25.06 -32.42 30.21
C ASP D 139 -24.59 -31.01 30.56
N SER D 140 -23.57 -30.56 29.83
CA SER D 140 -22.81 -29.38 30.23
C SER D 140 -23.61 -28.08 30.14
N GLN D 141 -24.80 -28.10 29.55
CA GLN D 141 -25.59 -26.88 29.54
C GLN D 141 -26.19 -26.56 30.91
N THR D 142 -26.21 -27.51 31.83
CA THR D 142 -26.84 -27.31 33.14
C THR D 142 -25.94 -26.52 34.07
N ASN D 143 -26.54 -25.56 34.79
CA ASN D 143 -25.85 -24.75 35.78
C ASN D 143 -26.31 -25.14 37.18
N VAL D 144 -25.36 -25.44 38.06
CA VAL D 144 -25.68 -25.74 39.46
C VAL D 144 -25.64 -24.45 40.25
N SER D 145 -26.76 -24.09 40.86
CA SER D 145 -26.82 -22.88 41.66
C SER D 145 -26.38 -23.17 43.09
N GLN D 146 -25.93 -22.11 43.77
CA GLN D 146 -25.58 -22.18 45.17
C GLN D 146 -26.84 -22.25 46.03
N SER D 147 -26.65 -22.52 47.32
CA SER D 147 -27.78 -22.71 48.24
C SER D 147 -28.62 -21.45 48.42
N ASP D 149 -29.56 -21.96 51.74
CA ASP D 149 -29.24 -21.59 53.12
C ASP D 149 -27.79 -21.95 53.47
N SER D 150 -27.28 -21.36 54.55
CA SER D 150 -25.88 -21.51 54.94
C SER D 150 -25.57 -22.83 55.61
N ASP D 151 -26.58 -23.65 55.90
CA ASP D 151 -26.35 -24.97 56.47
C ASP D 151 -26.50 -26.10 55.44
N VAL D 152 -26.77 -25.77 54.19
CA VAL D 152 -26.66 -26.72 53.08
C VAL D 152 -25.56 -26.23 52.15
N TYR D 153 -24.63 -27.13 51.83
CA TYR D 153 -23.43 -26.78 51.08
C TYR D 153 -23.50 -27.42 49.70
N ILE D 154 -23.32 -26.62 48.66
CA ILE D 154 -23.37 -27.10 47.29
C ILE D 154 -22.11 -26.66 46.56
N THR D 155 -21.41 -27.61 45.95
CA THR D 155 -20.16 -27.33 45.27
C THR D 155 -20.39 -26.87 43.84
N ASP D 156 -19.36 -26.31 43.23
CA ASP D 156 -19.36 -26.09 41.79
C ASP D 156 -19.45 -27.42 41.06
N LYS D 157 -19.84 -27.38 39.79
CA LYS D 157 -19.76 -28.58 38.98
C LYS D 157 -18.31 -28.95 38.71
N CYS D 158 -18.05 -30.25 38.61
CA CYS D 158 -16.72 -30.80 38.45
C CYS D 158 -16.78 -31.85 37.35
N VAL D 159 -15.80 -31.83 36.46
CA VAL D 159 -15.71 -32.75 35.34
C VAL D 159 -14.64 -33.78 35.67
N LEU D 160 -14.99 -35.04 35.63
CA LEU D 160 -14.02 -36.11 35.85
C LEU D 160 -13.89 -36.91 34.56
N ASP D 161 -12.68 -37.40 34.32
CA ASP D 161 -12.33 -38.06 33.07
C ASP D 161 -11.79 -39.44 33.39
N MET D 162 -12.60 -40.47 33.16
CA MET D 162 -12.15 -41.85 33.25
C MET D 162 -11.41 -42.17 31.95
N ARG D 163 -10.09 -41.96 31.97
CA ARG D 163 -9.31 -41.99 30.74
C ARG D 163 -9.25 -43.37 30.10
N SER D 164 -9.32 -44.43 30.92
CA SER D 164 -9.29 -45.79 30.37
C SER D 164 -10.55 -46.12 29.60
N MET D 165 -11.71 -45.60 30.02
CA MET D 165 -12.97 -45.87 29.36
C MET D 165 -13.43 -44.73 28.45
N ASP D 166 -12.57 -43.73 28.23
CA ASP D 166 -12.87 -42.56 27.39
C ASP D 166 -14.29 -42.03 27.68
N PHE D 167 -14.47 -41.55 28.91
CA PHE D 167 -15.78 -41.13 29.39
C PHE D 167 -15.61 -39.97 30.38
N LYS D 168 -16.34 -38.88 30.14
CA LYS D 168 -16.37 -37.72 31.03
C LYS D 168 -17.78 -37.53 31.57
N SER D 169 -17.87 -37.01 32.80
CA SER D 169 -19.16 -36.72 33.41
C SER D 169 -19.08 -35.50 34.31
N ASN D 170 -20.18 -34.75 34.35
CA ASN D 170 -20.35 -33.65 35.27
C ASN D 170 -20.86 -34.15 36.63
N SER D 171 -20.57 -33.38 37.68
CA SER D 171 -21.14 -33.69 38.98
C SER D 171 -21.08 -32.46 39.84
N ALA D 172 -21.95 -32.45 40.85
CA ALA D 172 -21.88 -31.52 41.98
C ALA D 172 -22.36 -32.27 43.21
N VAL D 173 -21.87 -31.84 44.37
CA VAL D 173 -22.14 -32.51 45.63
C VAL D 173 -22.86 -31.54 46.57
N ALA D 174 -23.82 -32.06 47.33
CA ALA D 174 -24.56 -31.25 48.30
C ALA D 174 -24.72 -32.02 49.59
N TRP D 175 -24.60 -31.32 50.72
CA TRP D 175 -24.78 -31.92 52.04
C TRP D 175 -25.19 -30.86 53.04
N SER D 176 -25.74 -31.29 54.16
CA SER D 176 -26.34 -30.37 55.12
C SER D 176 -26.57 -31.10 56.45
N ASN D 177 -27.03 -30.34 57.45
CA ASN D 177 -27.43 -30.85 58.78
C ASN D 177 -28.90 -30.53 59.13
N PHE D 181 -33.63 -32.01 55.22
CA PHE D 181 -32.82 -32.08 54.00
C PHE D 181 -32.64 -33.51 53.50
N ALA D 182 -33.17 -33.77 52.31
CA ALA D 182 -32.94 -34.99 51.57
C ALA D 182 -32.59 -34.63 50.13
N CYS D 183 -32.11 -35.63 49.39
CA CYS D 183 -31.63 -35.39 48.03
C CYS D 183 -32.73 -34.96 47.07
N ALA D 184 -34.00 -35.19 47.43
CA ALA D 184 -35.09 -34.76 46.56
C ALA D 184 -35.16 -33.24 46.46
N ASN D 185 -34.83 -32.53 47.54
CA ASN D 185 -34.87 -31.07 47.57
C ASN D 185 -33.48 -30.44 47.51
N ALA D 186 -32.44 -31.24 47.33
CA ALA D 186 -31.08 -30.73 47.50
C ALA D 186 -30.75 -29.67 46.45
N PHE D 187 -31.19 -29.87 45.22
CA PHE D 187 -30.78 -29.00 44.12
C PHE D 187 -31.94 -28.14 43.61
N ASN D 188 -32.90 -27.85 44.49
CA ASN D 188 -34.09 -27.10 44.07
C ASN D 188 -33.75 -25.70 43.59
N ASN D 189 -32.71 -25.09 44.17
CA ASN D 189 -32.29 -23.76 43.73
C ASN D 189 -31.77 -23.75 42.29
N SER D 190 -31.42 -24.91 41.74
CA SER D 190 -30.90 -25.02 40.39
C SER D 190 -31.99 -25.49 39.43
N ILE D 191 -31.79 -25.20 38.14
CA ILE D 191 -32.74 -25.57 37.09
C ILE D 191 -32.30 -26.93 36.57
N ILE D 192 -32.84 -27.98 37.19
CA ILE D 192 -32.45 -29.36 36.88
C ILE D 192 -33.10 -29.82 35.58
N PRO D 193 -32.53 -30.81 34.90
CA PRO D 193 -33.20 -31.37 33.72
C PRO D 193 -34.51 -32.03 34.10
N GLU D 194 -35.47 -31.99 33.17
CA GLU D 194 -36.79 -32.54 33.44
C GLU D 194 -36.71 -34.03 33.74
N ASP D 195 -35.89 -34.78 32.98
CA ASP D 195 -35.84 -36.23 33.07
C ASP D 195 -34.82 -36.73 34.10
N THR D 196 -34.55 -35.95 35.16
CA THR D 196 -33.54 -36.36 36.12
C THR D 196 -34.03 -37.53 36.96
N PHE D 197 -33.16 -38.52 37.13
CA PHE D 197 -33.47 -39.74 37.85
C PHE D 197 -33.43 -39.50 39.36
N PHE D 198 -34.42 -40.06 40.07
CA PHE D 198 -34.50 -39.95 41.53
C PHE D 198 -34.89 -41.30 42.12
N PRO D 199 -33.89 -42.11 42.51
CA PRO D 199 -34.08 -43.43 43.14
C PRO D 199 -34.93 -43.37 44.41
N GLY E 4 13.18 -23.84 36.86
CA GLY E 4 14.47 -23.74 37.51
C GLY E 4 14.48 -22.85 38.75
N VAL E 5 13.32 -22.37 39.18
CA VAL E 5 13.22 -21.46 40.33
C VAL E 5 12.63 -22.21 41.53
N THR E 6 13.37 -22.20 42.64
CA THR E 6 12.95 -22.89 43.87
C THR E 6 12.66 -21.85 44.94
N GLN E 7 11.41 -21.78 45.37
CA GLN E 7 11.05 -20.93 46.51
C GLN E 7 10.41 -21.76 47.61
N THR E 8 10.59 -21.28 48.83
CA THR E 8 10.10 -21.92 50.03
C THR E 8 9.66 -20.82 50.99
N PRO E 9 8.70 -21.10 51.89
CA PRO E 9 7.97 -22.36 52.01
C PRO E 9 6.75 -22.36 51.10
N LYS E 10 6.14 -23.53 50.88
CA LYS E 10 4.93 -23.60 50.08
C LYS E 10 3.73 -23.01 50.82
N PHE E 11 3.64 -23.25 52.14
CA PHE E 11 2.57 -22.75 52.97
C PHE E 11 3.14 -22.26 54.30
N GLN E 12 2.46 -21.27 54.88
CA GLN E 12 2.90 -20.77 56.19
C GLN E 12 1.77 -19.98 56.85
N VAL E 13 1.52 -20.27 58.13
CA VAL E 13 0.61 -19.50 58.98
C VAL E 13 1.44 -18.60 59.88
N LEU E 14 1.05 -17.34 59.99
CA LEU E 14 1.74 -16.38 60.83
C LEU E 14 0.72 -15.67 61.71
N LYS E 15 1.14 -15.32 62.93
CA LYS E 15 0.39 -14.38 63.75
C LYS E 15 0.83 -12.96 63.42
N THR E 16 -0.11 -12.03 63.51
CA THR E 16 0.18 -10.62 63.29
C THR E 16 1.41 -10.20 64.11
N GLY E 17 2.37 -9.55 63.46
CA GLY E 17 3.57 -9.12 64.15
C GLY E 17 4.74 -10.08 64.08
N GLN E 18 4.52 -11.31 63.64
CA GLN E 18 5.65 -12.20 63.38
C GLN E 18 6.46 -11.70 62.19
N SER E 19 7.74 -11.96 62.22
CA SER E 19 8.59 -11.79 61.05
C SER E 19 8.67 -13.10 60.32
N MET E 20 8.95 -13.03 59.01
CA MET E 20 9.23 -14.26 58.28
CA MET E 20 9.28 -14.26 58.30
C MET E 20 10.01 -13.91 57.01
N THR E 21 10.81 -14.87 56.55
CA THR E 21 11.57 -14.73 55.32
C THR E 21 11.16 -15.81 54.32
N LEU E 22 10.98 -15.39 53.06
CA LEU E 22 10.75 -16.33 51.97
C LEU E 22 12.05 -16.48 51.19
N GLN E 23 12.40 -17.71 50.85
CA GLN E 23 13.60 -18.00 50.09
C GLN E 23 13.23 -18.24 48.64
N CYS E 24 14.16 -17.88 47.75
CA CYS E 24 14.03 -18.10 46.32
C CYS E 24 15.42 -18.27 45.75
N ALA E 25 15.66 -19.38 45.08
CA ALA E 25 16.93 -19.64 44.44
C ALA E 25 16.67 -20.02 43.00
N GLN E 26 17.53 -19.58 42.09
CA GLN E 26 17.50 -20.05 40.72
C GLN E 26 18.89 -20.41 40.28
N ASP E 27 19.01 -21.49 39.51
CA ASP E 27 20.30 -21.91 38.99
CA ASP E 27 20.27 -21.98 38.98
C ASP E 27 20.36 -21.83 37.47
N MET E 28 19.63 -20.87 36.88
CA MET E 28 19.69 -20.69 35.43
C MET E 28 20.64 -19.59 35.01
N ASN E 29 21.48 -19.11 35.92
CA ASN E 29 22.42 -18.01 35.67
C ASN E 29 21.70 -16.73 35.29
N HIS E 30 20.45 -16.58 35.72
CA HIS E 30 19.70 -15.38 35.41
C HIS E 30 20.24 -14.20 36.19
N ASN E 31 20.09 -13.01 35.61
CA ASN E 31 20.55 -11.81 36.31
C ASN E 31 19.47 -11.13 37.12
N SER E 32 18.21 -11.20 36.68
CA SER E 32 17.14 -10.42 37.28
C SER E 32 16.20 -11.33 38.08
N MET E 33 15.83 -10.88 39.28
CA MET E 33 14.88 -11.61 40.10
C MET E 33 13.81 -10.66 40.64
N TYR E 34 12.64 -11.22 40.98
CA TYR E 34 11.42 -10.46 41.24
C TYR E 34 10.62 -11.16 42.33
N TRP E 35 9.97 -10.38 43.17
CA TRP E 35 8.99 -10.94 44.10
C TRP E 35 7.65 -10.30 43.80
N TYR E 36 6.65 -11.14 43.53
CA TYR E 36 5.29 -10.72 43.23
C TYR E 36 4.34 -11.25 44.29
N ARG E 37 3.24 -10.53 44.51
CA ARG E 37 2.12 -11.10 45.25
C ARG E 37 0.93 -11.20 44.29
N GLN E 38 0.11 -12.22 44.47
CA GLN E 38 -1.06 -12.44 43.63
C GLN E 38 -2.28 -12.51 44.54
N ASP E 39 -3.27 -11.65 44.29
CA ASP E 39 -4.49 -11.50 45.06
C ASP E 39 -5.69 -11.61 44.14
N PRO E 40 -6.82 -12.12 44.63
CA PRO E 40 -8.00 -12.26 43.78
C PRO E 40 -8.41 -10.93 43.14
N GLY E 41 -8.74 -10.99 41.85
CA GLY E 41 -9.33 -9.87 41.14
C GLY E 41 -8.36 -8.85 40.59
N MET E 42 -7.05 -9.07 40.67
CA MET E 42 -6.12 -8.06 40.19
C MET E 42 -4.90 -8.73 39.57
N GLY E 43 -4.21 -7.96 38.76
CA GLY E 43 -3.00 -8.48 38.16
C GLY E 43 -1.91 -8.63 39.20
N LEU E 44 -0.91 -9.44 38.86
CA LEU E 44 0.28 -9.54 39.69
C LEU E 44 0.80 -8.16 40.07
N ARG E 45 1.28 -8.02 41.31
CA ARG E 45 1.83 -6.75 41.77
C ARG E 45 3.26 -6.99 42.25
N LEU E 46 4.21 -6.27 41.65
CA LEU E 46 5.61 -6.41 41.97
C LEU E 46 5.89 -5.81 43.36
N ILE E 47 6.59 -6.55 44.20
CA ILE E 47 6.88 -6.07 45.56
C ILE E 47 8.22 -5.38 45.57
N TYR E 48 9.27 -6.12 45.20
CA TYR E 48 10.62 -5.63 45.02
C TYR E 48 11.24 -6.40 43.87
N TYR E 49 12.30 -5.84 43.30
CA TYR E 49 13.01 -6.59 42.29
C TYR E 49 14.49 -6.28 42.38
N SER E 50 15.26 -7.08 41.67
CA SER E 50 16.70 -7.00 41.71
C SER E 50 17.16 -7.16 40.26
N ALA E 51 17.48 -6.04 39.61
CA ALA E 51 17.80 -6.05 38.20
C ALA E 51 19.05 -6.85 37.91
N SER E 52 19.94 -6.98 38.89
CA SER E 52 21.21 -7.67 38.72
CA SER E 52 21.17 -7.74 38.73
C SER E 52 21.82 -7.86 40.10
N GLU E 53 22.79 -8.76 40.19
CA GLU E 53 23.49 -8.92 41.47
C GLU E 53 24.03 -7.56 41.90
N GLY E 54 23.88 -7.25 43.18
CA GLY E 54 24.39 -5.99 43.69
C GLY E 54 23.42 -4.84 43.68
N THR E 55 22.20 -5.02 43.18
CA THR E 55 21.25 -3.93 43.30
C THR E 55 19.85 -4.49 43.50
N THR E 56 19.02 -3.73 44.21
CA THR E 56 17.61 -4.03 44.36
C THR E 56 16.84 -2.71 44.30
N ASP E 57 15.54 -2.80 44.08
CA ASP E 57 14.70 -1.60 44.15
C ASP E 57 13.26 -1.98 44.41
N LYS E 58 12.49 -1.00 44.88
CA LYS E 58 11.09 -1.23 45.17
C LYS E 58 10.29 -1.45 43.90
N GLY E 59 9.28 -2.29 44.00
CA GLY E 59 8.28 -2.35 42.96
C GLY E 59 7.08 -1.49 43.32
N GLU E 60 5.90 -2.02 43.06
CA GLU E 60 4.67 -1.26 43.23
C GLU E 60 4.18 -1.27 44.68
N VAL E 61 4.39 -2.36 45.41
CA VAL E 61 3.84 -2.49 46.76
C VAL E 61 4.95 -2.87 47.76
N PRO E 62 5.95 -2.02 47.97
CA PRO E 62 7.06 -2.37 48.86
C PRO E 62 6.76 -2.25 50.35
N ASN E 63 5.75 -1.47 50.76
CA ASN E 63 5.55 -1.17 52.18
C ASN E 63 5.20 -2.43 52.96
N GLY E 64 5.95 -2.68 54.04
CA GLY E 64 5.79 -3.87 54.85
C GLY E 64 6.74 -5.00 54.49
N TYR E 65 7.59 -4.81 53.50
CA TYR E 65 8.51 -5.84 53.03
C TYR E 65 9.91 -5.25 52.84
N ASN E 66 10.89 -6.12 52.83
N ASN E 66 10.88 -6.14 52.82
CA ASN E 66 12.21 -5.78 52.34
CA ASN E 66 12.24 -5.82 52.41
C ASN E 66 12.79 -7.02 51.69
C ASN E 66 12.79 -7.04 51.69
N VAL E 67 13.90 -6.85 50.97
CA VAL E 67 14.54 -7.93 50.24
C VAL E 67 16.04 -7.85 50.41
N SER E 68 16.69 -9.00 50.20
CA SER E 68 18.14 -9.07 50.04
C SER E 68 18.46 -9.91 48.83
N ARG E 69 19.25 -9.35 47.91
CA ARG E 69 19.85 -10.13 46.83
C ARG E 69 21.15 -10.68 47.39
N LEU E 70 21.13 -11.93 47.83
CA LEU E 70 22.23 -12.45 48.61
C LEU E 70 23.44 -12.76 47.74
N ASN E 71 23.22 -13.03 46.47
CA ASN E 71 24.21 -13.46 45.50
C ASN E 71 23.43 -13.59 44.19
N LYS E 72 24.10 -14.00 43.10
CA LYS E 72 23.41 -14.08 41.81
C LYS E 72 22.22 -15.05 41.87
N ARG E 73 22.32 -16.09 42.68
CA ARG E 73 21.32 -17.16 42.66
C ARG E 73 20.08 -16.86 43.51
N GLU E 74 20.21 -16.03 44.55
CA GLU E 74 19.22 -16.02 45.63
C GLU E 74 18.72 -14.62 45.94
N PHE E 75 17.41 -14.55 46.23
CA PHE E 75 16.69 -13.29 46.45
C PHE E 75 15.63 -13.55 47.52
N SER E 76 15.90 -13.13 48.75
CA SER E 76 14.99 -13.37 49.87
CA SER E 76 14.98 -13.39 49.86
C SER E 76 14.02 -12.22 50.05
N LEU E 77 12.80 -12.56 50.47
CA LEU E 77 11.75 -11.59 50.77
C LEU E 77 11.41 -11.69 52.25
N ARG E 78 11.37 -10.55 52.93
CA ARG E 78 11.14 -10.49 54.36
C ARG E 78 9.88 -9.69 54.66
N LEU E 79 9.02 -10.26 55.51
CA LEU E 79 7.94 -9.53 56.17
C LEU E 79 8.48 -9.17 57.55
N GLU E 80 8.68 -7.88 57.79
CA GLU E 80 9.26 -7.45 59.05
C GLU E 80 8.30 -7.69 60.21
N SER E 81 7.03 -7.30 60.03
CA SER E 81 6.03 -7.44 61.08
C SER E 81 4.71 -7.78 60.38
N ALA E 82 4.39 -9.07 60.33
CA ALA E 82 3.32 -9.54 59.45
C ALA E 82 1.99 -8.90 59.82
N ALA E 83 1.30 -8.36 58.81
CA ALA E 83 -0.04 -7.84 58.99
C ALA E 83 -1.05 -8.65 58.16
N PRO E 84 -2.32 -8.69 58.58
CA PRO E 84 -3.30 -9.54 57.87
C PRO E 84 -3.46 -9.17 56.40
N SER E 85 -3.17 -7.93 56.02
CA SER E 85 -3.26 -7.56 54.61
C SER E 85 -2.16 -8.20 53.78
N GLN E 86 -1.23 -8.91 54.41
CA GLN E 86 -0.14 -9.60 53.73
C GLN E 86 -0.47 -11.07 53.45
N THR E 87 -1.61 -11.54 53.90
CA THR E 87 -2.20 -12.78 53.42
C THR E 87 -2.33 -12.74 51.89
N SER E 88 -1.60 -13.61 51.22
CA SER E 88 -1.52 -13.55 49.75
C SER E 88 -0.80 -14.80 49.25
N VAL E 89 -0.66 -14.90 47.93
CA VAL E 89 0.20 -15.90 47.29
C VAL E 89 1.41 -15.17 46.72
N TYR E 90 2.60 -15.56 47.16
CA TYR E 90 3.83 -14.88 46.77
C TYR E 90 4.53 -15.71 45.71
N PHE E 91 4.94 -15.05 44.61
CA PHE E 91 5.71 -15.71 43.57
C PHE E 91 7.04 -15.00 43.38
N CYS E 92 8.10 -15.78 43.37
CA CYS E 92 9.40 -15.32 42.95
CA CYS E 92 9.36 -15.24 42.92
C CYS E 92 9.55 -15.65 41.47
N ALA E 93 10.28 -14.81 40.74
CA ALA E 93 10.48 -15.06 39.33
C ALA E 93 11.86 -14.58 38.97
N SER E 94 12.37 -15.05 37.84
CA SER E 94 13.66 -14.59 37.36
C SER E 94 13.62 -14.47 35.85
N SER E 95 14.56 -13.69 35.32
CA SER E 95 14.67 -13.57 33.88
C SER E 95 16.14 -13.33 33.53
N VAL E 96 16.49 -13.61 32.28
CA VAL E 96 17.90 -13.65 31.88
C VAL E 96 18.58 -12.33 32.21
N TRP E 97 18.02 -11.22 31.76
CA TRP E 97 18.44 -9.93 32.31
C TRP E 97 17.47 -8.84 31.87
N THR E 98 17.46 -7.76 32.66
CA THR E 98 16.48 -6.69 32.47
C THR E 98 16.54 -6.10 31.07
N GLY E 99 17.71 -6.15 30.43
CA GLY E 99 17.90 -5.58 29.12
C GLY E 99 17.31 -6.37 27.96
N GLU E 100 16.88 -7.61 28.21
CA GLU E 100 16.27 -8.43 27.16
C GLU E 100 14.81 -8.02 27.09
N GLY E 101 14.46 -7.14 26.16
CA GLY E 101 13.08 -6.67 26.09
C GLY E 101 12.09 -7.80 25.92
N SER E 102 12.47 -8.84 25.19
CA SER E 102 11.55 -9.94 24.95
C SER E 102 11.66 -11.05 25.99
N GLY E 103 12.52 -10.89 26.99
CA GLY E 103 12.76 -11.98 27.93
C GLY E 103 11.55 -12.27 28.77
N GLU E 104 11.20 -13.54 28.89
CA GLU E 104 10.06 -13.93 29.71
C GLU E 104 10.52 -14.18 31.15
N LEU E 105 9.54 -14.20 32.04
CA LEU E 105 9.74 -14.54 33.44
C LEU E 105 9.61 -16.05 33.63
N PHE E 106 10.42 -16.59 34.54
CA PHE E 106 10.29 -17.97 34.99
C PHE E 106 9.91 -17.92 36.46
N PHE E 107 8.78 -18.54 36.80
CA PHE E 107 8.17 -18.40 38.12
C PHE E 107 8.48 -19.57 39.04
N GLY E 108 8.68 -19.28 40.32
CA GLY E 108 8.66 -20.33 41.33
C GLY E 108 7.25 -20.87 41.56
N GLU E 109 7.16 -21.86 42.44
CA GLU E 109 5.91 -22.58 42.63
C GLU E 109 4.90 -21.82 43.48
N GLY E 110 5.29 -20.74 44.12
CA GLY E 110 4.33 -20.02 44.91
C GLY E 110 4.45 -20.34 46.39
N SER E 111 4.10 -19.36 47.22
CA SER E 111 4.13 -19.50 48.67
C SER E 111 2.84 -18.92 49.22
N ARG E 112 2.04 -19.76 49.88
CA ARG E 112 0.78 -19.32 50.43
C ARG E 112 1.01 -18.87 51.89
N LEU E 113 0.82 -17.59 52.15
CA LEU E 113 0.95 -17.03 53.48
C LEU E 113 -0.42 -16.59 53.99
N THR E 114 -0.76 -17.00 55.23
CA THR E 114 -1.97 -16.53 55.89
C THR E 114 -1.56 -15.91 57.21
N VAL E 115 -1.82 -14.61 57.37
CA VAL E 115 -1.51 -13.90 58.60
C VAL E 115 -2.80 -13.74 59.40
N LEU E 116 -2.80 -14.23 60.65
CA LEU E 116 -3.97 -14.25 61.52
C LEU E 116 -3.68 -13.49 62.81
N GLU E 117 -4.71 -12.85 63.35
CA GLU E 117 -4.54 -12.11 64.60
C GLU E 117 -4.11 -13.06 65.73
N ASP E 118 -4.71 -14.24 65.79
CA ASP E 118 -4.26 -15.31 66.67
C ASP E 118 -4.49 -16.62 65.93
N LEU E 119 -3.98 -17.71 66.53
CA LEU E 119 -4.02 -19.02 65.90
C LEU E 119 -5.17 -19.88 66.38
N LYS E 120 -6.13 -19.27 67.11
CA LYS E 120 -7.13 -20.03 67.84
C LYS E 120 -8.22 -20.61 66.95
N ASN E 121 -8.34 -20.13 65.71
CA ASN E 121 -9.31 -20.69 64.77
C ASN E 121 -8.70 -21.73 63.84
N VAL E 122 -7.40 -22.02 63.98
CA VAL E 122 -6.75 -22.96 63.08
C VAL E 122 -7.19 -24.37 63.46
N PHE E 123 -7.78 -25.08 62.49
CA PHE E 123 -8.29 -26.44 62.69
C PHE E 123 -7.87 -27.28 61.49
N PRO E 124 -7.33 -28.48 61.70
CA PRO E 124 -7.18 -29.43 60.59
C PRO E 124 -8.55 -29.88 60.10
N PRO E 125 -8.63 -30.57 58.96
CA PRO E 125 -9.93 -31.04 58.47
C PRO E 125 -10.32 -32.37 59.10
N GLU E 126 -11.64 -32.59 59.16
CA GLU E 126 -12.19 -33.93 59.28
C GLU E 126 -12.40 -34.49 57.89
N VAL E 127 -11.99 -35.73 57.67
CA VAL E 127 -12.05 -36.36 56.35
C VAL E 127 -12.97 -37.57 56.42
N ALA E 128 -13.87 -37.69 55.45
CA ALA E 128 -14.86 -38.77 55.42
C ALA E 128 -15.04 -39.25 53.98
N VAL E 129 -15.13 -40.56 53.82
CA VAL E 129 -15.40 -41.16 52.51
C VAL E 129 -16.83 -41.68 52.54
N PHE E 130 -17.56 -41.41 51.47
CA PHE E 130 -18.96 -41.84 51.34
C PHE E 130 -19.06 -42.86 50.23
N GLU E 131 -19.73 -43.98 50.53
CA GLU E 131 -19.79 -45.14 49.66
C GLU E 131 -20.72 -44.89 48.48
N PRO E 132 -20.44 -45.49 47.32
CA PRO E 132 -21.27 -45.25 46.14
C PRO E 132 -22.68 -45.74 46.32
N SER E 133 -23.63 -45.01 45.73
CA SER E 133 -25.03 -45.41 45.73
C SER E 133 -25.21 -46.73 44.99
N GLU E 134 -26.05 -47.61 45.55
CA GLU E 134 -26.41 -48.83 44.85
C GLU E 134 -27.21 -48.53 43.58
N ALA E 135 -27.95 -47.42 43.58
CA ALA E 135 -28.71 -47.04 42.39
C ALA E 135 -27.79 -46.59 41.26
N GLU E 136 -26.71 -45.87 41.58
CA GLU E 136 -25.75 -45.52 40.54
C GLU E 136 -25.12 -46.76 39.93
N ILE E 137 -24.92 -47.80 40.74
CA ILE E 137 -24.39 -49.07 40.23
C ILE E 137 -25.37 -49.70 39.24
N SER E 138 -26.66 -49.76 39.61
CA SER E 138 -27.64 -50.40 38.75
C SER E 138 -27.94 -49.57 37.51
N HIS E 139 -27.88 -48.24 37.61
CA HIS E 139 -28.33 -47.35 36.55
C HIS E 139 -27.25 -47.08 35.50
N THR E 140 -25.99 -47.10 35.90
CA THR E 140 -24.88 -46.68 35.05
C THR E 140 -23.72 -47.66 35.03
N GLN E 141 -23.73 -48.69 35.87
CA GLN E 141 -22.63 -49.64 36.05
C GLN E 141 -21.34 -48.98 36.52
N LYS E 142 -21.41 -47.72 36.94
CA LYS E 142 -20.26 -47.02 37.50
C LYS E 142 -20.52 -46.75 38.98
N ALA E 143 -19.44 -46.46 39.70
CA ALA E 143 -19.49 -46.22 41.14
C ALA E 143 -18.66 -44.98 41.46
N THR E 144 -19.28 -44.00 42.12
CA THR E 144 -18.63 -42.75 42.47
C THR E 144 -18.44 -42.68 43.97
N LEU E 145 -17.20 -42.53 44.40
CA LEU E 145 -16.86 -42.23 45.79
C LEU E 145 -16.78 -40.72 45.97
N VAL E 146 -17.30 -40.24 47.10
CA VAL E 146 -17.23 -38.82 47.44
C VAL E 146 -16.45 -38.67 48.74
N CYS E 147 -15.43 -37.82 48.73
CA CYS E 147 -14.64 -37.52 49.90
C CYS E 147 -14.92 -36.10 50.37
N LEU E 148 -15.08 -35.91 51.69
CA LEU E 148 -15.36 -34.61 52.26
C LEU E 148 -14.32 -34.24 53.31
N ALA E 149 -13.64 -33.11 53.09
CA ALA E 149 -12.81 -32.48 54.10
C ALA E 149 -13.54 -31.26 54.61
N THR E 150 -13.84 -31.23 55.92
CA THR E 150 -14.71 -30.21 56.49
C THR E 150 -14.11 -29.63 57.75
N GLY E 151 -14.47 -28.36 58.02
CA GLY E 151 -14.10 -27.72 59.27
C GLY E 151 -12.66 -27.28 59.38
N PHE E 152 -11.94 -27.11 58.27
CA PHE E 152 -10.53 -26.77 58.39
C PHE E 152 -10.31 -25.28 58.18
N TYR E 153 -9.21 -24.78 58.77
CA TYR E 153 -8.80 -23.39 58.68
C TYR E 153 -7.34 -23.24 59.06
N PRO E 154 -6.55 -22.49 58.27
CA PRO E 154 -7.03 -21.81 57.07
C PRO E 154 -7.16 -22.74 55.88
N ASP E 155 -7.40 -22.15 54.71
CA ASP E 155 -7.57 -22.90 53.47
C ASP E 155 -6.18 -23.26 52.92
N HIS E 156 -5.53 -24.22 53.60
CA HIS E 156 -4.18 -24.71 53.26
C HIS E 156 -4.25 -26.23 53.12
N VAL E 157 -4.92 -26.73 52.10
CA VAL E 157 -5.10 -28.17 51.97
C VAL E 157 -4.79 -28.61 50.55
N GLU E 158 -4.36 -29.87 50.45
CA GLU E 158 -4.24 -30.55 49.17
C GLU E 158 -4.81 -31.94 49.36
N LEU E 159 -5.79 -32.30 48.53
CA LEU E 159 -6.48 -33.57 48.59
C LEU E 159 -5.95 -34.49 47.49
N SER E 160 -5.99 -35.79 47.74
CA SER E 160 -5.52 -36.78 46.80
C SER E 160 -6.20 -38.11 47.08
N TRP E 161 -6.36 -38.91 46.03
CA TRP E 161 -6.93 -40.25 46.11
C TRP E 161 -5.83 -41.30 45.99
N TRP E 162 -6.06 -42.45 46.63
CA TRP E 162 -5.10 -43.55 46.65
C TRP E 162 -5.86 -44.87 46.53
N VAL E 163 -5.53 -45.65 45.50
CA VAL E 163 -6.17 -46.95 45.23
C VAL E 163 -5.11 -48.03 45.39
N ASN E 164 -5.25 -48.85 46.44
CA ASN E 164 -4.33 -49.96 46.72
C ASN E 164 -2.88 -49.49 46.85
N GLY E 165 -2.69 -48.39 47.58
CA GLY E 165 -1.35 -47.86 47.83
C GLY E 165 -0.73 -47.08 46.69
N LYS E 166 -1.52 -46.56 45.75
CA LYS E 166 -1.00 -45.80 44.64
C LYS E 166 -1.94 -44.64 44.32
N GLU E 167 -1.36 -43.47 44.05
CA GLU E 167 -2.18 -42.29 43.79
C GLU E 167 -2.69 -42.31 42.36
N VAL E 168 -3.96 -41.92 42.20
CA VAL E 168 -4.62 -41.95 40.91
C VAL E 168 -5.08 -40.54 40.56
N HIS E 169 -5.14 -40.26 39.26
CA HIS E 169 -5.74 -39.02 38.77
C HIS E 169 -6.85 -39.28 37.75
N SER E 170 -7.09 -40.54 37.38
CA SER E 170 -8.12 -40.88 36.41
C SER E 170 -9.45 -41.05 37.13
N GLY E 171 -10.49 -40.44 36.58
CA GLY E 171 -11.80 -40.48 37.21
C GLY E 171 -11.87 -39.71 38.51
N VAL E 172 -11.03 -38.69 38.67
CA VAL E 172 -10.94 -37.90 39.89
C VAL E 172 -11.18 -36.44 39.54
N CYS E 173 -12.03 -35.79 40.31
CA CYS E 173 -12.20 -34.34 40.20
CA CYS E 173 -12.15 -34.34 40.21
C CYS E 173 -12.42 -33.79 41.60
N THR E 174 -11.55 -32.88 42.02
CA THR E 174 -11.62 -32.22 43.31
C THR E 174 -12.04 -30.77 43.09
N ASP E 175 -12.93 -30.25 43.94
CA ASP E 175 -13.29 -28.85 43.85
C ASP E 175 -12.02 -28.00 43.77
N PRO E 176 -11.95 -27.03 42.84
CA PRO E 176 -10.75 -26.19 42.77
C PRO E 176 -10.59 -25.31 43.99
N GLN E 177 -11.68 -24.89 44.60
CA GLN E 177 -11.59 -24.04 45.78
C GLN E 177 -12.56 -24.54 46.83
N PRO E 178 -12.21 -24.41 48.10
CA PRO E 178 -13.12 -24.78 49.18
C PRO E 178 -14.33 -23.84 49.24
N LEU E 179 -15.36 -24.31 49.91
CA LEU E 179 -16.46 -23.42 50.22
C LEU E 179 -16.40 -23.01 51.68
N LYS E 180 -17.07 -21.90 51.99
CA LYS E 180 -17.09 -21.36 53.33
C LYS E 180 -18.24 -21.98 54.10
N GLU E 181 -17.92 -22.59 55.26
CA GLU E 181 -18.97 -23.24 56.03
C GLU E 181 -19.82 -22.23 56.77
N GLN E 182 -19.32 -21.03 56.99
CA GLN E 182 -20.07 -19.96 57.66
C GLN E 182 -19.82 -18.67 56.88
N PRO E 183 -20.47 -18.52 55.71
CA PRO E 183 -20.07 -17.44 54.78
C PRO E 183 -20.24 -16.05 55.35
N ALA E 184 -20.99 -15.90 56.45
CA ALA E 184 -21.18 -14.61 57.10
C ALA E 184 -20.03 -14.21 58.03
N LEU E 185 -19.26 -15.17 58.53
CA LEU E 185 -18.19 -14.87 59.48
C LEU E 185 -16.90 -14.49 58.75
N ASN E 186 -16.13 -13.57 59.35
CA ASN E 186 -14.87 -13.18 58.72
C ASN E 186 -13.85 -14.30 58.80
N ASP E 187 -14.01 -15.22 59.75
CA ASP E 187 -13.06 -16.31 59.97
C ASP E 187 -13.73 -17.66 59.72
N SER E 188 -14.62 -17.72 58.72
CA SER E 188 -15.29 -18.97 58.40
C SER E 188 -14.29 -20.09 58.17
N ARG E 189 -14.64 -21.29 58.62
CA ARG E 189 -13.85 -22.47 58.26
C ARG E 189 -14.32 -22.99 56.90
N TYR E 190 -13.63 -24.02 56.39
CA TYR E 190 -13.76 -24.40 55.00
C TYR E 190 -14.14 -25.87 54.82
N ALA E 191 -14.76 -26.17 53.66
CA ALA E 191 -15.14 -27.51 53.27
C ALA E 191 -14.67 -27.76 51.85
N LEU E 192 -14.19 -28.97 51.58
CA LEU E 192 -13.74 -29.33 50.24
C LEU E 192 -14.30 -30.71 49.92
N SER E 193 -14.75 -30.88 48.67
CA SER E 193 -15.26 -32.17 48.21
C SER E 193 -14.46 -32.66 47.01
N SER E 194 -14.41 -33.98 46.86
CA SER E 194 -13.78 -34.62 45.72
C SER E 194 -14.53 -35.89 45.39
N ARG E 195 -14.58 -36.24 44.10
CA ARG E 195 -15.24 -37.44 43.62
C ARG E 195 -14.21 -38.36 42.99
N LEU E 196 -14.36 -39.67 43.19
CA LEU E 196 -13.59 -40.67 42.47
C LEU E 196 -14.56 -41.66 41.85
N ARG E 197 -14.60 -41.70 40.53
CA ARG E 197 -15.54 -42.58 39.83
C ARG E 197 -14.79 -43.76 39.24
N VAL E 198 -15.29 -44.97 39.54
CA VAL E 198 -14.73 -46.21 39.03
C VAL E 198 -15.89 -47.06 38.51
N SER E 199 -15.55 -48.07 37.72
CA SER E 199 -16.54 -49.04 37.27
C SER E 199 -17.08 -49.82 38.46
N ALA E 200 -18.35 -50.22 38.37
CA ALA E 200 -18.94 -50.98 39.48
C ALA E 200 -18.20 -52.28 39.71
N THR E 201 -17.71 -52.89 38.63
CA THR E 201 -16.90 -54.11 38.75
C THR E 201 -15.69 -53.89 39.66
N PHE E 202 -14.98 -52.77 39.47
CA PHE E 202 -13.81 -52.48 40.30
C PHE E 202 -14.20 -52.24 41.76
N TRP E 203 -15.38 -51.66 42.00
CA TRP E 203 -15.80 -51.33 43.36
C TRP E 203 -16.36 -52.54 44.10
N GLN E 204 -16.93 -53.52 43.39
CA GLN E 204 -17.53 -54.68 44.03
C GLN E 204 -16.50 -55.70 44.51
N ASN E 205 -15.25 -55.62 44.02
CA ASN E 205 -14.21 -56.56 44.42
C ASN E 205 -13.35 -55.92 45.50
N PRO E 206 -13.19 -56.56 46.68
CA PRO E 206 -12.31 -56.09 47.75
C PRO E 206 -10.91 -56.68 47.69
N ASN E 208 -11.02 -53.35 46.45
CA ASN E 208 -9.70 -52.73 46.54
C ASN E 208 -9.70 -51.81 47.76
N HIS E 209 -8.68 -50.97 47.89
CA HIS E 209 -8.57 -50.04 49.03
C HIS E 209 -8.63 -48.61 48.52
N PHE E 210 -9.63 -47.86 48.97
CA PHE E 210 -9.83 -46.48 48.55
C PHE E 210 -9.54 -45.59 49.75
N ARG E 211 -8.47 -44.80 49.65
CA ARG E 211 -8.06 -43.89 50.70
C ARG E 211 -8.11 -42.48 50.15
N CYS E 212 -8.96 -41.64 50.74
CA CYS E 212 -8.93 -40.21 50.51
C CYS E 212 -7.97 -39.58 51.52
N GLN E 213 -7.00 -38.82 51.01
CA GLN E 213 -5.93 -38.26 51.82
C GLN E 213 -5.92 -36.76 51.68
N VAL E 214 -5.97 -36.05 52.80
CA VAL E 214 -5.95 -34.59 52.78
C VAL E 214 -4.72 -34.13 53.55
N GLN E 215 -3.76 -33.56 52.84
CA GLN E 215 -2.63 -32.89 53.46
C GLN E 215 -3.08 -31.53 53.95
N PHE E 216 -2.78 -31.21 55.20
CA PHE E 216 -3.16 -29.94 55.79
C PHE E 216 -1.90 -29.22 56.26
N TYR E 217 -1.82 -27.92 55.99
CA TYR E 217 -0.69 -27.12 56.43
C TYR E 217 -1.19 -26.13 57.47
N GLY E 218 -0.82 -26.37 58.72
CA GLY E 218 -1.23 -25.51 59.80
C GLY E 218 -0.04 -24.92 60.53
N LEU E 219 0.06 -25.19 61.83
CA LEU E 219 1.11 -24.66 62.69
C LEU E 219 2.35 -25.54 62.66
N SER E 220 3.46 -24.96 63.10
CA SER E 220 4.75 -25.64 63.13
C SER E 220 5.14 -25.92 64.58
N GLU E 221 6.30 -26.54 64.76
CA GLU E 221 6.77 -26.86 66.12
C GLU E 221 7.01 -25.59 66.94
N ASN E 222 7.56 -24.55 66.31
CA ASN E 222 7.90 -23.33 67.02
C ASN E 222 6.69 -22.58 67.55
N ASP E 223 5.49 -22.85 67.02
CA ASP E 223 4.32 -22.10 67.46
C ASP E 223 3.90 -22.50 68.86
N GLU E 224 3.58 -21.50 69.67
CA GLU E 224 3.05 -21.76 70.99
C GLU E 224 1.59 -22.19 70.88
N TRP E 225 1.18 -23.03 71.82
CA TRP E 225 -0.19 -23.53 71.88
C TRP E 225 -0.54 -23.70 73.34
N THR E 226 -1.63 -23.06 73.77
CA THR E 226 -2.10 -23.14 75.15
C THR E 226 -3.43 -23.85 75.29
N GLN E 227 -4.17 -24.05 74.20
CA GLN E 227 -5.55 -24.48 74.26
C GLN E 227 -5.67 -25.95 74.63
N ASP E 228 -6.90 -26.33 75.01
CA ASP E 228 -7.21 -27.68 75.48
C ASP E 228 -7.09 -28.70 74.36
N ARG E 229 -7.57 -28.35 73.17
CA ARG E 229 -7.54 -29.27 72.04
C ARG E 229 -6.10 -29.47 71.54
N ALA E 230 -5.91 -30.54 70.78
CA ALA E 230 -4.58 -30.86 70.26
C ALA E 230 -4.12 -29.79 69.28
N LYS E 231 -2.84 -29.45 69.35
CA LYS E 231 -2.25 -28.38 68.54
C LYS E 231 -2.43 -28.65 67.05
N PRO E 232 -3.05 -27.75 66.29
CA PRO E 232 -3.36 -28.03 64.87
C PRO E 232 -2.15 -27.84 63.95
N VAL E 233 -1.25 -28.83 64.00
CA VAL E 233 -0.01 -28.80 63.21
C VAL E 233 -0.29 -29.36 61.82
N THR E 234 0.65 -29.09 60.91
CA THR E 234 0.68 -29.75 59.62
C THR E 234 0.55 -31.26 59.83
N GLN E 235 -0.29 -31.90 59.02
CA GLN E 235 -0.65 -33.29 59.27
C GLN E 235 -1.47 -33.81 58.09
N ILE E 236 -1.63 -35.12 58.05
CA ILE E 236 -2.44 -35.79 57.03
C ILE E 236 -3.61 -36.46 57.74
N VAL E 237 -4.83 -36.13 57.31
CA VAL E 237 -6.03 -36.79 57.79
C VAL E 237 -6.60 -37.59 56.63
N SER E 238 -6.97 -38.84 56.88
CA SER E 238 -7.44 -39.73 55.83
C SER E 238 -8.72 -40.41 56.26
N ALA E 239 -9.45 -40.92 55.27
CA ALA E 239 -10.58 -41.82 55.48
C ALA E 239 -10.54 -42.86 54.38
N GLU E 240 -10.89 -44.10 54.72
CA GLU E 240 -10.75 -45.23 53.82
C GLU E 240 -12.09 -45.88 53.54
N ALA E 241 -12.10 -46.77 52.55
CA ALA E 241 -13.28 -47.52 52.19
C ALA E 241 -12.86 -48.84 51.54
N TRP E 242 -13.56 -49.91 51.90
CA TRP E 242 -13.36 -51.22 51.28
C TRP E 242 -14.54 -51.52 50.37
N GLY E 243 -14.26 -52.18 49.25
CA GLY E 243 -15.29 -52.54 48.28
C GLY E 243 -16.42 -53.39 48.86
N MET F 1 46.04 -3.86 18.87
CA MET F 1 44.90 -2.97 18.69
C MET F 1 45.30 -1.69 17.98
N ILE F 2 44.30 -0.89 17.63
CA ILE F 2 44.51 0.38 16.95
C ILE F 2 44.25 1.50 17.97
N GLN F 3 45.28 2.29 18.25
CA GLN F 3 45.13 3.46 19.11
C GLN F 3 45.19 4.71 18.25
N ARG F 4 44.41 5.71 18.61
CA ARG F 4 44.31 6.93 17.81
C ARG F 4 44.68 8.12 18.66
N THR F 5 45.67 8.93 18.17
CA THR F 5 46.19 10.01 18.97
C THR F 5 45.25 11.21 18.85
N PRO F 6 45.15 12.05 19.88
CA PRO F 6 44.15 13.13 19.83
C PRO F 6 44.54 14.23 18.85
N LYS F 7 43.54 14.70 18.12
CA LYS F 7 43.61 16.00 17.46
C LYS F 7 43.39 17.08 18.52
N ILE F 8 44.11 18.18 18.40
CA ILE F 8 44.11 19.22 19.43
C ILE F 8 43.99 20.57 18.74
N GLN F 9 42.89 21.28 18.97
CA GLN F 9 42.66 22.57 18.34
C GLN F 9 42.46 23.63 19.42
N VAL F 10 43.19 24.72 19.29
CA VAL F 10 43.23 25.80 20.27
C VAL F 10 42.75 27.06 19.58
N TYR F 11 41.72 27.71 20.13
CA TYR F 11 41.07 28.80 19.41
C TYR F 11 40.19 29.57 20.40
N SER F 12 39.96 30.84 20.07
CA SER F 12 39.19 31.72 20.93
C SER F 12 37.70 31.65 20.60
N ARG F 13 36.87 31.91 21.62
CA ARG F 13 35.43 31.87 21.43
C ARG F 13 34.97 32.85 20.35
N HIS F 14 35.44 34.10 20.44
CA HIS F 14 35.17 35.20 19.53
C HIS F 14 36.47 35.60 18.82
N PRO F 15 36.41 36.28 17.68
CA PRO F 15 37.64 36.75 17.04
C PRO F 15 38.45 37.60 18.01
N ALA F 16 39.75 37.31 18.10
CA ALA F 16 40.55 37.82 19.20
C ALA F 16 41.05 39.22 18.91
N GLU F 17 41.12 40.02 19.96
CA GLU F 17 41.59 41.40 19.89
C GLU F 17 42.32 41.66 21.19
N ASN F 18 43.62 41.98 21.10
CA ASN F 18 44.44 42.17 22.30
C ASN F 18 43.79 43.18 23.23
N GLY F 19 43.74 42.84 24.51
CA GLY F 19 43.14 43.73 25.47
C GLY F 19 41.64 43.64 25.57
N LYS F 20 41.01 42.68 24.89
CA LYS F 20 39.57 42.46 24.98
C LYS F 20 39.28 41.08 25.54
N SER F 21 38.47 41.03 26.58
CA SER F 21 38.15 39.77 27.26
C SER F 21 37.51 38.77 26.30
N ASN F 22 37.85 37.50 26.46
CA ASN F 22 37.50 36.44 25.53
C ASN F 22 37.51 35.12 26.29
N PHE F 23 37.31 34.02 25.57
CA PHE F 23 37.50 32.69 26.13
C PHE F 23 38.42 31.89 25.21
N LEU F 24 39.35 31.15 25.82
CA LEU F 24 40.25 30.28 25.09
C LEU F 24 39.78 28.84 25.21
N ASN F 25 39.60 28.18 24.06
CA ASN F 25 39.09 26.84 23.95
C ASN F 25 40.21 25.91 23.54
N CYS F 26 40.22 24.72 24.12
CA CYS F 26 41.04 23.64 23.62
C CYS F 26 40.12 22.44 23.40
N TYR F 27 39.91 22.08 22.13
CA TYR F 27 39.05 20.99 21.73
C TYR F 27 39.93 19.80 21.38
N VAL F 28 39.76 18.69 22.10
CA VAL F 28 40.59 17.50 21.97
C VAL F 28 39.69 16.36 21.51
N SER F 29 40.00 15.75 20.36
CA SER F 29 39.01 14.93 19.70
C SER F 29 39.65 13.76 18.96
N GLY F 30 38.81 12.82 18.58
CA GLY F 30 39.21 11.70 17.76
C GLY F 30 40.21 10.74 18.39
N PHE F 31 40.29 10.71 19.71
CA PHE F 31 41.26 9.83 20.32
C PHE F 31 40.61 8.54 20.83
N HIS F 32 41.42 7.49 20.95
CA HIS F 32 41.00 6.21 21.53
C HIS F 32 42.29 5.56 22.02
N PRO F 33 42.33 4.97 23.24
CA PRO F 33 41.27 4.82 24.25
C PRO F 33 40.97 6.13 25.01
N SER F 34 40.18 6.08 26.09
CA SER F 34 39.54 7.27 26.65
C SER F 34 40.39 8.02 27.67
N ASP F 35 41.39 7.39 28.28
CA ASP F 35 42.18 8.07 29.31
C ASP F 35 42.97 9.21 28.68
N ILE F 36 42.79 10.42 29.20
CA ILE F 36 43.41 11.60 28.62
C ILE F 36 43.65 12.62 29.72
N GLU F 37 44.69 13.43 29.55
CA GLU F 37 44.98 14.53 30.46
C GLU F 37 45.16 15.82 29.66
N VAL F 38 44.45 16.87 30.06
CA VAL F 38 44.48 18.16 29.35
C VAL F 38 44.69 19.29 30.35
N ASP F 39 45.64 20.17 30.07
CA ASP F 39 45.81 21.42 30.79
C ASP F 39 45.90 22.58 29.82
N LEU F 40 45.42 23.74 30.26
CA LEU F 40 45.67 25.01 29.59
C LEU F 40 46.80 25.73 30.30
N LEU F 41 47.66 26.37 29.51
CA LEU F 41 48.89 27.00 30.00
C LEU F 41 48.90 28.47 29.61
N LYS F 42 49.39 29.31 30.52
CA LYS F 42 49.69 30.71 30.23
C LYS F 42 51.17 30.91 30.49
N ASN F 43 51.91 31.26 29.44
CA ASN F 43 53.37 31.38 29.54
C ASN F 43 54.00 30.17 30.22
N GLY F 44 53.53 28.99 29.85
CA GLY F 44 54.16 27.76 30.30
C GLY F 44 53.61 27.18 31.58
N GLU F 45 52.85 27.96 32.35
CA GLU F 45 52.34 27.55 33.65
C GLU F 45 50.86 27.19 33.58
N ARG F 46 50.47 26.20 34.36
CA ARG F 46 49.09 25.72 34.31
C ARG F 46 48.13 26.81 34.78
N ILE F 47 47.06 27.01 34.03
CA ILE F 47 45.97 27.90 34.44
C ILE F 47 45.03 27.12 35.36
N GLU F 48 44.67 27.72 36.49
CA GLU F 48 43.97 26.94 37.50
C GLU F 48 42.46 26.92 37.32
N LYS F 49 41.87 28.03 36.90
CA LYS F 49 40.42 28.12 36.73
C LYS F 49 40.11 27.76 35.27
N VAL F 50 40.01 26.45 35.01
CA VAL F 50 39.70 25.93 33.68
C VAL F 50 38.47 25.05 33.78
N GLU F 51 37.52 25.26 32.87
CA GLU F 51 36.28 24.50 32.78
C GLU F 51 36.44 23.42 31.71
N HIS F 52 35.71 22.33 31.86
CA HIS F 52 35.77 21.34 30.80
C HIS F 52 34.46 20.58 30.75
N SER F 53 34.17 20.05 29.57
CA SER F 53 33.04 19.17 29.36
C SER F 53 33.40 17.75 29.79
N ASP F 54 32.37 16.96 30.06
CA ASP F 54 32.55 15.54 30.25
C ASP F 54 33.05 14.90 28.97
N LEU F 55 33.73 13.75 29.14
CA LEU F 55 34.09 12.91 28.01
C LEU F 55 32.87 12.70 27.11
N SER F 56 33.05 12.86 25.82
CA SER F 56 31.95 12.76 24.88
C SER F 56 32.26 11.71 23.82
N PHE F 57 31.20 11.17 23.21
CA PHE F 57 31.27 10.00 22.36
C PHE F 57 30.93 10.34 20.91
N SER F 58 31.80 9.93 19.99
CA SER F 58 31.58 10.05 18.56
C SER F 58 31.13 8.72 17.95
N LYS F 59 30.45 8.82 16.80
CA LYS F 59 29.93 7.66 16.09
C LYS F 59 31.01 6.73 15.56
N ASP F 60 32.24 7.24 15.36
CA ASP F 60 33.35 6.42 14.92
C ASP F 60 34.11 5.76 16.07
N TRP F 61 33.55 5.82 17.29
CA TRP F 61 33.97 5.18 18.53
C TRP F 61 35.10 5.94 19.22
N SER F 62 35.57 7.07 18.68
CA SER F 62 36.55 7.89 19.37
C SER F 62 35.82 8.83 20.33
N PHE F 63 36.59 9.63 21.07
CA PHE F 63 36.11 10.51 22.12
C PHE F 63 36.55 11.94 21.85
N TYR F 64 35.86 12.89 22.49
CA TYR F 64 36.27 14.29 22.42
C TYR F 64 35.89 14.99 23.72
N LEU F 65 36.56 16.12 23.97
CA LEU F 65 36.32 16.96 25.15
CA LEU F 65 36.15 16.99 25.06
C LEU F 65 36.64 18.40 24.80
N LEU F 66 36.05 19.33 25.55
CA LEU F 66 36.32 20.74 25.40
C LEU F 66 36.80 21.30 26.74
N TYR F 67 37.99 21.91 26.73
CA TYR F 67 38.52 22.64 27.88
C TYR F 67 38.52 24.13 27.57
N TYR F 68 38.18 24.97 28.55
CA TYR F 68 38.21 26.40 28.25
C TYR F 68 38.41 27.23 29.51
N THR F 69 38.79 28.49 29.28
CA THR F 69 39.08 29.41 30.38
C THR F 69 38.90 30.84 29.90
N GLU F 70 38.42 31.71 30.78
CA GLU F 70 38.28 33.11 30.42
C GLU F 70 39.65 33.76 30.38
N PHE F 71 39.91 34.58 29.36
CA PHE F 71 41.22 35.22 29.28
C PHE F 71 41.09 36.52 28.50
N THR F 72 42.11 37.37 28.66
CA THR F 72 42.21 38.59 27.88
C THR F 72 43.53 38.56 27.13
N PRO F 73 43.53 38.38 25.80
CA PRO F 73 44.80 38.24 25.08
C PRO F 73 45.62 39.53 25.11
N THR F 74 46.94 39.35 25.16
CA THR F 74 47.90 40.44 25.08
C THR F 74 49.06 40.00 24.19
N GLU F 75 49.79 40.98 23.66
CA GLU F 75 50.94 40.68 22.82
C GLU F 75 51.95 39.79 23.53
N LYS F 76 52.16 40.03 24.83
CA LYS F 76 53.23 39.34 25.55
C LYS F 76 52.87 37.89 25.87
N ASP F 77 51.59 37.63 26.17
CA ASP F 77 51.18 36.35 26.77
C ASP F 77 51.03 35.28 25.70
N GLU F 78 51.55 34.09 26.00
CA GLU F 78 51.50 32.93 25.12
C GLU F 78 50.61 31.88 25.78
N TYR F 79 49.59 31.42 25.06
CA TYR F 79 48.73 30.40 25.61
C TYR F 79 48.93 29.10 24.85
N ALA F 80 48.67 27.97 25.55
CA ALA F 80 48.87 26.66 24.96
C ALA F 80 47.93 25.66 25.62
N CYS F 81 47.79 24.52 24.97
CA CYS F 81 47.01 23.40 25.47
C CYS F 81 47.97 22.23 25.58
N ARG F 82 48.09 21.65 26.77
CA ARG F 82 49.00 20.53 27.00
C ARG F 82 48.20 19.25 27.21
N VAL F 83 48.51 18.22 26.43
CA VAL F 83 47.68 17.03 26.36
C VAL F 83 48.58 15.81 26.50
N ASN F 84 48.13 14.83 27.29
CA ASN F 84 48.83 13.54 27.35
C ASN F 84 47.82 12.40 27.13
N HIS F 85 48.31 11.35 26.49
CA HIS F 85 47.50 10.22 26.03
C HIS F 85 48.45 9.04 25.83
N VAL F 86 47.90 7.82 25.84
CA VAL F 86 48.79 6.66 25.80
C VAL F 86 49.59 6.64 24.51
N THR F 87 49.06 7.24 23.43
CA THR F 87 49.76 7.30 22.14
C THR F 87 50.97 8.22 22.15
N LEU F 88 51.13 9.05 23.18
CA LEU F 88 52.18 10.06 23.21
C LEU F 88 53.22 9.69 24.27
N SER F 89 54.51 9.70 23.87
CA SER F 89 55.55 9.38 24.83
CA SER F 89 55.58 9.41 24.82
C SER F 89 55.71 10.49 25.86
N GLN F 90 55.43 11.72 25.49
CA GLN F 90 55.53 12.86 26.40
CA GLN F 90 55.56 12.90 26.35
C GLN F 90 54.35 13.77 26.14
N PRO F 91 54.00 14.61 27.13
CA PRO F 91 52.87 15.53 26.94
C PRO F 91 53.15 16.45 25.76
N LYS F 92 52.12 16.65 24.94
CA LYS F 92 52.21 17.52 23.78
C LYS F 92 51.65 18.89 24.15
N ILE F 93 52.44 19.93 23.93
CA ILE F 93 52.02 21.31 24.18
C ILE F 93 51.70 21.96 22.84
N VAL F 94 50.44 22.36 22.65
CA VAL F 94 50.01 22.95 21.38
C VAL F 94 49.76 24.44 21.61
N LYS F 95 50.52 25.29 20.92
CA LYS F 95 50.41 26.74 21.10
C LYS F 95 49.18 27.30 20.41
N TRP F 96 48.51 28.23 21.08
CA TRP F 96 47.46 29.00 20.42
C TRP F 96 48.08 29.86 19.34
N ASP F 97 47.52 29.81 18.12
CA ASP F 97 48.06 30.62 17.02
C ASP F 97 47.57 32.06 17.04
N ARG F 98 47.03 32.53 18.17
CA ARG F 98 46.63 33.94 18.36
C ARG F 98 45.58 34.38 17.35
N ASP F 99 44.78 33.43 16.85
CA ASP F 99 43.69 33.74 15.91
C ASP F 99 44.25 34.31 14.61
N MET F 100 45.39 33.80 14.19
CA MET F 100 46.06 34.22 12.95
C MET F 100 45.16 34.20 11.72
N GLN G 3 -7.85 -9.94 -37.03
CA GLN G 3 -7.30 -8.58 -36.98
C GLN G 3 -5.97 -8.56 -36.25
N ASN G 4 -4.94 -7.93 -36.82
CA ASN G 4 -3.71 -7.83 -36.05
C ASN G 4 -2.88 -6.63 -36.47
N ILE G 5 -1.98 -6.30 -35.57
CA ILE G 5 -1.10 -5.15 -35.71
CA ILE G 5 -1.10 -5.13 -35.64
C ILE G 5 0.29 -5.61 -35.28
N ASP G 6 1.29 -5.24 -36.07
CA ASP G 6 2.63 -5.73 -35.83
C ASP G 6 3.65 -4.61 -35.86
N GLN G 7 4.55 -4.63 -34.89
CA GLN G 7 5.64 -3.67 -34.85
C GLN G 7 6.82 -4.37 -34.21
N PRO G 8 8.05 -4.01 -34.56
CA PRO G 8 9.20 -4.73 -34.01
C PRO G 8 9.26 -4.56 -32.49
N THR G 9 9.81 -5.57 -31.82
CA THR G 9 9.89 -5.58 -30.36
C THR G 9 10.82 -4.49 -29.85
N GLU G 10 11.98 -4.32 -30.48
CA GLU G 10 12.95 -3.38 -29.97
C GLU G 10 13.78 -2.84 -31.12
N MET G 11 14.21 -1.59 -30.99
CA MET G 11 15.14 -0.98 -31.91
C MET G 11 16.20 -0.21 -31.13
N THR G 12 17.42 -0.18 -31.66
CA THR G 12 18.51 0.55 -31.03
C THR G 12 19.15 1.47 -32.07
N ALA G 13 19.32 2.74 -31.71
CA ALA G 13 19.92 3.72 -32.61
C ALA G 13 20.82 4.66 -31.81
N THR G 14 21.60 5.46 -32.50
CA THR G 14 22.57 6.36 -31.89
C THR G 14 22.01 7.78 -31.71
N GLU G 15 22.35 8.40 -30.59
CA GLU G 15 22.02 9.81 -30.37
C GLU G 15 22.39 10.69 -31.57
N GLY G 16 21.50 11.58 -31.95
CA GLY G 16 21.73 12.42 -33.09
C GLY G 16 21.28 11.84 -34.41
N ALA G 17 21.00 10.54 -34.47
CA ALA G 17 20.67 9.91 -35.73
C ALA G 17 19.15 9.95 -35.96
N ILE G 18 18.68 9.20 -36.94
CA ILE G 18 17.27 9.12 -37.29
CA ILE G 18 17.24 9.14 -37.14
C ILE G 18 16.83 7.67 -37.10
N VAL G 19 15.58 7.47 -36.69
CA VAL G 19 15.06 6.10 -36.61
C VAL G 19 13.63 6.11 -37.16
N GLN G 20 13.27 5.02 -37.81
CA GLN G 20 11.94 4.84 -38.36
C GLN G 20 11.30 3.61 -37.72
N ILE G 21 10.21 3.81 -36.98
CA ILE G 21 9.52 2.71 -36.33
C ILE G 21 8.30 2.31 -37.17
N ASN G 22 8.27 1.04 -37.60
CA ASN G 22 7.26 0.53 -38.54
C ASN G 22 6.10 -0.10 -37.79
N CYS G 23 4.90 0.05 -38.35
CA CYS G 23 3.69 -0.58 -37.83
CA CYS G 23 3.69 -0.58 -37.83
C CYS G 23 2.89 -1.07 -39.04
N THR G 24 2.58 -2.35 -39.10
CA THR G 24 1.72 -2.92 -40.13
CA THR G 24 1.70 -2.88 -40.14
C THR G 24 0.45 -3.44 -39.49
N TYR G 25 -0.65 -3.37 -40.22
CA TYR G 25 -1.92 -3.75 -39.64
C TYR G 25 -2.79 -4.44 -40.66
N GLN G 26 -3.58 -5.40 -40.17
CA GLN G 26 -4.60 -6.07 -40.97
C GLN G 26 -5.89 -5.98 -40.17
N THR G 27 -6.85 -5.20 -40.65
CA THR G 27 -8.06 -5.01 -39.86
C THR G 27 -9.28 -5.16 -40.74
N SER G 28 -10.42 -5.40 -40.09
CA SER G 28 -11.70 -5.22 -40.75
C SER G 28 -12.04 -3.75 -40.58
N GLY G 29 -11.81 -3.00 -41.66
CA GLY G 29 -12.09 -1.58 -41.74
C GLY G 29 -11.00 -0.74 -41.11
N PHE G 30 -11.05 0.55 -41.40
CA PHE G 30 -9.97 1.44 -40.97
C PHE G 30 -10.52 2.84 -40.73
N ASN G 31 -10.34 3.34 -39.50
CA ASN G 31 -10.77 4.69 -39.17
C ASN G 31 -9.64 5.50 -38.55
N GLY G 32 -8.38 5.13 -38.82
CA GLY G 32 -7.22 5.92 -38.48
C GLY G 32 -6.22 5.16 -37.64
N LEU G 33 -4.98 5.66 -37.61
CA LEU G 33 -3.87 5.01 -36.92
C LEU G 33 -3.24 6.04 -36.00
N PHE G 34 -3.00 5.64 -34.76
CA PHE G 34 -2.44 6.47 -33.72
C PHE G 34 -1.05 5.97 -33.34
N TRP G 35 -0.15 6.89 -33.02
CA TRP G 35 1.07 6.55 -32.29
C TRP G 35 1.02 7.18 -30.91
N TYR G 36 1.49 6.43 -29.90
CA TYR G 36 1.62 6.91 -28.53
C TYR G 36 3.06 6.70 -28.08
N GLN G 37 3.53 7.59 -27.21
CA GLN G 37 4.84 7.39 -26.57
C GLN G 37 4.60 6.92 -25.14
N GLN G 38 5.38 5.93 -24.68
CA GLN G 38 5.24 5.48 -23.28
C GLN G 38 6.63 5.33 -22.67
N HIS G 39 7.02 6.31 -21.88
CA HIS G 39 8.25 6.16 -21.09
C HIS G 39 8.10 5.04 -20.05
N ALA G 40 9.21 4.38 -19.76
CA ALA G 40 9.18 3.26 -18.83
C ALA G 40 8.59 3.70 -17.48
N GLY G 41 7.59 2.94 -17.03
CA GLY G 41 6.93 3.22 -15.78
C GLY G 41 5.93 4.35 -15.81
N GLU G 42 5.62 4.89 -17.00
CA GLU G 42 4.78 6.07 -17.13
C GLU G 42 3.58 5.74 -18.01
N ALA G 43 2.63 6.69 -18.10
CA ALA G 43 1.45 6.59 -18.95
C ALA G 43 1.78 6.79 -20.44
N PRO G 44 1.10 6.08 -21.35
CA PRO G 44 1.14 6.45 -22.77
C PRO G 44 0.64 7.88 -22.97
N THR G 45 1.30 8.60 -23.87
CA THR G 45 0.83 9.92 -24.29
C THR G 45 0.73 9.95 -25.80
N PHE G 46 -0.30 10.65 -26.28
CA PHE G 46 -0.60 10.73 -27.70
C PHE G 46 0.51 11.45 -28.47
N LEU G 47 0.94 10.86 -29.61
CA LEU G 47 1.90 11.52 -30.49
C LEU G 47 1.27 11.95 -31.80
N SER G 48 0.48 11.08 -32.44
CA SER G 48 0.10 11.43 -33.81
C SER G 48 -1.11 10.62 -34.24
N TYR G 49 -1.77 11.12 -35.28
CA TYR G 49 -2.91 10.45 -35.89
C TYR G 49 -2.81 10.63 -37.40
N ASN G 50 -2.96 9.54 -38.16
CA ASN G 50 -3.05 9.60 -39.63
C ASN G 50 -4.28 8.83 -40.07
N VAL G 51 -4.94 9.33 -41.12
CA VAL G 51 -6.08 8.56 -41.59
C VAL G 51 -6.15 8.56 -43.13
N LEU G 52 -5.64 9.61 -43.77
CA LEU G 52 -5.42 9.60 -45.22
C LEU G 52 -3.95 9.34 -45.51
N ASP G 53 -3.65 9.04 -46.77
CA ASP G 53 -2.28 8.66 -47.12
C ASP G 53 -1.37 9.87 -47.06
N GLY G 54 -0.12 9.67 -46.60
CA GLY G 54 0.79 10.78 -46.62
C GLY G 54 1.57 10.87 -45.33
N LEU G 55 2.31 11.96 -45.21
CA LEU G 55 3.25 12.22 -44.14
C LEU G 55 2.78 13.47 -43.41
N GLU G 56 2.81 13.44 -42.07
CA GLU G 56 2.51 14.60 -41.26
C GLU G 56 3.67 14.84 -40.29
N GLU G 57 4.17 16.08 -40.22
CA GLU G 57 5.29 16.42 -39.37
CA GLU G 57 5.29 16.41 -39.37
C GLU G 57 4.81 17.13 -38.11
N LYS G 58 5.54 16.93 -37.00
CA LYS G 58 5.23 17.54 -35.71
C LYS G 58 6.54 17.63 -34.92
N GLY G 59 7.22 18.77 -35.04
CA GLY G 59 8.51 18.90 -34.40
C GLY G 59 9.52 17.95 -35.03
N ARG G 60 10.22 17.19 -34.19
CA ARG G 60 11.21 16.22 -34.64
C ARG G 60 10.60 14.90 -35.07
N PHE G 61 9.29 14.72 -34.91
CA PHE G 61 8.61 13.48 -35.24
C PHE G 61 7.74 13.70 -36.46
N SER G 62 7.68 12.70 -37.30
CA SER G 62 6.76 12.67 -38.44
CA SER G 62 6.70 12.70 -38.38
C SER G 62 6.07 11.33 -38.44
N SER G 63 4.84 11.27 -38.95
CA SER G 63 4.11 10.01 -39.04
CA SER G 63 4.14 10.00 -39.05
C SER G 63 3.58 9.86 -40.47
N PHE G 64 3.80 8.70 -41.04
CA PHE G 64 3.44 8.38 -42.42
C PHE G 64 2.37 7.29 -42.43
N LEU G 65 1.51 7.29 -43.46
CA LEU G 65 0.50 6.25 -43.56
C LEU G 65 0.32 5.88 -45.02
N SER G 66 0.28 4.58 -45.32
CA SER G 66 -0.19 4.07 -46.62
C SER G 66 -1.36 3.14 -46.38
N ARG G 67 -2.57 3.58 -46.74
CA ARG G 67 -3.74 2.75 -46.48
C ARG G 67 -3.72 1.48 -47.34
N SER G 68 -3.26 1.57 -48.58
CA SER G 68 -3.33 0.39 -49.45
C SER G 68 -2.34 -0.68 -49.04
N LYS G 69 -1.21 -0.29 -48.44
CA LYS G 69 -0.24 -1.24 -47.92
C LYS G 69 -0.48 -1.59 -46.46
N GLY G 70 -1.36 -0.88 -45.78
CA GLY G 70 -1.69 -1.18 -44.40
C GLY G 70 -0.46 -0.95 -43.54
N TYR G 71 0.15 0.22 -43.70
CA TYR G 71 1.48 0.41 -43.14
C TYR G 71 1.62 1.84 -42.65
N SER G 72 2.29 2.03 -41.50
CA SER G 72 2.59 3.36 -41.02
C SER G 72 4.02 3.36 -40.47
N TYR G 73 4.67 4.50 -40.50
CA TYR G 73 5.87 4.59 -39.66
C TYR G 73 5.88 5.88 -38.89
N LEU G 74 6.55 5.81 -37.73
CA LEU G 74 6.86 6.95 -36.88
C LEU G 74 8.34 7.27 -37.11
N LEU G 75 8.64 8.49 -37.52
CA LEU G 75 10.01 8.87 -37.90
C LEU G 75 10.55 9.85 -36.87
N LEU G 76 11.60 9.46 -36.15
CA LEU G 76 12.21 10.32 -35.14
C LEU G 76 13.55 10.83 -35.67
N LYS G 77 13.70 12.15 -35.79
CA LYS G 77 14.93 12.78 -36.24
C LYS G 77 15.70 13.40 -35.08
N GLU G 78 17.01 13.54 -35.29
CA GLU G 78 17.92 14.16 -34.31
C GLU G 78 17.70 13.56 -32.92
N LEU G 79 17.84 12.24 -32.83
CA LEU G 79 17.49 11.53 -31.60
C LEU G 79 18.20 12.09 -30.37
N GLN G 80 17.46 12.17 -29.28
CA GLN G 80 17.95 12.57 -27.97
C GLN G 80 17.74 11.43 -27.00
N MET G 81 18.51 11.42 -25.92
CA MET G 81 18.34 10.38 -24.91
C MET G 81 16.91 10.34 -24.40
N LYS G 82 16.25 11.48 -24.30
CA LYS G 82 14.89 11.44 -23.78
C LYS G 82 13.89 10.78 -24.72
N ASP G 83 14.29 10.46 -25.97
CA ASP G 83 13.42 9.69 -26.86
C ASP G 83 13.39 8.20 -26.50
N SER G 84 14.26 7.76 -25.59
CA SER G 84 14.25 6.38 -25.09
CA SER G 84 14.24 6.38 -25.10
C SER G 84 12.91 6.12 -24.42
N ALA G 85 12.11 5.23 -25.00
CA ALA G 85 10.73 5.01 -24.56
C ALA G 85 10.19 3.89 -25.43
N SER G 86 8.99 3.42 -25.09
CA SER G 86 8.28 2.55 -26.00
C SER G 86 7.34 3.39 -26.85
N TYR G 87 7.11 2.91 -28.07
CA TYR G 87 6.25 3.59 -29.03
C TYR G 87 5.17 2.59 -29.42
N LEU G 88 3.89 2.97 -29.19
CA LEU G 88 2.75 2.08 -29.36
C LEU G 88 1.95 2.56 -30.58
N CYS G 89 1.67 1.66 -31.50
CA CYS G 89 0.82 1.90 -32.65
CA CYS G 89 0.79 2.02 -32.57
C CYS G 89 -0.57 1.37 -32.34
N ALA G 90 -1.62 2.09 -32.76
CA ALA G 90 -2.96 1.54 -32.55
C ALA G 90 -3.87 1.93 -33.69
N VAL G 91 -4.73 1.01 -34.10
CA VAL G 91 -5.59 1.22 -35.26
C VAL G 91 -7.04 1.15 -34.83
N LYS G 92 -7.83 2.11 -35.29
CA LYS G 92 -9.26 2.12 -35.05
C LYS G 92 -9.95 1.33 -36.18
N ASP G 93 -10.70 0.26 -35.83
CA ASP G 93 -11.31 -0.61 -36.83
C ASP G 93 -12.69 -0.09 -37.24
N SER G 94 -13.44 -0.90 -38.02
CA SER G 94 -14.70 -0.42 -38.57
CA SER G 94 -14.73 -0.46 -38.57
C SER G 94 -15.75 -0.15 -37.49
N ASN G 95 -15.63 -0.76 -36.31
CA ASN G 95 -16.55 -0.48 -35.22
C ASN G 95 -15.93 0.48 -34.19
N TYR G 96 -14.94 1.26 -34.63
CA TYR G 96 -14.36 2.38 -33.89
C TYR G 96 -13.68 1.89 -32.61
N GLN G 97 -13.25 0.63 -32.62
CA GLN G 97 -12.51 0.01 -31.53
C GLN G 97 -11.01 0.01 -31.85
N LEU G 98 -10.20 0.30 -30.85
CA LEU G 98 -8.75 0.33 -31.04
C LEU G 98 -8.16 -1.06 -30.95
N ILE G 99 -7.28 -1.40 -31.88
CA ILE G 99 -6.45 -2.58 -31.77
C ILE G 99 -5.03 -2.09 -31.54
N TRP G 100 -4.39 -2.54 -30.47
CA TRP G 100 -3.09 -2.03 -30.04
C TRP G 100 -1.97 -2.98 -30.44
N GLY G 101 -0.93 -2.43 -31.07
CA GLY G 101 0.30 -3.17 -31.23
C GLY G 101 1.01 -3.35 -29.89
N ALA G 102 1.93 -4.30 -29.84
CA ALA G 102 2.61 -4.65 -28.59
C ALA G 102 3.71 -3.67 -28.21
N GLY G 103 4.03 -2.71 -29.06
CA GLY G 103 4.97 -1.64 -28.78
C GLY G 103 6.39 -1.95 -29.19
N THR G 104 7.12 -0.89 -29.54
CA THR G 104 8.53 -0.97 -29.89
C THR G 104 9.32 -0.22 -28.83
N LYS G 105 10.23 -0.92 -28.17
CA LYS G 105 11.14 -0.30 -27.22
C LYS G 105 12.30 0.34 -27.97
N LEU G 106 12.42 1.66 -27.88
CA LEU G 106 13.52 2.38 -28.52
C LEU G 106 14.64 2.66 -27.52
N ILE G 107 15.83 2.13 -27.83
CA ILE G 107 17.04 2.32 -27.02
C ILE G 107 17.98 3.24 -27.78
N ILE G 108 18.50 4.25 -27.11
CA ILE G 108 19.38 5.21 -27.74
CA ILE G 108 19.37 5.25 -27.72
C ILE G 108 20.76 5.11 -27.12
N LYS G 109 21.77 4.92 -27.96
CA LYS G 109 23.15 4.92 -27.49
CA LYS G 109 23.15 4.91 -27.50
C LYS G 109 23.69 6.34 -27.44
N PRO G 110 24.20 6.80 -26.29
CA PRO G 110 24.77 8.15 -26.24
C PRO G 110 26.06 8.21 -27.02
N ASP G 111 26.37 9.41 -27.49
CA ASP G 111 27.64 9.68 -28.14
C ASP G 111 28.66 10.04 -27.06
N ILE G 112 29.54 9.11 -26.74
CA ILE G 112 30.55 9.31 -25.71
C ILE G 112 31.76 9.95 -26.38
N GLN G 113 31.98 11.24 -26.07
CA GLN G 113 33.02 12.03 -26.72
C GLN G 113 34.42 11.57 -26.35
N ASN G 114 34.67 11.37 -25.05
CA ASN G 114 36.01 11.05 -24.57
C ASN G 114 35.93 9.82 -23.67
N PRO G 115 35.82 8.62 -24.26
CA PRO G 115 35.76 7.40 -23.47
C PRO G 115 36.99 7.23 -22.60
N ASP G 116 36.77 6.75 -21.40
CA ASP G 116 37.83 6.54 -20.42
C ASP G 116 37.50 5.28 -19.62
N PRO G 117 37.31 4.15 -20.31
CA PRO G 117 36.81 2.93 -19.64
C PRO G 117 37.66 2.55 -18.43
N ALA G 118 36.98 2.17 -17.36
CA ALA G 118 37.65 1.82 -16.12
C ALA G 118 36.72 0.97 -15.25
N VAL G 119 37.33 0.13 -14.39
CA VAL G 119 36.61 -0.62 -13.37
C VAL G 119 37.15 -0.18 -12.02
N TYR G 120 36.27 0.42 -11.21
CA TYR G 120 36.64 0.93 -9.90
C TYR G 120 36.01 0.10 -8.80
N GLN G 121 36.74 -0.03 -7.70
CA GLN G 121 36.23 -0.63 -6.47
C GLN G 121 35.61 0.45 -5.60
N LEU G 122 34.31 0.37 -5.34
CA LEU G 122 33.75 1.34 -4.42
C LEU G 122 34.13 1.00 -2.98
N ARG G 123 33.98 1.98 -2.09
CA ARG G 123 34.33 1.70 -0.69
C ARG G 123 33.27 0.81 -0.05
N ASP G 124 33.71 -0.10 0.80
CA ASP G 124 32.76 -0.92 1.54
C ASP G 124 31.86 -0.04 2.41
N SER G 125 30.64 -0.53 2.63
CA SER G 125 29.72 0.04 3.61
C SER G 125 29.83 -0.79 4.89
N LYS G 126 29.91 -0.12 6.05
CA LYS G 126 30.00 -0.90 7.28
C LYS G 126 28.72 -1.68 7.54
N SER G 127 27.65 -1.39 6.81
CA SER G 127 26.35 -2.04 7.00
C SER G 127 26.08 -3.12 5.97
N SER G 128 27.06 -3.45 5.12
CA SER G 128 26.80 -4.45 4.11
C SER G 128 28.00 -5.37 3.99
N ASP G 129 27.74 -6.65 3.71
CA ASP G 129 28.81 -7.60 3.39
C ASP G 129 29.22 -7.60 1.91
N LYS G 130 28.68 -6.70 1.09
CA LYS G 130 28.95 -6.77 -0.34
C LYS G 130 30.22 -6.02 -0.72
N SER G 131 30.93 -6.54 -1.70
CA SER G 131 31.93 -5.78 -2.44
CA SER G 131 31.95 -5.80 -2.46
C SER G 131 31.31 -5.31 -3.76
N VAL G 132 31.58 -4.06 -4.13
CA VAL G 132 30.90 -3.42 -5.26
C VAL G 132 31.93 -2.84 -6.23
N CYS G 133 31.73 -3.11 -7.52
CA CYS G 133 32.62 -2.72 -8.61
C CYS G 133 31.80 -1.95 -9.64
N LEU G 134 32.36 -0.86 -10.14
CA LEU G 134 31.70 0.02 -11.10
C LEU G 134 32.52 0.01 -12.40
N PHE G 135 31.93 -0.50 -13.47
CA PHE G 135 32.52 -0.37 -14.82
C PHE G 135 31.94 0.91 -15.42
N THR G 136 32.79 1.86 -15.83
CA THR G 136 32.23 3.16 -16.20
C THR G 136 33.07 3.80 -17.31
N ASP G 137 32.44 4.78 -17.97
CA ASP G 137 33.07 5.71 -18.91
C ASP G 137 33.47 5.04 -20.23
N PHE G 138 32.88 3.89 -20.53
CA PHE G 138 33.14 3.18 -21.77
C PHE G 138 32.19 3.70 -22.85
N ASP G 139 32.63 3.55 -24.10
CA ASP G 139 31.89 3.95 -25.29
C ASP G 139 30.65 3.05 -25.46
N SER G 140 29.66 3.58 -26.18
CA SER G 140 28.38 2.90 -26.20
C SER G 140 28.37 1.61 -27.02
N GLN G 141 29.46 1.28 -27.73
CA GLN G 141 29.50 0.01 -28.45
C GLN G 141 29.76 -1.18 -27.54
N THR G 142 30.24 -0.93 -26.33
CA THR G 142 30.44 -1.97 -25.34
C THR G 142 29.11 -2.51 -24.82
N ASN G 143 29.04 -3.84 -24.73
CA ASN G 143 27.89 -4.53 -24.15
C ASN G 143 28.30 -5.22 -22.86
N VAL G 144 27.43 -5.19 -21.88
CA VAL G 144 27.72 -5.69 -20.54
C VAL G 144 27.00 -7.02 -20.39
N SER G 145 27.73 -8.09 -20.17
CA SER G 145 27.10 -9.39 -20.03
C SER G 145 26.66 -9.63 -18.59
N GLN G 146 25.60 -10.44 -18.45
CA GLN G 146 25.20 -10.89 -17.14
C GLN G 146 26.26 -11.82 -16.55
N SER G 147 26.20 -12.00 -15.24
CA SER G 147 27.17 -12.83 -14.56
CA SER G 147 27.17 -12.83 -14.56
C SER G 147 26.97 -14.30 -14.91
N LYS G 148 28.08 -15.03 -14.98
CA LYS G 148 28.04 -16.48 -15.14
C LYS G 148 28.05 -17.19 -13.80
N ASP G 149 28.27 -16.46 -12.71
CA ASP G 149 28.29 -16.97 -11.35
C ASP G 149 26.99 -16.56 -10.66
N SER G 150 26.34 -17.53 -10.00
CA SER G 150 25.05 -17.24 -9.38
CA SER G 150 25.05 -17.25 -9.36
C SER G 150 25.17 -16.34 -8.15
N ASP G 151 26.36 -16.19 -7.57
CA ASP G 151 26.52 -15.33 -6.40
C ASP G 151 27.12 -13.98 -6.75
N VAL G 152 27.21 -13.64 -8.04
CA VAL G 152 27.68 -12.35 -8.53
C VAL G 152 26.53 -11.73 -9.31
N TYR G 153 26.26 -10.46 -9.07
CA TYR G 153 25.14 -9.77 -9.66
C TYR G 153 25.70 -8.63 -10.48
N ILE G 154 25.30 -8.56 -11.74
CA ILE G 154 25.77 -7.53 -12.66
C ILE G 154 24.56 -6.90 -13.32
N THR G 155 24.46 -5.58 -13.19
CA THR G 155 23.36 -4.87 -13.82
C THR G 155 23.79 -4.39 -15.20
N ASP G 156 22.80 -4.17 -16.06
CA ASP G 156 23.09 -3.72 -17.40
C ASP G 156 23.55 -2.27 -17.37
N LYS G 157 24.07 -1.79 -18.50
CA LYS G 157 24.57 -0.43 -18.55
C LYS G 157 23.42 0.56 -18.50
N CYS G 158 23.71 1.72 -17.94
CA CYS G 158 22.80 2.80 -17.60
C CYS G 158 23.52 4.07 -18.04
N VAL G 159 22.79 5.05 -18.58
CA VAL G 159 23.39 6.31 -19.01
C VAL G 159 23.02 7.39 -18.02
N LEU G 160 24.04 8.09 -17.51
CA LEU G 160 23.80 9.17 -16.56
CA LEU G 160 23.88 9.15 -16.53
C LEU G 160 24.22 10.48 -17.20
N ASP G 161 23.48 11.54 -16.87
CA ASP G 161 23.71 12.85 -17.48
C ASP G 161 24.06 13.87 -16.38
N MET G 162 25.29 14.35 -16.38
CA MET G 162 25.68 15.42 -15.45
C MET G 162 25.42 16.73 -16.17
N ARG G 163 24.27 17.33 -15.88
CA ARG G 163 23.76 18.36 -16.76
C ARG G 163 24.62 19.62 -16.70
N SER G 164 25.04 20.02 -15.50
CA SER G 164 25.90 21.19 -15.35
C SER G 164 27.13 21.09 -16.25
N MET G 165 27.70 19.90 -16.41
CA MET G 165 28.92 19.69 -17.19
CA MET G 165 28.92 19.73 -17.20
C MET G 165 28.64 19.22 -18.62
N ASP G 166 27.38 19.12 -19.01
CA ASP G 166 27.02 18.56 -20.33
C ASP G 166 27.81 17.29 -20.64
N PHE G 167 27.80 16.37 -19.67
CA PHE G 167 28.64 15.19 -19.67
C PHE G 167 27.75 13.99 -19.44
N LYS G 168 27.86 13.00 -20.30
CA LYS G 168 27.13 11.75 -20.17
C LYS G 168 28.13 10.62 -20.00
N SER G 169 27.73 9.57 -19.29
CA SER G 169 28.63 8.43 -19.18
C SER G 169 27.81 7.16 -19.00
N ASN G 170 28.33 6.06 -19.55
CA ASN G 170 27.74 4.74 -19.33
C ASN G 170 28.33 4.13 -18.07
N SER G 171 27.53 3.33 -17.36
CA SER G 171 28.13 2.51 -16.31
C SER G 171 27.29 1.27 -16.08
N ALA G 172 27.93 0.26 -15.48
CA ALA G 172 27.29 -0.96 -15.03
C ALA G 172 27.88 -1.29 -13.66
N VAL G 173 27.11 -1.97 -12.80
CA VAL G 173 27.53 -2.29 -11.43
C VAL G 173 27.58 -3.80 -11.27
N ALA G 174 28.65 -4.30 -10.64
CA ALA G 174 28.75 -5.70 -10.25
C ALA G 174 28.94 -5.79 -8.74
N TRP G 175 28.32 -6.79 -8.09
CA TRP G 175 28.59 -6.94 -6.66
C TRP G 175 28.44 -8.39 -6.23
N SER G 176 29.02 -8.69 -5.08
CA SER G 176 28.99 -10.04 -4.53
C SER G 176 29.46 -9.97 -3.07
N ASN G 177 29.04 -10.95 -2.27
CA ASN G 177 29.67 -11.15 -0.96
C ASN G 177 30.65 -12.35 -0.95
N LYS G 178 30.99 -12.90 -2.12
CA LYS G 178 31.91 -14.02 -2.16
C LYS G 178 33.35 -13.59 -1.91
N SER G 179 34.12 -14.44 -1.23
CA SER G 179 35.52 -14.11 -0.99
C SER G 179 36.35 -14.15 -2.27
N ASP G 180 35.88 -14.87 -3.30
CA ASP G 180 36.56 -14.99 -4.59
C ASP G 180 36.39 -13.76 -5.47
N PHE G 181 35.54 -12.82 -5.08
CA PHE G 181 35.14 -11.72 -5.94
C PHE G 181 36.15 -10.57 -5.88
N ALA G 182 36.55 -10.09 -7.05
CA ALA G 182 37.48 -8.97 -7.16
C ALA G 182 37.08 -8.17 -8.38
N CYS G 183 37.31 -6.85 -8.33
CA CYS G 183 36.96 -6.07 -9.51
CA CYS G 183 37.03 -6.00 -9.50
C CYS G 183 37.77 -6.48 -10.73
N ALA G 184 38.98 -7.01 -10.54
CA ALA G 184 39.78 -7.46 -11.67
C ALA G 184 39.09 -8.54 -12.47
N ASN G 185 38.16 -9.29 -11.86
CA ASN G 185 37.48 -10.38 -12.53
CA ASN G 185 37.49 -10.36 -12.57
C ASN G 185 35.98 -10.20 -12.64
N ALA G 186 35.42 -9.12 -12.06
CA ALA G 186 33.97 -8.95 -11.99
C ALA G 186 33.33 -9.03 -13.38
N PHE G 187 33.91 -8.35 -14.37
CA PHE G 187 33.31 -8.28 -15.70
C PHE G 187 34.01 -9.21 -16.70
N ASN G 188 34.63 -10.31 -16.22
CA ASN G 188 35.32 -11.26 -17.10
C ASN G 188 34.40 -11.88 -18.14
N ASN G 189 33.09 -11.92 -17.89
CA ASN G 189 32.23 -12.49 -18.93
C ASN G 189 31.85 -11.47 -19.99
N SER G 190 32.26 -10.22 -19.85
CA SER G 190 32.00 -9.19 -20.85
C SER G 190 33.21 -8.98 -21.75
N ILE G 191 32.97 -8.58 -22.99
CA ILE G 191 34.02 -8.07 -23.86
C ILE G 191 34.19 -6.59 -23.55
N ILE G 192 35.29 -6.24 -22.89
CA ILE G 192 35.45 -4.86 -22.44
C ILE G 192 36.61 -4.28 -23.22
N PRO G 193 36.72 -2.95 -23.31
CA PRO G 193 37.80 -2.38 -24.13
C PRO G 193 39.18 -2.79 -23.61
N GLU G 194 40.09 -2.98 -24.58
CA GLU G 194 41.47 -3.37 -24.29
C GLU G 194 42.18 -2.38 -23.37
N ASP G 195 41.83 -1.10 -23.45
CA ASP G 195 42.52 -0.10 -22.64
C ASP G 195 41.78 0.20 -21.33
N THR G 196 40.88 -0.67 -20.90
CA THR G 196 40.13 -0.43 -19.67
C THR G 196 41.11 -0.27 -18.50
N PHE G 197 40.89 0.75 -17.68
CA PHE G 197 41.81 1.06 -16.60
C PHE G 197 41.39 0.27 -15.36
N PHE G 198 42.32 -0.49 -14.78
CA PHE G 198 42.10 -1.22 -13.53
C PHE G 198 43.08 -0.70 -12.48
N PRO G 199 42.66 0.21 -11.59
CA PRO G 199 43.58 0.70 -10.54
C PRO G 199 44.10 -0.44 -9.67
N SER G 200 45.31 -0.26 -9.14
CA SER G 200 45.92 -1.26 -8.28
CA SER G 200 45.88 -1.31 -8.32
C SER G 200 45.10 -1.48 -7.01
N PRO G 201 45.02 -2.73 -6.50
CA PRO G 201 44.34 -3.02 -5.22
C PRO G 201 45.11 -2.53 -4.00
N ASN H 2 -7.35 21.16 -13.34
CA ASN H 2 -6.52 20.73 -14.47
C ASN H 2 -5.59 19.56 -14.11
N ALA H 3 -6.13 18.58 -13.38
CA ALA H 3 -5.34 17.41 -12.99
C ALA H 3 -5.24 16.35 -14.09
N GLY H 4 -6.09 16.37 -15.12
CA GLY H 4 -6.10 15.28 -16.09
C GLY H 4 -6.78 14.03 -15.53
N VAL H 5 -6.17 12.87 -15.73
CA VAL H 5 -6.73 11.59 -15.29
C VAL H 5 -5.98 11.18 -14.02
N THR H 6 -6.71 10.95 -12.93
CA THR H 6 -6.15 10.57 -11.64
C THR H 6 -6.63 9.17 -11.28
N GLN H 7 -5.73 8.20 -11.21
CA GLN H 7 -6.10 6.87 -10.75
C GLN H 7 -5.28 6.46 -9.54
N THR H 8 -5.89 5.67 -8.66
CA THR H 8 -5.26 5.15 -7.46
C THR H 8 -5.67 3.70 -7.30
N PRO H 9 -4.86 2.87 -6.63
CA PRO H 9 -3.52 3.20 -6.10
C PRO H 9 -2.43 2.95 -7.13
N LYS H 10 -1.25 3.52 -6.90
CA LYS H 10 -0.11 3.27 -7.77
C LYS H 10 0.36 1.82 -7.70
N PHE H 11 0.36 1.24 -6.49
CA PHE H 11 0.86 -0.11 -6.32
C PHE H 11 -0.08 -0.86 -5.39
N GLN H 12 -0.19 -2.16 -5.59
CA GLN H 12 -1.00 -2.96 -4.68
C GLN H 12 -0.59 -4.41 -4.74
N VAL H 13 -0.34 -5.02 -3.59
CA VAL H 13 -0.18 -6.46 -3.54
CA VAL H 13 -0.14 -6.46 -3.43
C VAL H 13 -1.44 -7.04 -2.92
N LEU H 14 -1.88 -8.17 -3.48
CA LEU H 14 -3.12 -8.83 -3.09
C LEU H 14 -2.84 -10.30 -2.95
N LYS H 15 -3.62 -10.94 -2.10
CA LYS H 15 -3.66 -12.39 -1.98
C LYS H 15 -4.78 -12.92 -2.85
N THR H 16 -4.55 -14.08 -3.47
CA THR H 16 -5.57 -14.73 -4.25
C THR H 16 -6.89 -14.75 -3.48
N GLY H 17 -7.97 -14.35 -4.13
CA GLY H 17 -9.27 -14.30 -3.50
C GLY H 17 -9.65 -12.98 -2.88
N GLN H 18 -8.69 -12.10 -2.63
CA GLN H 18 -8.99 -10.79 -2.04
C GLN H 18 -9.74 -9.91 -3.05
N SER H 19 -10.53 -8.97 -2.53
CA SER H 19 -11.21 -7.98 -3.36
C SER H 19 -10.39 -6.69 -3.46
N MET H 20 -10.61 -5.91 -4.52
CA MET H 20 -9.89 -4.66 -4.69
CA MET H 20 -9.97 -4.62 -4.62
C MET H 20 -10.66 -3.75 -5.65
N THR H 21 -10.72 -2.46 -5.33
CA THR H 21 -11.26 -1.45 -6.23
C THR H 21 -10.16 -0.49 -6.64
N LEU H 22 -10.02 -0.27 -7.94
CA LEU H 22 -9.17 0.78 -8.50
C LEU H 22 -10.05 1.99 -8.79
N GLN H 23 -9.62 3.17 -8.41
CA GLN H 23 -10.38 4.39 -8.64
C GLN H 23 -9.78 5.15 -9.82
N CYS H 24 -10.65 5.82 -10.58
CA CYS H 24 -10.21 6.71 -11.63
C CYS H 24 -11.16 7.89 -11.74
N ALA H 25 -10.63 9.10 -11.75
CA ALA H 25 -11.42 10.29 -11.96
C ALA H 25 -10.76 11.14 -13.03
N GLN H 26 -11.55 11.84 -13.82
CA GLN H 26 -10.99 12.78 -14.79
C GLN H 26 -11.73 14.11 -14.62
N ASP H 27 -10.98 15.21 -14.72
CA ASP H 27 -11.54 16.55 -14.58
C ASP H 27 -11.49 17.33 -15.89
N MET H 28 -11.60 16.63 -17.00
CA MET H 28 -11.49 17.24 -18.31
C MET H 28 -12.84 17.35 -19.00
N ASN H 29 -13.92 17.00 -18.28
CA ASN H 29 -15.27 16.99 -18.80
C ASN H 29 -15.41 16.04 -19.99
N HIS H 30 -14.59 14.99 -20.00
CA HIS H 30 -14.67 13.95 -21.01
C HIS H 30 -15.91 13.07 -20.82
N ASN H 31 -16.41 12.53 -21.92
CA ASN H 31 -17.59 11.65 -21.82
C ASN H 31 -17.25 10.16 -21.75
N SER H 32 -16.17 9.72 -22.37
CA SER H 32 -15.86 8.30 -22.48
C SER H 32 -14.66 7.94 -21.60
N MET H 33 -14.75 6.79 -20.91
CA MET H 33 -13.71 6.30 -20.00
C MET H 33 -13.50 4.81 -20.23
N TYR H 34 -12.30 4.35 -19.91
CA TYR H 34 -11.79 3.05 -20.36
C TYR H 34 -10.95 2.48 -19.24
N TRP H 35 -10.97 1.16 -19.06
CA TRP H 35 -9.97 0.51 -18.21
C TRP H 35 -9.22 -0.51 -19.05
N TYR H 36 -7.90 -0.40 -19.08
CA TYR H 36 -7.02 -1.26 -19.85
C TYR H 36 -6.11 -2.06 -18.92
N ARG H 37 -5.68 -3.23 -19.36
CA ARG H 37 -4.50 -3.85 -18.73
C ARG H 37 -3.36 -3.98 -19.75
N GLN H 38 -2.15 -3.81 -19.24
CA GLN H 38 -0.93 -3.88 -20.04
C GLN H 38 -0.07 -5.01 -19.50
N ASP H 39 0.28 -5.94 -20.36
CA ASP H 39 1.12 -7.06 -19.96
C ASP H 39 2.29 -7.20 -20.93
N PRO H 40 3.40 -7.78 -20.48
CA PRO H 40 4.58 -7.93 -21.36
C PRO H 40 4.25 -8.72 -22.62
N GLY H 41 4.72 -8.20 -23.75
CA GLY H 41 4.66 -8.92 -25.00
C GLY H 41 3.35 -8.82 -25.73
N MET H 42 2.42 -7.98 -25.28
CA MET H 42 1.15 -7.86 -25.98
C MET H 42 0.67 -6.42 -25.92
N GLY H 43 -0.25 -6.08 -26.82
CA GLY H 43 -0.83 -4.75 -26.80
C GLY H 43 -1.82 -4.59 -25.67
N LEU H 44 -2.11 -3.33 -25.35
CA LEU H 44 -3.15 -3.01 -24.37
C LEU H 44 -4.43 -3.77 -24.68
N ARG H 45 -5.04 -4.31 -23.63
CA ARG H 45 -6.31 -5.00 -23.79
C ARG H 45 -7.38 -4.30 -22.97
N LEU H 46 -8.49 -3.97 -23.62
CA LEU H 46 -9.58 -3.27 -22.96
C LEU H 46 -10.33 -4.24 -22.06
N ILE H 47 -10.64 -3.82 -20.83
CA ILE H 47 -11.33 -4.66 -19.86
C ILE H 47 -12.81 -4.33 -19.89
N TYR H 48 -13.15 -3.05 -19.68
CA TYR H 48 -14.51 -2.52 -19.72
C TYR H 48 -14.40 -1.07 -20.16
N TYR H 49 -15.47 -0.53 -20.75
CA TYR H 49 -15.43 0.89 -21.06
C TYR H 49 -16.80 1.49 -20.76
N SER H 50 -16.87 2.81 -20.89
CA SER H 50 -18.08 3.55 -20.56
C SER H 50 -18.17 4.66 -21.60
N ALA H 51 -19.01 4.46 -22.64
CA ALA H 51 -19.06 5.40 -23.76
C ALA H 51 -19.51 6.78 -23.30
N SER H 52 -20.34 6.83 -22.27
CA SER H 52 -20.79 8.10 -21.74
CA SER H 52 -20.91 8.08 -21.79
C SER H 52 -21.35 7.85 -20.36
N GLU H 53 -21.64 8.94 -19.65
CA GLU H 53 -22.23 8.83 -18.33
C GLU H 53 -23.47 7.96 -18.40
N GLY H 54 -23.62 7.05 -17.46
CA GLY H 54 -24.81 6.22 -17.44
C GLY H 54 -24.82 5.00 -18.34
N THR H 55 -23.71 4.62 -18.97
CA THR H 55 -23.67 3.34 -19.67
C THR H 55 -22.27 2.76 -19.57
N THR H 56 -22.18 1.43 -19.52
CA THR H 56 -20.90 0.73 -19.51
C THR H 56 -21.05 -0.55 -20.32
N ASP H 57 -19.93 -1.10 -20.79
CA ASP H 57 -20.04 -2.38 -21.48
C ASP H 57 -18.67 -3.06 -21.39
N LYS H 58 -18.71 -4.36 -21.64
CA LYS H 58 -17.50 -5.18 -21.62
C LYS H 58 -16.54 -4.81 -22.74
N GLY H 59 -15.25 -4.96 -22.46
CA GLY H 59 -14.23 -4.86 -23.49
C GLY H 59 -13.87 -6.25 -23.98
N GLU H 60 -12.57 -6.44 -24.24
CA GLU H 60 -12.06 -7.72 -24.71
C GLU H 60 -11.81 -8.75 -23.60
N VAL H 61 -11.41 -8.32 -22.40
CA VAL H 61 -11.12 -9.27 -21.31
C VAL H 61 -11.89 -8.94 -20.02
N PRO H 62 -13.22 -9.00 -20.06
CA PRO H 62 -13.99 -8.60 -18.87
C PRO H 62 -14.06 -9.61 -17.73
N ASN H 63 -13.73 -10.88 -17.94
CA ASN H 63 -13.97 -11.88 -16.90
C ASN H 63 -13.06 -11.66 -15.71
N GLY H 64 -13.63 -11.67 -14.51
CA GLY H 64 -12.93 -11.37 -13.25
C GLY H 64 -12.99 -9.92 -12.81
N TYR H 65 -13.65 -9.07 -13.59
CA TYR H 65 -13.74 -7.64 -13.34
C TYR H 65 -15.17 -7.16 -13.45
N ASN H 66 -15.47 -6.04 -12.81
CA ASN H 66 -16.68 -5.28 -13.05
CA ASN H 66 -16.65 -5.28 -13.14
C ASN H 66 -16.34 -3.80 -12.94
N VAL H 67 -17.25 -2.94 -13.41
CA VAL H 67 -16.99 -1.50 -13.35
C VAL H 67 -18.21 -0.73 -12.91
N SER H 68 -17.97 0.49 -12.43
CA SER H 68 -19.04 1.41 -12.10
CA SER H 68 -19.04 1.42 -12.11
C SER H 68 -18.69 2.79 -12.65
N ARG H 69 -19.54 3.30 -13.56
CA ARG H 69 -19.43 4.69 -13.98
C ARG H 69 -20.25 5.46 -12.96
N LEU H 70 -19.59 5.89 -11.89
CA LEU H 70 -20.30 6.50 -10.76
C LEU H 70 -21.02 7.78 -11.19
N ASN H 71 -20.38 8.57 -12.05
CA ASN H 71 -20.87 9.85 -12.52
C ASN H 71 -20.01 10.21 -13.72
N LYS H 72 -20.13 11.45 -14.20
CA LYS H 72 -19.37 11.81 -15.39
C LYS H 72 -17.86 11.75 -15.14
N ARG H 73 -17.41 11.97 -13.91
CA ARG H 73 -15.98 12.08 -13.68
C ARG H 73 -15.32 10.76 -13.31
N GLU H 74 -16.07 9.81 -12.78
CA GLU H 74 -15.46 8.68 -12.08
C GLU H 74 -15.84 7.34 -12.69
N PHE H 75 -14.83 6.48 -12.84
CA PHE H 75 -15.03 5.16 -13.45
C PHE H 75 -14.17 4.18 -12.64
N SER H 76 -14.79 3.37 -11.79
CA SER H 76 -13.97 2.51 -10.93
C SER H 76 -13.96 1.09 -11.47
N LEU H 77 -12.88 0.38 -11.16
CA LEU H 77 -12.67 -1.00 -11.61
C LEU H 77 -12.57 -1.91 -10.40
N ARG H 78 -13.35 -2.98 -10.42
CA ARG H 78 -13.47 -3.87 -9.26
C ARG H 78 -12.98 -5.25 -9.65
N LEU H 79 -12.08 -5.81 -8.82
CA LEU H 79 -11.66 -7.21 -8.84
C LEU H 79 -12.34 -7.83 -7.61
N GLU H 80 -13.43 -8.55 -7.82
CA GLU H 80 -14.11 -9.07 -6.63
C GLU H 80 -13.30 -10.16 -5.94
N SER H 81 -12.58 -11.00 -6.73
CA SER H 81 -11.86 -12.18 -6.23
C SER H 81 -10.54 -12.35 -6.98
N ALA H 82 -9.48 -11.75 -6.47
CA ALA H 82 -8.31 -11.57 -7.32
C ALA H 82 -7.65 -12.92 -7.62
N ALA H 83 -7.06 -13.00 -8.79
CA ALA H 83 -6.39 -14.22 -9.21
C ALA H 83 -5.00 -13.87 -9.73
N PRO H 84 -4.06 -14.82 -9.65
CA PRO H 84 -2.69 -14.53 -10.10
C PRO H 84 -2.60 -14.03 -11.53
N SER H 85 -3.49 -14.46 -12.43
CA SER H 85 -3.46 -13.95 -13.79
C SER H 85 -3.85 -12.48 -13.88
N GLN H 86 -4.43 -11.91 -12.83
CA GLN H 86 -4.74 -10.49 -12.83
C GLN H 86 -3.56 -9.63 -12.39
N THR H 87 -2.39 -10.23 -12.15
CA THR H 87 -1.16 -9.45 -11.97
C THR H 87 -0.89 -8.71 -13.27
N SER H 88 -0.84 -7.38 -13.22
CA SER H 88 -0.77 -6.61 -14.45
C SER H 88 -0.55 -5.16 -14.06
N VAL H 89 -0.46 -4.31 -15.06
CA VAL H 89 -0.49 -2.87 -14.86
C VAL H 89 -1.76 -2.37 -15.50
N TYR H 90 -2.59 -1.68 -14.71
CA TYR H 90 -3.91 -1.21 -15.12
C TYR H 90 -3.87 0.27 -15.43
N PHE H 91 -4.47 0.65 -16.56
CA PHE H 91 -4.51 2.05 -16.96
C PHE H 91 -5.96 2.43 -17.19
N CYS H 92 -6.38 3.51 -16.55
CA CYS H 92 -7.60 4.20 -16.88
CA CYS H 92 -7.62 4.12 -16.97
C CYS H 92 -7.33 5.23 -17.96
N ALA H 93 -8.29 5.47 -18.86
CA ALA H 93 -8.08 6.48 -19.88
C ALA H 93 -9.43 7.12 -20.18
N SER H 94 -9.38 8.29 -20.81
CA SER H 94 -10.63 8.95 -21.13
C SER H 94 -10.45 9.70 -22.43
N SER H 95 -11.56 9.97 -23.11
CA SER H 95 -11.54 10.70 -24.38
C SER H 95 -12.72 11.65 -24.39
N VAL H 96 -12.62 12.70 -25.21
CA VAL H 96 -13.68 13.71 -25.20
C VAL H 96 -15.05 13.08 -25.45
N TRP H 97 -15.15 12.21 -26.45
N TRP H 97 -15.16 12.26 -26.50
CA TRP H 97 -16.34 11.34 -26.49
CA TRP H 97 -16.41 11.55 -26.82
C TRP H 97 -16.01 10.14 -27.37
C TRP H 97 -16.08 10.09 -27.16
N THR H 98 -17.05 9.41 -27.79
CA THR H 98 -16.84 8.20 -28.59
C THR H 98 -16.98 8.48 -30.08
N GLY H 99 -17.72 9.52 -30.43
CA GLY H 99 -17.95 9.84 -31.81
C GLY H 99 -16.82 10.55 -32.49
N GLU H 100 -15.86 11.09 -31.72
CA GLU H 100 -14.69 11.73 -32.29
C GLU H 100 -13.78 10.65 -32.82
N GLY H 101 -13.90 10.34 -34.12
CA GLY H 101 -13.06 9.31 -34.69
C GLY H 101 -11.60 9.59 -34.52
N SER H 102 -11.19 10.85 -34.61
CA SER H 102 -9.78 11.15 -34.49
C SER H 102 -9.33 11.39 -33.06
N GLY H 103 -10.26 11.35 -32.10
CA GLY H 103 -9.91 11.80 -30.75
C GLY H 103 -8.96 10.86 -30.03
N GLU H 104 -7.98 11.43 -29.36
CA GLU H 104 -7.00 10.63 -28.66
C GLU H 104 -7.43 10.29 -27.23
N LEU H 105 -6.74 9.31 -26.66
CA LEU H 105 -6.91 8.92 -25.28
C LEU H 105 -5.95 9.69 -24.37
N PHE H 106 -6.43 10.01 -23.19
CA PHE H 106 -5.63 10.59 -22.12
C PHE H 106 -5.54 9.54 -21.03
N PHE H 107 -4.33 9.18 -20.63
CA PHE H 107 -4.11 8.06 -19.74
C PHE H 107 -3.79 8.53 -18.32
N GLY H 108 -4.25 7.74 -17.34
CA GLY H 108 -3.80 7.87 -15.97
C GLY H 108 -2.41 7.25 -15.77
N GLU H 109 -1.89 7.38 -14.54
CA GLU H 109 -0.50 7.03 -14.34
C GLU H 109 -0.24 5.53 -14.22
N GLY H 110 -1.28 4.72 -14.16
CA GLY H 110 -1.13 3.28 -14.06
C GLY H 110 -1.25 2.81 -12.63
N SER H 111 -1.70 1.57 -12.47
CA SER H 111 -1.76 0.91 -11.15
C SER H 111 -1.15 -0.47 -11.29
N ARG H 112 -0.07 -0.74 -10.56
CA ARG H 112 0.60 -2.03 -10.69
C ARG H 112 0.08 -2.97 -9.62
N LEU H 113 -0.59 -4.04 -10.05
CA LEU H 113 -1.14 -5.05 -9.15
C LEU H 113 -0.35 -6.34 -9.24
N THR H 114 -0.01 -6.92 -8.09
CA THR H 114 0.57 -8.26 -8.04
C THR H 114 -0.32 -9.10 -7.14
N VAL H 115 -0.81 -10.22 -7.65
CA VAL H 115 -1.69 -11.11 -6.92
C VAL H 115 -0.90 -12.38 -6.64
N LEU H 116 -0.80 -12.75 -5.36
CA LEU H 116 0.00 -13.86 -4.87
C LEU H 116 -0.84 -14.91 -4.15
N GLU H 117 -0.48 -16.17 -4.34
CA GLU H 117 -1.14 -17.25 -3.60
C GLU H 117 -0.93 -17.09 -2.10
N ASP H 118 0.25 -16.63 -1.69
CA ASP H 118 0.62 -16.49 -0.28
CA ASP H 118 0.45 -16.34 -0.28
C ASP H 118 1.48 -15.25 -0.13
N LEU H 119 1.33 -14.49 0.95
CA LEU H 119 2.16 -13.30 1.10
C LEU H 119 3.54 -13.60 1.71
N LYS H 120 3.88 -14.86 1.96
CA LYS H 120 5.17 -15.17 2.56
C LYS H 120 6.36 -14.88 1.65
N ASN H 121 6.12 -14.51 0.40
CA ASN H 121 7.17 -14.13 -0.55
C ASN H 121 7.43 -12.63 -0.58
N VAL H 122 6.70 -11.84 0.19
CA VAL H 122 6.83 -10.38 0.14
C VAL H 122 7.97 -9.97 1.08
N PHE H 123 8.93 -9.21 0.54
CA PHE H 123 10.09 -8.70 1.31
C PHE H 123 10.36 -7.25 0.95
N PRO H 124 10.66 -6.42 1.93
CA PRO H 124 11.18 -5.07 1.63
C PRO H 124 12.62 -5.14 1.15
N PRO H 125 13.13 -4.08 0.52
CA PRO H 125 14.54 -4.06 0.13
C PRO H 125 15.46 -3.85 1.32
N GLU H 126 16.64 -4.44 1.24
CA GLU H 126 17.79 -4.01 2.03
C GLU H 126 18.48 -2.92 1.20
N VAL H 127 18.81 -1.79 1.81
CA VAL H 127 19.37 -0.67 1.06
C VAL H 127 20.74 -0.34 1.60
N ALA H 128 21.73 -0.20 0.72
CA ALA H 128 23.08 0.15 1.15
C ALA H 128 23.68 1.14 0.16
N VAL H 129 24.53 2.04 0.66
CA VAL H 129 25.19 3.05 -0.16
CA VAL H 129 25.18 3.01 -0.19
C VAL H 129 26.68 2.81 -0.09
N PHE H 130 27.35 2.88 -1.23
CA PHE H 130 28.78 2.62 -1.34
C PHE H 130 29.46 3.90 -1.84
N GLU H 131 30.47 4.37 -1.08
CA GLU H 131 31.10 5.65 -1.35
C GLU H 131 32.08 5.55 -2.52
N PRO H 132 32.36 6.67 -3.17
CA PRO H 132 33.18 6.65 -4.39
C PRO H 132 34.59 6.13 -4.16
N SER H 133 35.08 5.50 -5.20
CA SER H 133 36.47 5.08 -5.30
C SER H 133 37.42 6.29 -5.37
N GLU H 134 38.46 6.28 -4.53
CA GLU H 134 39.48 7.32 -4.63
C GLU H 134 40.21 7.30 -5.97
N ALA H 135 40.37 6.13 -6.57
CA ALA H 135 41.00 6.06 -7.90
C ALA H 135 40.16 6.79 -8.94
N GLU H 136 38.83 6.63 -8.88
CA GLU H 136 37.96 7.37 -9.79
C GLU H 136 38.14 8.87 -9.61
N ILE H 137 38.18 9.32 -8.37
CA ILE H 137 38.27 10.75 -8.08
C ILE H 137 39.55 11.31 -8.68
N SER H 138 40.69 10.61 -8.50
CA SER H 138 41.94 11.14 -9.01
C SER H 138 42.09 10.94 -10.51
N HIS H 139 41.41 9.96 -11.10
CA HIS H 139 41.55 9.74 -12.55
C HIS H 139 40.63 10.63 -13.37
N THR H 140 39.46 10.99 -12.82
CA THR H 140 38.40 11.63 -13.57
C THR H 140 37.93 12.95 -12.96
N GLN H 141 38.30 13.24 -11.72
CA GLN H 141 37.79 14.41 -11.00
C GLN H 141 36.28 14.35 -10.85
N LYS H 142 35.72 13.15 -10.86
CA LYS H 142 34.32 12.94 -10.56
C LYS H 142 34.21 11.83 -9.51
N ALA H 143 33.03 11.69 -8.94
CA ALA H 143 32.85 10.75 -7.82
C ALA H 143 31.49 10.08 -7.96
N THR H 144 31.47 8.75 -8.12
CA THR H 144 30.21 8.02 -8.30
C THR H 144 29.86 7.28 -7.02
N LEU H 145 28.74 7.63 -6.40
CA LEU H 145 28.13 6.84 -5.35
C LEU H 145 27.22 5.79 -5.96
N VAL H 146 27.15 4.61 -5.31
CA VAL H 146 26.23 3.56 -5.72
C VAL H 146 25.28 3.22 -4.59
N CYS H 147 24.00 3.09 -4.94
CA CYS H 147 22.97 2.57 -4.03
C CYS H 147 22.51 1.21 -4.52
N LEU H 148 22.51 0.23 -3.63
CA LEU H 148 21.96 -1.10 -3.93
C LEU H 148 20.71 -1.36 -3.09
N ALA H 149 19.63 -1.73 -3.77
CA ALA H 149 18.38 -2.13 -3.12
C ALA H 149 18.15 -3.58 -3.49
N THR H 150 18.24 -4.48 -2.51
CA THR H 150 18.35 -5.90 -2.83
C THR H 150 17.35 -6.71 -2.01
N GLY H 151 16.99 -7.88 -2.56
CA GLY H 151 16.13 -8.85 -1.89
C GLY H 151 14.65 -8.51 -1.78
N PHE H 152 14.13 -7.57 -2.58
CA PHE H 152 12.76 -7.16 -2.38
C PHE H 152 11.83 -7.93 -3.30
N TYR H 153 10.57 -8.05 -2.88
CA TYR H 153 9.54 -8.71 -3.70
C TYR H 153 8.19 -8.28 -3.18
N PRO H 154 7.22 -7.99 -4.05
CA PRO H 154 7.35 -7.90 -5.52
C PRO H 154 8.07 -6.62 -5.95
N ASP H 155 8.16 -6.36 -7.26
CA ASP H 155 8.88 -5.20 -7.79
C ASP H 155 7.97 -3.97 -7.70
N HIS H 156 7.73 -3.54 -6.46
CA HIS H 156 6.93 -2.35 -6.16
C HIS H 156 7.78 -1.37 -5.36
N VAL H 157 8.77 -0.73 -6.00
CA VAL H 157 9.68 0.17 -5.31
C VAL H 157 9.86 1.47 -6.11
N GLU H 158 10.27 2.51 -5.39
CA GLU H 158 10.64 3.82 -5.95
C GLU H 158 11.93 4.27 -5.27
N LEU H 159 13.03 4.34 -6.02
CA LEU H 159 14.32 4.73 -5.48
C LEU H 159 14.56 6.20 -5.77
N SER H 160 15.05 6.94 -4.77
CA SER H 160 15.39 8.34 -5.02
C SER H 160 16.64 8.72 -4.25
N TRP H 161 17.38 9.71 -4.77
CA TRP H 161 18.55 10.26 -4.11
C TRP H 161 18.21 11.62 -3.53
N TRP H 162 18.79 11.89 -2.37
CA TRP H 162 18.56 13.11 -1.61
C TRP H 162 19.90 13.70 -1.25
N VAL H 163 20.14 14.92 -1.71
CA VAL H 163 21.38 15.60 -1.41
C VAL H 163 21.04 16.83 -0.58
N ASN H 164 21.63 16.89 0.61
CA ASN H 164 21.34 17.94 1.56
C ASN H 164 19.83 18.10 1.79
N GLY H 165 19.15 16.96 1.94
CA GLY H 165 17.74 16.98 2.24
C GLY H 165 16.80 17.35 1.12
N LYS H 166 17.28 17.44 -0.11
CA LYS H 166 16.43 17.71 -1.26
C LYS H 166 16.63 16.64 -2.31
N GLU H 167 15.56 16.22 -2.96
CA GLU H 167 15.68 15.15 -3.95
C GLU H 167 16.40 15.69 -5.18
N VAL H 168 17.32 14.89 -5.74
CA VAL H 168 18.02 15.29 -6.95
C VAL H 168 17.76 14.26 -8.04
N HIS H 169 17.92 14.72 -9.28
CA HIS H 169 17.78 13.89 -10.48
CA HIS H 169 17.83 13.85 -10.44
C HIS H 169 18.96 14.04 -11.41
N SER H 170 19.59 15.21 -11.44
CA SER H 170 20.76 15.39 -12.28
C SER H 170 21.89 14.52 -11.77
N GLY H 171 22.58 13.85 -12.69
CA GLY H 171 23.67 13.01 -12.27
C GLY H 171 23.25 11.65 -11.74
N VAL H 172 21.97 11.30 -11.84
CA VAL H 172 21.44 10.04 -11.34
C VAL H 172 21.12 9.11 -12.51
N CYS H 173 21.46 7.83 -12.38
CA CYS H 173 20.88 6.81 -13.27
CA CYS H 173 20.78 6.87 -13.23
C CYS H 173 20.52 5.59 -12.44
N THR H 174 19.26 5.20 -12.45
CA THR H 174 18.72 4.03 -11.78
C THR H 174 18.32 3.01 -12.83
N ASP H 175 18.65 1.74 -12.59
CA ASP H 175 18.33 0.72 -13.58
C ASP H 175 16.85 0.80 -13.96
N PRO H 176 16.51 0.81 -15.25
CA PRO H 176 15.09 0.85 -15.63
C PRO H 176 14.34 -0.42 -15.27
N GLN H 177 15.02 -1.57 -15.24
CA GLN H 177 14.45 -2.85 -14.87
CA GLN H 177 14.45 -2.84 -14.87
C GLN H 177 15.24 -3.45 -13.72
N PRO H 178 14.59 -4.08 -12.75
CA PRO H 178 15.33 -4.75 -11.68
C PRO H 178 15.95 -6.05 -12.19
N LEU H 179 16.93 -6.52 -11.44
CA LEU H 179 17.57 -7.78 -11.70
C LEU H 179 16.84 -8.84 -10.89
N LYS H 180 16.54 -9.99 -11.52
CA LYS H 180 16.07 -11.14 -10.74
C LYS H 180 17.28 -11.79 -10.08
N GLU H 181 17.28 -11.84 -8.76
CA GLU H 181 18.43 -12.40 -8.04
C GLU H 181 18.61 -13.86 -8.36
N GLN H 182 17.53 -14.59 -8.64
CA GLN H 182 17.60 -15.97 -9.11
C GLN H 182 16.79 -16.05 -10.40
N PRO H 183 17.43 -15.81 -11.54
CA PRO H 183 16.68 -15.70 -12.81
C PRO H 183 15.75 -16.87 -13.11
N ALA H 184 16.05 -18.06 -12.59
CA ALA H 184 15.27 -19.24 -12.93
C ALA H 184 13.99 -19.39 -12.12
N LEU H 185 13.83 -18.67 -11.01
CA LEU H 185 12.64 -18.81 -10.18
C LEU H 185 11.55 -17.82 -10.57
N ASN H 186 10.30 -18.31 -10.64
CA ASN H 186 9.20 -17.44 -11.03
C ASN H 186 8.94 -16.34 -10.00
N ASP H 187 9.22 -16.61 -8.72
CA ASP H 187 9.00 -15.65 -7.64
C ASP H 187 10.29 -15.05 -7.10
N SER H 188 11.38 -15.11 -7.87
CA SER H 188 12.67 -14.59 -7.43
C SER H 188 12.53 -13.22 -6.80
N ARG H 189 13.29 -12.97 -5.73
CA ARG H 189 13.37 -11.60 -5.24
C ARG H 189 14.24 -10.77 -6.19
N TYR H 190 14.17 -9.45 -6.03
CA TYR H 190 14.75 -8.53 -7.01
C TYR H 190 15.90 -7.73 -6.43
N ALA H 191 16.76 -7.23 -7.34
CA ALA H 191 17.79 -6.26 -6.99
C ALA H 191 17.72 -5.07 -7.95
N LEU H 192 18.06 -3.91 -7.44
CA LEU H 192 18.03 -2.66 -8.19
C LEU H 192 19.25 -1.84 -7.82
N SER H 193 19.96 -1.29 -8.81
CA SER H 193 21.11 -0.44 -8.51
C SER H 193 20.86 0.96 -9.05
N SER H 194 21.49 1.93 -8.41
CA SER H 194 21.42 3.30 -8.87
C SER H 194 22.76 3.96 -8.62
N ARG H 195 23.10 4.94 -9.46
CA ARG H 195 24.33 5.71 -9.34
C ARG H 195 23.98 7.18 -9.22
N LEU H 196 24.76 7.90 -8.44
CA LEU H 196 24.73 9.35 -8.40
C LEU H 196 26.17 9.82 -8.58
N ARG H 197 26.42 10.64 -9.60
CA ARG H 197 27.78 11.08 -9.85
C ARG H 197 27.84 12.58 -9.69
N VAL H 198 28.85 13.04 -8.95
CA VAL H 198 29.05 14.45 -8.65
C VAL H 198 30.49 14.76 -8.98
N SER H 199 30.81 16.06 -9.01
CA SER H 199 32.21 16.46 -9.15
C SER H 199 32.99 16.08 -7.90
N ALA H 200 34.29 15.86 -8.07
CA ALA H 200 35.13 15.59 -6.90
C ALA H 200 35.11 16.74 -5.89
N THR H 201 35.05 17.99 -6.38
CA THR H 201 34.93 19.13 -5.46
CA THR H 201 34.93 19.13 -5.46
C THR H 201 33.68 19.03 -4.59
N PHE H 202 32.55 18.63 -5.17
CA PHE H 202 31.32 18.49 -4.40
C PHE H 202 31.42 17.35 -3.40
N TRP H 203 32.02 16.24 -3.79
CA TRP H 203 32.15 15.11 -2.87
C TRP H 203 33.11 15.43 -1.74
N GLN H 204 34.09 16.30 -1.98
CA GLN H 204 35.16 16.57 -1.03
C GLN H 204 34.81 17.65 0.01
N ASN H 205 33.61 18.26 -0.07
CA ASN H 205 33.08 19.13 0.96
C ASN H 205 32.48 18.28 2.07
N PRO H 206 33.06 18.27 3.27
CA PRO H 206 32.60 17.34 4.32
C PRO H 206 31.20 17.63 4.84
N ARG H 207 30.59 18.75 4.51
CA ARG H 207 29.26 19.06 4.98
CA ARG H 207 29.24 18.99 5.00
C ARG H 207 28.16 18.66 3.98
N ASN H 208 28.51 18.13 2.80
CA ASN H 208 27.48 17.61 1.88
C ASN H 208 27.01 16.22 2.33
N HIS H 209 25.69 16.00 2.30
CA HIS H 209 25.04 14.80 2.81
C HIS H 209 24.31 14.07 1.68
N PHE H 210 24.53 12.75 1.57
CA PHE H 210 23.98 11.94 0.49
C PHE H 210 23.09 10.87 1.06
N ARG H 211 21.89 10.71 0.52
CA ARG H 211 21.01 9.66 1.00
C ARG H 211 20.32 8.99 -0.17
N CYS H 212 20.31 7.67 -0.19
CA CYS H 212 19.49 6.89 -1.10
CA CYS H 212 19.42 6.99 -1.12
C CYS H 212 18.28 6.37 -0.34
N GLN H 213 17.09 6.55 -0.88
CA GLN H 213 15.86 6.20 -0.21
C GLN H 213 15.06 5.31 -1.12
N VAL H 214 14.51 4.22 -0.60
CA VAL H 214 13.64 3.36 -1.38
C VAL H 214 12.29 3.24 -0.67
N GLN H 215 11.24 3.74 -1.33
CA GLN H 215 9.88 3.50 -0.89
C GLN H 215 9.44 2.12 -1.38
N PHE H 216 9.04 1.25 -0.47
CA PHE H 216 8.54 -0.07 -0.79
C PHE H 216 7.03 -0.09 -0.52
N TYR H 217 6.24 -0.59 -1.51
CA TYR H 217 4.80 -0.75 -1.34
C TYR H 217 4.53 -2.22 -1.04
N GLY H 218 4.05 -2.48 0.17
CA GLY H 218 3.91 -3.85 0.62
C GLY H 218 2.58 -4.04 1.30
N LEU H 219 2.59 -4.60 2.49
CA LEU H 219 1.37 -4.99 3.15
C LEU H 219 0.78 -3.83 3.95
N SER H 220 -0.50 -3.94 4.27
CA SER H 220 -1.15 -2.96 5.12
C SER H 220 -1.74 -3.65 6.35
N GLU H 221 -2.42 -2.86 7.19
CA GLU H 221 -2.85 -3.34 8.51
C GLU H 221 -3.75 -4.56 8.38
N ASN H 222 -4.63 -4.57 7.37
CA ASN H 222 -5.63 -5.62 7.26
C ASN H 222 -5.10 -6.89 6.61
N ASP H 223 -3.94 -6.85 5.96
CA ASP H 223 -3.33 -8.07 5.46
C ASP H 223 -2.95 -8.98 6.62
N GLU H 224 -3.26 -10.27 6.49
CA GLU H 224 -2.91 -11.22 7.54
C GLU H 224 -1.44 -11.60 7.45
N TRP H 225 -0.78 -11.66 8.61
CA TRP H 225 0.62 -12.06 8.63
C TRP H 225 0.80 -13.15 9.66
N THR H 226 1.49 -14.23 9.27
CA THR H 226 1.69 -15.40 10.12
C THR H 226 3.13 -15.88 10.14
N GLN H 227 4.05 -15.20 9.46
CA GLN H 227 5.43 -15.66 9.42
C GLN H 227 6.18 -15.17 10.65
N ASP H 228 7.35 -15.79 10.86
CA ASP H 228 8.19 -15.48 12.01
C ASP H 228 8.90 -14.16 11.84
N ARG H 229 9.18 -13.77 10.60
CA ARG H 229 9.87 -12.52 10.36
C ARG H 229 8.89 -11.36 10.47
N ALA H 230 9.43 -10.15 10.37
CA ALA H 230 8.64 -8.95 10.53
C ALA H 230 7.66 -8.81 9.37
N LYS H 231 6.48 -8.31 9.66
CA LYS H 231 5.47 -8.14 8.60
C LYS H 231 5.99 -7.13 7.58
N PRO H 232 6.06 -7.47 6.26
CA PRO H 232 6.64 -6.57 5.21
C PRO H 232 5.66 -5.50 4.74
N VAL H 233 5.41 -4.54 5.64
CA VAL H 233 4.51 -3.44 5.38
C VAL H 233 5.16 -2.42 4.45
N THR H 234 4.31 -1.61 3.83
CA THR H 234 4.77 -0.41 3.12
C THR H 234 5.68 0.43 4.02
N GLN H 235 6.84 0.82 3.48
CA GLN H 235 7.84 1.43 4.33
C GLN H 235 8.93 2.03 3.45
N ILE H 236 9.69 2.94 4.05
CA ILE H 236 10.83 3.58 3.41
C ILE H 236 12.10 3.04 4.07
N VAL H 237 13.03 2.56 3.25
CA VAL H 237 14.33 2.05 3.67
C VAL H 237 15.40 2.95 3.04
N SER H 238 16.35 3.44 3.84
CA SER H 238 17.35 4.36 3.30
CA SER H 238 17.34 4.37 3.30
C SER H 238 18.73 4.03 3.82
N ALA H 239 19.72 4.66 3.18
CA ALA H 239 21.10 4.56 3.63
C ALA H 239 21.78 5.85 3.22
N GLU H 240 22.84 6.22 3.92
CA GLU H 240 23.38 7.56 3.74
C GLU H 240 24.90 7.55 3.67
N ALA H 241 25.43 8.67 3.17
CA ALA H 241 26.87 8.94 3.23
C ALA H 241 27.09 10.44 3.36
N TRP H 242 28.23 10.81 3.95
CA TRP H 242 28.68 12.19 4.02
C TRP H 242 29.89 12.39 3.10
N GLY H 243 30.00 13.61 2.58
CA GLY H 243 31.17 14.02 1.84
C GLY H 243 32.42 13.76 2.64
N ARG H 244 33.53 13.51 1.97
CA ARG H 244 34.75 13.13 2.68
C ARG H 244 35.85 14.08 2.24
N ALA H 245 36.43 14.80 3.20
CA ALA H 245 37.55 15.71 2.86
C ALA H 245 38.81 14.92 2.51
C1 TKG I . -20.22 8.18 -38.53
C2 TKG I . -21.71 6.22 -38.18
O2 TKG I . -24.93 7.28 -37.18
C3 TKG I . -22.93 4.31 -37.77
C4 TKG I . -24.03 2.36 -37.35
C5 TKG I . -25.13 3.08 -36.90
C6 TKG I . -26.34 2.42 -36.27
N TKG I . -20.51 6.85 -38.52
C TKG I . -18.83 8.55 -38.99
O TKG I . -21.03 9.04 -38.15
C8 TKG I . -24.06 5.05 -37.38
C9 TKG I . -24.00 6.52 -37.45
N1 TKG I . -21.74 4.91 -38.15
N2 TKG I . -22.92 2.96 -37.79
N3 TKG I . -25.16 4.42 -36.95
N4 TKG I . -22.78 7.01 -37.86
C1 GOL J . -27.29 35.46 -39.40
O1 GOL J . -26.76 35.17 -38.15
C2 GOL J . -27.89 36.93 -39.39
O2 GOL J . -26.94 37.92 -38.96
C3 GOL J . -29.21 36.84 -38.49
O3 GOL J . -29.88 38.10 -38.50
C1 GOL K . -26.80 -2.91 -21.91
O1 GOL K . -27.94 -2.17 -21.48
C2 GOL K . -25.61 -2.56 -20.92
O2 GOL K . -25.18 -1.24 -21.02
C3 GOL K . -24.46 -3.57 -21.22
O3 GOL K . -23.54 -3.52 -20.12
CL CL L . -19.11 29.20 -44.67
C1 TKG M . 17.59 -0.22 24.24
C2 TKG M . 17.67 1.76 25.68
O2 TKG M . 21.00 2.46 26.59
C3 TKG M . 17.57 3.50 27.18
C4 TKG M . 17.33 5.22 28.62
C5 TKG M . 18.70 5.21 28.85
C6 TKG M . 19.32 6.05 29.95
N TKG M . 17.03 0.85 24.88
C TKG M . 16.66 -1.02 23.37
O TKG M . 18.77 -0.54 24.42
C8 TKG M . 18.98 3.51 27.34
C9 TKG M . 19.78 2.55 26.56
N1 TKG M . 16.92 2.61 26.36
N2 TKG M . 16.74 4.37 27.78
N3 TKG M . 19.52 4.39 28.19
N4 TKG M . 19.02 1.73 25.76
C1 GOL N . 42.26 24.83 14.50
O1 GOL N . 43.58 25.19 14.91
C2 GOL N . 41.62 26.13 13.96
O2 GOL N . 41.95 27.21 14.77
C3 GOL N . 40.12 25.86 13.91
O3 GOL N . 39.82 25.29 12.67
C1 GOL O . 47.01 18.23 15.86
O1 GOL O . 45.64 18.26 16.19
C2 GOL O . 47.71 17.89 17.16
O2 GOL O . 48.61 16.81 17.02
C3 GOL O . 48.36 19.23 17.54
O3 GOL O . 47.50 20.24 17.02
#